data_3ZZ8
# 
_entry.id   3ZZ8 
# 
_audit_conform.dict_name       mmcif_pdbx.dic 
_audit_conform.dict_version    5.397 
_audit_conform.dict_location   http://mmcif.pdb.org/dictionaries/ascii/mmcif_pdbx.dic 
# 
loop_
_database_2.database_id 
_database_2.database_code 
_database_2.pdbx_database_accession 
_database_2.pdbx_DOI 
PDB   3ZZ8         pdb_00003zz8 10.2210/pdb3zz8/pdb 
PDBE  EBI-49403    ?            ?                   
WWPDB D_1290049403 ?            ?                   
# 
loop_
_pdbx_audit_revision_history.ordinal 
_pdbx_audit_revision_history.data_content_type 
_pdbx_audit_revision_history.major_revision 
_pdbx_audit_revision_history.minor_revision 
_pdbx_audit_revision_history.revision_date 
1 'Structure model' 1 0 2012-09-19 
2 'Structure model' 1 1 2019-05-08 
3 'Structure model' 1 2 2024-05-01 
4 'Structure model' 1 3 2024-10-09 
# 
_pdbx_audit_revision_details.ordinal             1 
_pdbx_audit_revision_details.revision_ordinal    1 
_pdbx_audit_revision_details.data_content_type   'Structure model' 
_pdbx_audit_revision_details.provider            repository 
_pdbx_audit_revision_details.type                'Initial release' 
_pdbx_audit_revision_details.description         ? 
_pdbx_audit_revision_details.details             ? 
# 
loop_
_pdbx_audit_revision_group.ordinal 
_pdbx_audit_revision_group.revision_ordinal 
_pdbx_audit_revision_group.data_content_type 
_pdbx_audit_revision_group.group 
1  2 'Structure model' 'Data collection'          
2  2 'Structure model' 'Derived calculations'     
3  2 'Structure model' 'Experimental preparation' 
4  2 'Structure model' Other                      
5  3 'Structure model' 'Data collection'          
6  3 'Structure model' 'Database references'      
7  3 'Structure model' 'Derived calculations'     
8  3 'Structure model' Other                      
9  3 'Structure model' 'Refinement description'   
10 4 'Structure model' 'Structure summary'        
# 
loop_
_pdbx_audit_revision_category.ordinal 
_pdbx_audit_revision_category.revision_ordinal 
_pdbx_audit_revision_category.data_content_type 
_pdbx_audit_revision_category.category 
1  2 'Structure model' exptl_crystal_grow            
2  2 'Structure model' pdbx_database_proc            
3  2 'Structure model' pdbx_database_status          
4  2 'Structure model' struct_conn                   
5  3 'Structure model' chem_comp_atom                
6  3 'Structure model' chem_comp_bond                
7  3 'Structure model' database_2                    
8  3 'Structure model' pdbx_database_status          
9  3 'Structure model' pdbx_initial_refinement_model 
10 3 'Structure model' struct_site                   
11 4 'Structure model' pdbx_entry_details            
12 4 'Structure model' pdbx_modification_feature     
# 
loop_
_pdbx_audit_revision_item.ordinal 
_pdbx_audit_revision_item.revision_ordinal 
_pdbx_audit_revision_item.data_content_type 
_pdbx_audit_revision_item.item 
1 2 'Structure model' '_exptl_crystal_grow.method'                  
2 2 'Structure model' '_pdbx_database_status.recvd_author_approval' 
3 2 'Structure model' '_struct_conn.pdbx_leaving_atom_flag'         
4 3 'Structure model' '_database_2.pdbx_DOI'                        
5 3 'Structure model' '_database_2.pdbx_database_accession'         
6 3 'Structure model' '_pdbx_database_status.status_code_sf'        
7 3 'Structure model' '_struct_site.pdbx_auth_asym_id'              
8 3 'Structure model' '_struct_site.pdbx_auth_comp_id'              
9 3 'Structure model' '_struct_site.pdbx_auth_seq_id'               
# 
_pdbx_database_status.status_code                     REL 
_pdbx_database_status.entry_id                        3ZZ8 
_pdbx_database_status.deposit_site                    PDBE 
_pdbx_database_status.process_site                    PDBE 
_pdbx_database_status.SG_entry                        . 
_pdbx_database_status.recvd_initial_deposition_date   2011-08-31 
_pdbx_database_status.pdb_format_compatible           Y 
_pdbx_database_status.status_code_sf                  REL 
_pdbx_database_status.status_code_mr                  ? 
_pdbx_database_status.status_code_cs                  ? 
_pdbx_database_status.methods_development_category    ? 
_pdbx_database_status.status_code_nmr_data            ? 
# 
loop_
_pdbx_database_related.db_name 
_pdbx_database_related.db_id 
_pdbx_database_related.content_type 
_pdbx_database_related.details 
PDB 3ZYE unspecified 'CRYSTAL STRUCTURE OF 3C PROTEASE MUTANT (T68A) OF COXSACKIEVIRUS B3' 
PDB 3ZYD unspecified 'CRYSTAL STRUCTURE OF 3C PROTEASE OF COXSACKIEVIRUS B3' 
PDB 3ZZB unspecified 
'CRYSTAL STRUCTURE OF 3C PROTEASE OF COXSACKIEVIRUS B3 COMPLEXED WITH ALPHA, BETA-UNSATURATED ETHYL ESTER INHIBITOR 85' 
PDB 3ZZ6 unspecified 'CRYSTAL STRUCTURE OF 3C PROTEASE OF COXSACKIEVIRUS B3 COMPLEXED WITH MICHAEL RECEPTOR INHIBITOR 75' 
PDB 3ZZC unspecified 
;CRYSTAL STRUCTURE OF 3C PROTEASE MUTANT (T68A AND N126Y) OF COXSACKIEVIRUS B3 COMPLEXED WITH ALPHA, BETA- UNSATURATED ETHYL ESTER INHIBITOR 83
;
PDB 3ZZD unspecified 
;CRYSTAL STRUCTURE OF 3C PROTEASE MUTANT (T68A AND N126Y) OF COXSACKIEVIRUS B3 COMPLEXED WITH ALPHA, BETA- UNSATURATED ETHYL ESTER INHIBITOR 85
;
PDB 3ZZ7 unspecified 
'CRYSTAL STRUCTURE OF 3C PROTEASE OF COXSACKIEVIRUS B3 COMPLEXED WITH ALPHA, BETA-UNSATURATED ETHYL ESTER INHIBITOR 81' 
PDB 3ZZ9 unspecified 
'CRYSTAL STRUCTURE OF 3C PROTEASE OF COXSACKIEVIRUS B3 COMPLEXED WITH ALPHA, BETA-UNSATURATED ETHYL ESTER INHIBITOR 83' 
PDB 3ZZ3 unspecified 'CRYSTAL STRUCTURE OF 3C PROTEASE MUTANT (N126Y) OF COXSACKIEVIRUS B3' 
PDB 3ZZ5 unspecified 
'CRYSTAL STRUCTURE OF 3C PROTEASE OF COXSACKIEVIRUS B3 COMPLEXED WITH ALPHA, BETA-UNSATURATED ETHYL ESTER INHIBITOR 74' 
PDB 3ZZ4 unspecified 'CRYSTAL STRUCTURE OF 3C PROTEASE MUTANT (T68A AND N126Y) OF COXSACKIEVIRUS B3' 
PDB 3ZZA unspecified 
'CRYSTAL STRUCTURE OF 3C PROTEASE OF COXSACKIEVIRUS B3 COMPLEXED WITH ALPHA, BETA-UNSATURATED ETHYL ESTER INHIBITOR 84' 
# 
loop_
_audit_author.name 
_audit_author.pdbx_ordinal 
'Tan, J.'        1 
'Anand, K.'      2 
'Mesters, J.R.'  3 
'Hilgenfeld, R.' 4 
# 
_citation.id                        primary 
_citation.title                     
;Peptidic Alpha, Beta-Unsaturated Ethyl Esters as Inhibitors of the 3C Protease of Coxsackie Virus B3: Crystal Structures, Antiviral Activities, and Resistance Mutations
;
_citation.journal_abbrev            'To be Published' 
_citation.journal_volume            ? 
_citation.page_first                ? 
_citation.page_last                 ? 
_citation.year                      ? 
_citation.journal_id_ASTM           ? 
_citation.country                   ? 
_citation.journal_id_ISSN           ? 
_citation.journal_id_CSD            0353 
_citation.book_publisher            ? 
_citation.pdbx_database_id_PubMed   ? 
_citation.pdbx_database_id_DOI      ? 
# 
loop_
_citation_author.citation_id 
_citation_author.name 
_citation_author.ordinal 
_citation_author.identifier_ORCID 
primary 'Tan, J.'        1 ? 
primary 'Anand, K.'      2 ? 
primary 'Mesters, J.R.'  3 ? 
primary 'Hilgenfeld, R.' 4 ? 
# 
loop_
_entity.id 
_entity.type 
_entity.src_method 
_entity.pdbx_description 
_entity.formula_weight 
_entity.pdbx_number_of_molecules 
_entity.pdbx_ec 
_entity.pdbx_mutation 
_entity.pdbx_fragment 
_entity.details 
1 polymer     man '3C PROTEINASE' 20429.488 1  3.4.22.28 ? ? ? 
2 non-polymer syn 
;ETHYL (5S,8S,11R)-8-BENZYL-5-(3-TERT-BUTOXY-3-OXOPROPYL)-3,6,9-TRIOXO-11-{[(3S)-2-OXOPYRROLIDIN-3-YL]METHYL}-1-PHENYL-2-OXA-4,7,10-TRIAZATETRADECAN-14-OATE
;
694.814   1  ?         ? ? ? 
3 water       nat water 18.015    52 ?         ? ? ? 
# 
_entity_name_com.entity_id   1 
_entity_name_com.name        'POLYPROTEIN 3BCD' 
# 
_entity_poly.entity_id                      1 
_entity_poly.type                           'polypeptide(L)' 
_entity_poly.nstd_linkage                   no 
_entity_poly.nstd_monomer                   no 
_entity_poly.pdbx_seq_one_letter_code       
;MGPAFEFAVAMMKRNSSTVKTEYGEFTMLGIYDRWAVLPRHAKPGPTILMNDQEVGVLDAKELVDKDGTNLELTLLKLNR
NEKFRDIRGFLAKEEVEVNEAVLAINTSKFPNMYIPVGQVTEYGFLNLGGTPTKRMLMYNFPTRAGQCGGVLMSTGKVLG
IHVGGNGHQGFSAALLKHYFNDEQ
;
_entity_poly.pdbx_seq_one_letter_code_can   
;MGPAFEFAVAMMKRNSSTVKTEYGEFTMLGIYDRWAVLPRHAKPGPTILMNDQEVGVLDAKELVDKDGTNLELTLLKLNR
NEKFRDIRGFLAKEEVEVNEAVLAINTSKFPNMYIPVGQVTEYGFLNLGGTPTKRMLMYNFPTRAGQCGGVLMSTGKVLG
IHVGGNGHQGFSAALLKHYFNDEQ
;
_entity_poly.pdbx_strand_id                 A 
_entity_poly.pdbx_target_identifier         ? 
# 
loop_
_pdbx_entity_nonpoly.entity_id 
_pdbx_entity_nonpoly.name 
_pdbx_entity_nonpoly.comp_id 
2 
;ETHYL (5S,8S,11R)-8-BENZYL-5-(3-TERT-BUTOXY-3-OXOPROPYL)-3,6,9-TRIOXO-11-{[(3S)-2-OXOPYRROLIDIN-3-YL]METHYL}-1-PHENYL-2-OXA-4,7,10-TRIAZATETRADECAN-14-OATE
;
G82 
3 water HOH 
# 
loop_
_entity_poly_seq.entity_id 
_entity_poly_seq.num 
_entity_poly_seq.mon_id 
_entity_poly_seq.hetero 
1 1   MET n 
1 2   GLY n 
1 3   PRO n 
1 4   ALA n 
1 5   PHE n 
1 6   GLU n 
1 7   PHE n 
1 8   ALA n 
1 9   VAL n 
1 10  ALA n 
1 11  MET n 
1 12  MET n 
1 13  LYS n 
1 14  ARG n 
1 15  ASN n 
1 16  SER n 
1 17  SER n 
1 18  THR n 
1 19  VAL n 
1 20  LYS n 
1 21  THR n 
1 22  GLU n 
1 23  TYR n 
1 24  GLY n 
1 25  GLU n 
1 26  PHE n 
1 27  THR n 
1 28  MET n 
1 29  LEU n 
1 30  GLY n 
1 31  ILE n 
1 32  TYR n 
1 33  ASP n 
1 34  ARG n 
1 35  TRP n 
1 36  ALA n 
1 37  VAL n 
1 38  LEU n 
1 39  PRO n 
1 40  ARG n 
1 41  HIS n 
1 42  ALA n 
1 43  LYS n 
1 44  PRO n 
1 45  GLY n 
1 46  PRO n 
1 47  THR n 
1 48  ILE n 
1 49  LEU n 
1 50  MET n 
1 51  ASN n 
1 52  ASP n 
1 53  GLN n 
1 54  GLU n 
1 55  VAL n 
1 56  GLY n 
1 57  VAL n 
1 58  LEU n 
1 59  ASP n 
1 60  ALA n 
1 61  LYS n 
1 62  GLU n 
1 63  LEU n 
1 64  VAL n 
1 65  ASP n 
1 66  LYS n 
1 67  ASP n 
1 68  GLY n 
1 69  THR n 
1 70  ASN n 
1 71  LEU n 
1 72  GLU n 
1 73  LEU n 
1 74  THR n 
1 75  LEU n 
1 76  LEU n 
1 77  LYS n 
1 78  LEU n 
1 79  ASN n 
1 80  ARG n 
1 81  ASN n 
1 82  GLU n 
1 83  LYS n 
1 84  PHE n 
1 85  ARG n 
1 86  ASP n 
1 87  ILE n 
1 88  ARG n 
1 89  GLY n 
1 90  PHE n 
1 91  LEU n 
1 92  ALA n 
1 93  LYS n 
1 94  GLU n 
1 95  GLU n 
1 96  VAL n 
1 97  GLU n 
1 98  VAL n 
1 99  ASN n 
1 100 GLU n 
1 101 ALA n 
1 102 VAL n 
1 103 LEU n 
1 104 ALA n 
1 105 ILE n 
1 106 ASN n 
1 107 THR n 
1 108 SER n 
1 109 LYS n 
1 110 PHE n 
1 111 PRO n 
1 112 ASN n 
1 113 MET n 
1 114 TYR n 
1 115 ILE n 
1 116 PRO n 
1 117 VAL n 
1 118 GLY n 
1 119 GLN n 
1 120 VAL n 
1 121 THR n 
1 122 GLU n 
1 123 TYR n 
1 124 GLY n 
1 125 PHE n 
1 126 LEU n 
1 127 ASN n 
1 128 LEU n 
1 129 GLY n 
1 130 GLY n 
1 131 THR n 
1 132 PRO n 
1 133 THR n 
1 134 LYS n 
1 135 ARG n 
1 136 MET n 
1 137 LEU n 
1 138 MET n 
1 139 TYR n 
1 140 ASN n 
1 141 PHE n 
1 142 PRO n 
1 143 THR n 
1 144 ARG n 
1 145 ALA n 
1 146 GLY n 
1 147 GLN n 
1 148 CYS n 
1 149 GLY n 
1 150 GLY n 
1 151 VAL n 
1 152 LEU n 
1 153 MET n 
1 154 SER n 
1 155 THR n 
1 156 GLY n 
1 157 LYS n 
1 158 VAL n 
1 159 LEU n 
1 160 GLY n 
1 161 ILE n 
1 162 HIS n 
1 163 VAL n 
1 164 GLY n 
1 165 GLY n 
1 166 ASN n 
1 167 GLY n 
1 168 HIS n 
1 169 GLN n 
1 170 GLY n 
1 171 PHE n 
1 172 SER n 
1 173 ALA n 
1 174 ALA n 
1 175 LEU n 
1 176 LEU n 
1 177 LYS n 
1 178 HIS n 
1 179 TYR n 
1 180 PHE n 
1 181 ASN n 
1 182 ASP n 
1 183 GLU n 
1 184 GLN n 
# 
_entity_src_gen.entity_id                          1 
_entity_src_gen.pdbx_src_id                        1 
_entity_src_gen.pdbx_alt_source_flag               sample 
_entity_src_gen.pdbx_seq_type                      ? 
_entity_src_gen.pdbx_beg_seq_num                   ? 
_entity_src_gen.pdbx_end_seq_num                   ? 
_entity_src_gen.gene_src_common_name               ? 
_entity_src_gen.gene_src_genus                     ? 
_entity_src_gen.pdbx_gene_src_gene                 ? 
_entity_src_gen.gene_src_species                   ? 
_entity_src_gen.gene_src_strain                    B3 
_entity_src_gen.gene_src_tissue                    ? 
_entity_src_gen.gene_src_tissue_fraction           ? 
_entity_src_gen.gene_src_details                   ? 
_entity_src_gen.pdbx_gene_src_fragment             ? 
_entity_src_gen.pdbx_gene_src_scientific_name      'HUMAN COXSACKIEVIRUS' 
_entity_src_gen.pdbx_gene_src_ncbi_taxonomy_id     12072 
_entity_src_gen.pdbx_gene_src_variant              ? 
_entity_src_gen.pdbx_gene_src_cell_line            ? 
_entity_src_gen.pdbx_gene_src_atcc                 ? 
_entity_src_gen.pdbx_gene_src_organ                ? 
_entity_src_gen.pdbx_gene_src_organelle            ? 
_entity_src_gen.pdbx_gene_src_cell                 ? 
_entity_src_gen.pdbx_gene_src_cellular_location    ? 
_entity_src_gen.host_org_common_name               ? 
_entity_src_gen.pdbx_host_org_scientific_name      'ESCHERICHIA COLI' 
_entity_src_gen.pdbx_host_org_ncbi_taxonomy_id     469008 
_entity_src_gen.host_org_genus                     ? 
_entity_src_gen.pdbx_host_org_gene                 ? 
_entity_src_gen.pdbx_host_org_organ                ? 
_entity_src_gen.host_org_species                   ? 
_entity_src_gen.pdbx_host_org_tissue               ? 
_entity_src_gen.pdbx_host_org_tissue_fraction      ? 
_entity_src_gen.pdbx_host_org_strain               'BL21(DE3)GOLD' 
_entity_src_gen.pdbx_host_org_variant              ? 
_entity_src_gen.pdbx_host_org_cell_line            ? 
_entity_src_gen.pdbx_host_org_atcc                 ? 
_entity_src_gen.pdbx_host_org_culture_collection   ? 
_entity_src_gen.pdbx_host_org_cell                 ? 
_entity_src_gen.pdbx_host_org_organelle            ? 
_entity_src_gen.pdbx_host_org_cellular_location    ? 
_entity_src_gen.pdbx_host_org_vector_type          PLASMID 
_entity_src_gen.pdbx_host_org_vector               PET23A 
_entity_src_gen.host_org_details                   ? 
_entity_src_gen.expression_system_id               ? 
_entity_src_gen.plasmid_name                       PET23A-COX 
_entity_src_gen.plasmid_details                    ? 
_entity_src_gen.pdbx_description                   ? 
# 
loop_
_chem_comp.id 
_chem_comp.type 
_chem_comp.mon_nstd_flag 
_chem_comp.name 
_chem_comp.pdbx_synonyms 
_chem_comp.formula 
_chem_comp.formula_weight 
ALA 'L-peptide linking' y ALANINE ? 'C3 H7 N O2'     89.093  
ARG 'L-peptide linking' y ARGININE ? 'C6 H15 N4 O2 1' 175.209 
ASN 'L-peptide linking' y ASPARAGINE ? 'C4 H8 N2 O3'    132.118 
ASP 'L-peptide linking' y 'ASPARTIC ACID' ? 'C4 H7 N O4'     133.103 
CYS 'L-peptide linking' y CYSTEINE ? 'C3 H7 N O2 S'   121.158 
G82 non-polymer         . 
;ETHYL (5S,8S,11R)-8-BENZYL-5-(3-TERT-BUTOXY-3-OXOPROPYL)-3,6,9-TRIOXO-11-{[(3S)-2-OXOPYRROLIDIN-3-YL]METHYL}-1-PHENYL-2-OXA-4,7,10-TRIAZATETRADECAN-14-OATE
;
? 'C37 H50 N4 O9'  694.814 
GLN 'L-peptide linking' y GLUTAMINE ? 'C5 H10 N2 O3'   146.144 
GLU 'L-peptide linking' y 'GLUTAMIC ACID' ? 'C5 H9 N O4'     147.129 
GLY 'peptide linking'   y GLYCINE ? 'C2 H5 N O2'     75.067  
HIS 'L-peptide linking' y HISTIDINE ? 'C6 H10 N3 O2 1' 156.162 
HOH non-polymer         . WATER ? 'H2 O'           18.015  
ILE 'L-peptide linking' y ISOLEUCINE ? 'C6 H13 N O2'    131.173 
LEU 'L-peptide linking' y LEUCINE ? 'C6 H13 N O2'    131.173 
LYS 'L-peptide linking' y LYSINE ? 'C6 H15 N2 O2 1' 147.195 
MET 'L-peptide linking' y METHIONINE ? 'C5 H11 N O2 S'  149.211 
PHE 'L-peptide linking' y PHENYLALANINE ? 'C9 H11 N O2'    165.189 
PRO 'L-peptide linking' y PROLINE ? 'C5 H9 N O2'     115.130 
SER 'L-peptide linking' y SERINE ? 'C3 H7 N O3'     105.093 
THR 'L-peptide linking' y THREONINE ? 'C4 H9 N O3'     119.119 
TRP 'L-peptide linking' y TRYPTOPHAN ? 'C11 H12 N2 O2'  204.225 
TYR 'L-peptide linking' y TYROSINE ? 'C9 H11 N O3'    181.189 
VAL 'L-peptide linking' y VALINE ? 'C5 H11 N O2'    117.146 
# 
loop_
_pdbx_poly_seq_scheme.asym_id 
_pdbx_poly_seq_scheme.entity_id 
_pdbx_poly_seq_scheme.seq_id 
_pdbx_poly_seq_scheme.mon_id 
_pdbx_poly_seq_scheme.ndb_seq_num 
_pdbx_poly_seq_scheme.pdb_seq_num 
_pdbx_poly_seq_scheme.auth_seq_num 
_pdbx_poly_seq_scheme.pdb_mon_id 
_pdbx_poly_seq_scheme.auth_mon_id 
_pdbx_poly_seq_scheme.pdb_strand_id 
_pdbx_poly_seq_scheme.pdb_ins_code 
_pdbx_poly_seq_scheme.hetero 
A 1 1   MET 1   0   0   MET MET A . n 
A 1 2   GLY 2   1   1   GLY GLY A . n 
A 1 3   PRO 3   2   2   PRO PRO A . n 
A 1 4   ALA 4   3   3   ALA ALA A . n 
A 1 5   PHE 5   4   4   PHE PHE A . n 
A 1 6   GLU 6   5   5   GLU GLU A . n 
A 1 7   PHE 7   6   6   PHE PHE A . n 
A 1 8   ALA 8   7   7   ALA ALA A . n 
A 1 9   VAL 9   8   8   VAL VAL A . n 
A 1 10  ALA 10  9   9   ALA ALA A . n 
A 1 11  MET 11  10  10  MET MET A . n 
A 1 12  MET 12  11  11  MET MET A . n 
A 1 13  LYS 13  12  12  LYS LYS A . n 
A 1 14  ARG 14  13  13  ARG ARG A . n 
A 1 15  ASN 15  14  14  ASN ASN A . n 
A 1 16  SER 16  15  15  SER SER A . n 
A 1 17  SER 17  16  16  SER SER A . n 
A 1 18  THR 18  17  17  THR THR A . n 
A 1 19  VAL 19  18  18  VAL VAL A . n 
A 1 20  LYS 20  19  19  LYS LYS A . n 
A 1 21  THR 21  20  20  THR THR A . n 
A 1 22  GLU 22  21  21  GLU GLU A . n 
A 1 23  TYR 23  22  22  TYR TYR A . n 
A 1 24  GLY 24  23  23  GLY GLY A . n 
A 1 25  GLU 25  24  24  GLU GLU A . n 
A 1 26  PHE 26  25  25  PHE PHE A . n 
A 1 27  THR 27  26  26  THR THR A . n 
A 1 28  MET 28  27  27  MET MET A . n 
A 1 29  LEU 29  28  28  LEU LEU A . n 
A 1 30  GLY 30  29  29  GLY GLY A . n 
A 1 31  ILE 31  30  30  ILE ILE A . n 
A 1 32  TYR 32  31  31  TYR TYR A . n 
A 1 33  ASP 33  32  32  ASP ASP A . n 
A 1 34  ARG 34  33  33  ARG ARG A . n 
A 1 35  TRP 35  34  34  TRP TRP A . n 
A 1 36  ALA 36  35  35  ALA ALA A . n 
A 1 37  VAL 37  36  36  VAL VAL A . n 
A 1 38  LEU 38  37  37  LEU LEU A . n 
A 1 39  PRO 39  38  38  PRO PRO A . n 
A 1 40  ARG 40  39  39  ARG ARG A . n 
A 1 41  HIS 41  40  40  HIS HIS A . n 
A 1 42  ALA 42  41  41  ALA ALA A . n 
A 1 43  LYS 43  42  42  LYS LYS A . n 
A 1 44  PRO 44  43  43  PRO PRO A . n 
A 1 45  GLY 45  44  44  GLY GLY A . n 
A 1 46  PRO 46  45  45  PRO PRO A . n 
A 1 47  THR 47  46  46  THR THR A . n 
A 1 48  ILE 48  47  47  ILE ILE A . n 
A 1 49  LEU 49  48  48  LEU LEU A . n 
A 1 50  MET 50  49  49  MET MET A . n 
A 1 51  ASN 51  50  50  ASN ASN A . n 
A 1 52  ASP 52  51  51  ASP ASP A . n 
A 1 53  GLN 53  52  52  GLN GLN A . n 
A 1 54  GLU 54  53  53  GLU GLU A . n 
A 1 55  VAL 55  54  54  VAL VAL A . n 
A 1 56  GLY 56  55  55  GLY GLY A . n 
A 1 57  VAL 57  56  56  VAL VAL A . n 
A 1 58  LEU 58  57  57  LEU LEU A . n 
A 1 59  ASP 59  58  58  ASP ASP A . n 
A 1 60  ALA 60  59  59  ALA ALA A . n 
A 1 61  LYS 61  60  60  LYS LYS A . n 
A 1 62  GLU 62  61  61  GLU GLU A . n 
A 1 63  LEU 63  62  62  LEU LEU A . n 
A 1 64  VAL 64  63  63  VAL VAL A . n 
A 1 65  ASP 65  64  64  ASP ASP A . n 
A 1 66  LYS 66  65  65  LYS LYS A . n 
A 1 67  ASP 67  66  66  ASP ASP A . n 
A 1 68  GLY 68  67  67  GLY GLY A . n 
A 1 69  THR 69  68  68  THR THR A . n 
A 1 70  ASN 70  69  69  ASN ASN A . n 
A 1 71  LEU 71  70  70  LEU LEU A . n 
A 1 72  GLU 72  71  71  GLU GLU A . n 
A 1 73  LEU 73  72  72  LEU LEU A . n 
A 1 74  THR 74  73  73  THR THR A . n 
A 1 75  LEU 75  74  74  LEU LEU A . n 
A 1 76  LEU 76  75  75  LEU LEU A . n 
A 1 77  LYS 77  76  76  LYS LYS A . n 
A 1 78  LEU 78  77  77  LEU LEU A . n 
A 1 79  ASN 79  78  78  ASN ASN A . n 
A 1 80  ARG 80  79  79  ARG ARG A . n 
A 1 81  ASN 81  80  80  ASN ASN A . n 
A 1 82  GLU 82  81  81  GLU GLU A . n 
A 1 83  LYS 83  82  82  LYS LYS A . n 
A 1 84  PHE 84  83  83  PHE PHE A . n 
A 1 85  ARG 85  84  84  ARG ARG A . n 
A 1 86  ASP 86  85  85  ASP ASP A . n 
A 1 87  ILE 87  86  86  ILE ILE A . n 
A 1 88  ARG 88  87  87  ARG ARG A . n 
A 1 89  GLY 89  88  88  GLY GLY A . n 
A 1 90  PHE 90  89  89  PHE PHE A . n 
A 1 91  LEU 91  90  90  LEU LEU A . n 
A 1 92  ALA 92  91  91  ALA ALA A . n 
A 1 93  LYS 93  92  92  LYS LYS A . n 
A 1 94  GLU 94  93  93  GLU GLU A . n 
A 1 95  GLU 95  94  94  GLU GLU A . n 
A 1 96  VAL 96  95  95  VAL VAL A . n 
A 1 97  GLU 97  96  96  GLU GLU A . n 
A 1 98  VAL 98  97  97  VAL VAL A . n 
A 1 99  ASN 99  98  98  ASN ASN A . n 
A 1 100 GLU 100 99  99  GLU GLU A . n 
A 1 101 ALA 101 100 100 ALA ALA A . n 
A 1 102 VAL 102 101 101 VAL VAL A . n 
A 1 103 LEU 103 102 102 LEU LEU A . n 
A 1 104 ALA 104 103 103 ALA ALA A . n 
A 1 105 ILE 105 104 104 ILE ILE A . n 
A 1 106 ASN 106 105 105 ASN ASN A . n 
A 1 107 THR 107 106 106 THR THR A . n 
A 1 108 SER 108 107 107 SER SER A . n 
A 1 109 LYS 109 108 108 LYS LYS A . n 
A 1 110 PHE 110 109 109 PHE PHE A . n 
A 1 111 PRO 111 110 110 PRO PRO A . n 
A 1 112 ASN 112 111 111 ASN ASN A . n 
A 1 113 MET 113 112 112 MET MET A . n 
A 1 114 TYR 114 113 113 TYR TYR A . n 
A 1 115 ILE 115 114 114 ILE ILE A . n 
A 1 116 PRO 116 115 115 PRO PRO A . n 
A 1 117 VAL 117 116 116 VAL VAL A . n 
A 1 118 GLY 118 117 117 GLY GLY A . n 
A 1 119 GLN 119 118 118 GLN GLN A . n 
A 1 120 VAL 120 119 119 VAL VAL A . n 
A 1 121 THR 121 120 120 THR THR A . n 
A 1 122 GLU 122 121 121 GLU GLU A . n 
A 1 123 TYR 123 122 122 TYR TYR A . n 
A 1 124 GLY 124 123 123 GLY GLY A . n 
A 1 125 PHE 125 124 124 PHE PHE A . n 
A 1 126 LEU 126 125 125 LEU LEU A . n 
A 1 127 ASN 127 126 126 ASN ASN A . n 
A 1 128 LEU 128 127 127 LEU LEU A . n 
A 1 129 GLY 129 128 128 GLY GLY A . n 
A 1 130 GLY 130 129 129 GLY GLY A . n 
A 1 131 THR 131 130 130 THR THR A . n 
A 1 132 PRO 132 131 131 PRO PRO A . n 
A 1 133 THR 133 132 132 THR THR A . n 
A 1 134 LYS 134 133 133 LYS LYS A . n 
A 1 135 ARG 135 134 134 ARG ARG A . n 
A 1 136 MET 136 135 135 MET MET A . n 
A 1 137 LEU 137 136 136 LEU LEU A . n 
A 1 138 MET 138 137 137 MET MET A . n 
A 1 139 TYR 139 138 138 TYR TYR A . n 
A 1 140 ASN 140 139 139 ASN ASN A . n 
A 1 141 PHE 141 140 140 PHE PHE A . n 
A 1 142 PRO 142 141 141 PRO PRO A . n 
A 1 143 THR 143 142 142 THR THR A . n 
A 1 144 ARG 144 143 143 ARG ARG A . n 
A 1 145 ALA 145 144 144 ALA ALA A . n 
A 1 146 GLY 146 145 145 GLY GLY A . n 
A 1 147 GLN 147 146 146 GLN GLN A . n 
A 1 148 CYS 148 147 147 CYS CYS A . n 
A 1 149 GLY 149 148 148 GLY GLY A . n 
A 1 150 GLY 150 149 149 GLY GLY A . n 
A 1 151 VAL 151 150 150 VAL VAL A . n 
A 1 152 LEU 152 151 151 LEU LEU A . n 
A 1 153 MET 153 152 152 MET MET A . n 
A 1 154 SER 154 153 153 SER SER A . n 
A 1 155 THR 155 154 154 THR THR A . n 
A 1 156 GLY 156 155 155 GLY GLY A . n 
A 1 157 LYS 157 156 156 LYS LYS A . n 
A 1 158 VAL 158 157 157 VAL VAL A . n 
A 1 159 LEU 159 158 158 LEU LEU A . n 
A 1 160 GLY 160 159 159 GLY GLY A . n 
A 1 161 ILE 161 160 160 ILE ILE A . n 
A 1 162 HIS 162 161 161 HIS HIS A . n 
A 1 163 VAL 163 162 162 VAL VAL A . n 
A 1 164 GLY 164 163 163 GLY GLY A . n 
A 1 165 GLY 165 164 164 GLY GLY A . n 
A 1 166 ASN 166 165 165 ASN ASN A . n 
A 1 167 GLY 167 166 166 GLY GLY A . n 
A 1 168 HIS 168 167 167 HIS HIS A . n 
A 1 169 GLN 169 168 168 GLN GLN A . n 
A 1 170 GLY 170 169 169 GLY GLY A . n 
A 1 171 PHE 171 170 170 PHE PHE A . n 
A 1 172 SER 172 171 171 SER SER A . n 
A 1 173 ALA 173 172 172 ALA ALA A . n 
A 1 174 ALA 174 173 173 ALA ALA A . n 
A 1 175 LEU 175 174 174 LEU LEU A . n 
A 1 176 LEU 176 175 175 LEU LEU A . n 
A 1 177 LYS 177 176 176 LYS LYS A . n 
A 1 178 HIS 178 177 177 HIS HIS A . n 
A 1 179 TYR 179 178 178 TYR TYR A . n 
A 1 180 PHE 180 179 179 PHE PHE A . n 
A 1 181 ASN 181 180 180 ASN ASN A . n 
A 1 182 ASP 182 181 ?   ?   ?   A . n 
A 1 183 GLU 183 182 ?   ?   ?   A . n 
A 1 184 GLN 184 183 ?   ?   ?   A . n 
# 
loop_
_pdbx_nonpoly_scheme.asym_id 
_pdbx_nonpoly_scheme.entity_id 
_pdbx_nonpoly_scheme.mon_id 
_pdbx_nonpoly_scheme.ndb_seq_num 
_pdbx_nonpoly_scheme.pdb_seq_num 
_pdbx_nonpoly_scheme.auth_seq_num 
_pdbx_nonpoly_scheme.pdb_mon_id 
_pdbx_nonpoly_scheme.auth_mon_id 
_pdbx_nonpoly_scheme.pdb_strand_id 
_pdbx_nonpoly_scheme.pdb_ins_code 
B 2 G82 1  1181 1181 G82 G82 A . 
C 3 HOH 1  2001 2001 HOH HOH A . 
C 3 HOH 2  2002 2002 HOH HOH A . 
C 3 HOH 3  2003 2003 HOH HOH A . 
C 3 HOH 4  2004 2004 HOH HOH A . 
C 3 HOH 5  2005 2005 HOH HOH A . 
C 3 HOH 6  2006 2006 HOH HOH A . 
C 3 HOH 7  2007 2007 HOH HOH A . 
C 3 HOH 8  2008 2008 HOH HOH A . 
C 3 HOH 9  2009 2009 HOH HOH A . 
C 3 HOH 10 2010 2010 HOH HOH A . 
C 3 HOH 11 2011 2011 HOH HOH A . 
C 3 HOH 12 2012 2012 HOH HOH A . 
C 3 HOH 13 2013 2013 HOH HOH A . 
C 3 HOH 14 2014 2014 HOH HOH A . 
C 3 HOH 15 2015 2015 HOH HOH A . 
C 3 HOH 16 2016 2016 HOH HOH A . 
C 3 HOH 17 2017 2017 HOH HOH A . 
C 3 HOH 18 2018 2018 HOH HOH A . 
C 3 HOH 19 2019 2019 HOH HOH A . 
C 3 HOH 20 2020 2020 HOH HOH A . 
C 3 HOH 21 2021 2021 HOH HOH A . 
C 3 HOH 22 2022 2022 HOH HOH A . 
C 3 HOH 23 2023 2023 HOH HOH A . 
C 3 HOH 24 2024 2024 HOH HOH A . 
C 3 HOH 25 2025 2025 HOH HOH A . 
C 3 HOH 26 2026 2026 HOH HOH A . 
C 3 HOH 27 2027 2027 HOH HOH A . 
C 3 HOH 28 2028 2028 HOH HOH A . 
C 3 HOH 29 2029 2029 HOH HOH A . 
C 3 HOH 30 2030 2030 HOH HOH A . 
C 3 HOH 31 2031 2031 HOH HOH A . 
C 3 HOH 32 2032 2032 HOH HOH A . 
C 3 HOH 33 2033 2033 HOH HOH A . 
C 3 HOH 34 2034 2034 HOH HOH A . 
C 3 HOH 35 2035 2035 HOH HOH A . 
C 3 HOH 36 2036 2036 HOH HOH A . 
C 3 HOH 37 2037 2037 HOH HOH A . 
C 3 HOH 38 2038 2038 HOH HOH A . 
C 3 HOH 39 2039 2039 HOH HOH A . 
C 3 HOH 40 2040 2040 HOH HOH A . 
C 3 HOH 41 2041 2041 HOH HOH A . 
C 3 HOH 42 2042 2042 HOH HOH A . 
C 3 HOH 43 2043 2043 HOH HOH A . 
C 3 HOH 44 2044 2044 HOH HOH A . 
C 3 HOH 45 2045 2045 HOH HOH A . 
C 3 HOH 46 2046 2046 HOH HOH A . 
C 3 HOH 47 2047 2047 HOH HOH A . 
C 3 HOH 48 2048 2048 HOH HOH A . 
C 3 HOH 49 2049 2049 HOH HOH A . 
C 3 HOH 50 2050 2050 HOH HOH A . 
C 3 HOH 51 2051 2051 HOH HOH A . 
C 3 HOH 52 2052 2052 HOH HOH A . 
# 
loop_
_software.name 
_software.classification 
_software.version 
_software.citation_id 
_software.pdbx_ordinal 
REFMAC  refinement       5.5.0110 ? 1 
iMOSFLM 'data reduction' .        ? 2 
SCALA   'data scaling'   .        ? 3 
MOLREP  phasing          .        ? 4 
# 
_cell.entry_id           3ZZ8 
_cell.length_a           77.440 
_cell.length_b           63.730 
_cell.length_c           39.380 
_cell.angle_alpha        90.00 
_cell.angle_beta         116.54 
_cell.angle_gamma        90.00 
_cell.Z_PDB              4 
_cell.pdbx_unique_axis   ? 
# 
_symmetry.entry_id                         3ZZ8 
_symmetry.space_group_name_H-M             'C 1 2 1' 
_symmetry.pdbx_full_space_group_name_H-M   ? 
_symmetry.cell_setting                     ? 
_symmetry.Int_Tables_number                5 
# 
_exptl.entry_id          3ZZ8 
_exptl.method            'X-RAY DIFFRACTION' 
_exptl.crystals_number   1 
# 
_exptl_crystal.id                    1 
_exptl_crystal.density_meas          ? 
_exptl_crystal.density_Matthews      2.07 
_exptl_crystal.density_percent_sol   40.61 
_exptl_crystal.description           NONE 
# 
_exptl_crystal_grow.crystal_id      1 
_exptl_crystal_grow.method          'VAPOR DIFFUSION, SITTING DROP' 
_exptl_crystal_grow.temp            ? 
_exptl_crystal_grow.temp_details    ? 
_exptl_crystal_grow.pH              8.5 
_exptl_crystal_grow.pdbx_pH_range   ? 
_exptl_crystal_grow.pdbx_details    '100 MM TRIS-HCL PH 8.5, 0.2 M MAGNESIUM CHLORIDE, AND 22% PEG 4000; SITTING DROP' 
# 
_diffrn.id                     1 
_diffrn.ambient_temp           100 
_diffrn.ambient_temp_details   ? 
_diffrn.crystal_id             1 
# 
_diffrn_detector.diffrn_id              1 
_diffrn_detector.detector               CCD 
_diffrn_detector.type                   MARRESEARCH 
_diffrn_detector.pdbx_collection_date   ? 
_diffrn_detector.details                MIRRORS 
# 
_diffrn_radiation.diffrn_id                        1 
_diffrn_radiation.wavelength_id                    1 
_diffrn_radiation.pdbx_monochromatic_or_laue_m_l   M 
_diffrn_radiation.monochromator                    ? 
_diffrn_radiation.pdbx_diffrn_protocol             'SINGLE WAVELENGTH' 
_diffrn_radiation.pdbx_scattering_type             x-ray 
# 
_diffrn_radiation_wavelength.id           1 
_diffrn_radiation_wavelength.wavelength   0.9184 
_diffrn_radiation_wavelength.wt           1.0 
# 
_diffrn_source.diffrn_id                   1 
_diffrn_source.source                      SYNCHROTRON 
_diffrn_source.type                        'BESSY BEAMLINE 14.1' 
_diffrn_source.pdbx_synchrotron_site       BESSY 
_diffrn_source.pdbx_synchrotron_beamline   14.1 
_diffrn_source.pdbx_wavelength             0.9184 
_diffrn_source.pdbx_wavelength_list        ? 
# 
_reflns.pdbx_diffrn_id               1 
_reflns.pdbx_ordinal                 1 
_reflns.entry_id                     3ZZ8 
_reflns.observed_criterion_sigma_I   2.0 
_reflns.observed_criterion_sigma_F   ? 
_reflns.d_resolution_low             35.23 
_reflns.d_resolution_high            1.85 
_reflns.number_obs                   14701 
_reflns.number_all                   ? 
_reflns.percent_possible_obs         100.0 
_reflns.pdbx_Rmerge_I_obs            0.06 
_reflns.pdbx_Rsym_value              ? 
_reflns.pdbx_netI_over_sigmaI        11.40 
_reflns.B_iso_Wilson_estimate        ? 
_reflns.pdbx_redundancy              3.6 
# 
_reflns_shell.pdbx_diffrn_id         1 
_reflns_shell.pdbx_ordinal           1 
_reflns_shell.d_res_high             1.85 
_reflns_shell.d_res_low              1.95 
_reflns_shell.percent_possible_all   100.0 
_reflns_shell.Rmerge_I_obs           0.49 
_reflns_shell.pdbx_Rsym_value        ? 
_reflns_shell.meanI_over_sigI_obs    2.40 
_reflns_shell.pdbx_redundancy        3.6 
# 
_refine.pdbx_refine_id                           'X-RAY DIFFRACTION' 
_refine.entry_id                                 3ZZ8 
_refine.pdbx_diffrn_id                           1 
_refine.pdbx_TLS_residual_ADP_flag               ? 
_refine.ls_number_reflns_obs                     13961 
_refine.ls_number_reflns_all                     ? 
_refine.pdbx_ls_sigma_I                          ? 
_refine.pdbx_ls_sigma_F                          . 
_refine.pdbx_data_cutoff_high_absF               ? 
_refine.pdbx_data_cutoff_low_absF                ? 
_refine.pdbx_data_cutoff_high_rms_absF           ? 
_refine.ls_d_res_low                             46.90 
_refine.ls_d_res_high                            1.85 
_refine.ls_percent_reflns_obs                    99.99 
_refine.ls_R_factor_obs                          0.22483 
_refine.ls_R_factor_all                          ? 
_refine.ls_R_factor_R_work                       0.22254 
_refine.ls_R_factor_R_free                       0.26844 
_refine.ls_R_factor_R_free_error                 ? 
_refine.ls_R_factor_R_free_error_details         ? 
_refine.ls_percent_reflns_R_free                 5.0 
_refine.ls_number_reflns_R_free                  740 
_refine.ls_number_parameters                     ? 
_refine.ls_number_restraints                     ? 
_refine.occupancy_min                            ? 
_refine.occupancy_max                            ? 
_refine.correlation_coeff_Fo_to_Fc               0.953 
_refine.correlation_coeff_Fo_to_Fc_free          0.927 
_refine.B_iso_mean                               37.162 
_refine.aniso_B[1][1]                            0.71 
_refine.aniso_B[2][2]                            -0.24 
_refine.aniso_B[3][3]                            1.38 
_refine.aniso_B[1][2]                            0.00 
_refine.aniso_B[1][3]                            2.07 
_refine.aniso_B[2][3]                            0.00 
_refine.solvent_model_details                    MASK 
_refine.solvent_model_param_ksol                 ? 
_refine.solvent_model_param_bsol                 ? 
_refine.pdbx_solvent_vdw_probe_radii             1.40 
_refine.pdbx_solvent_ion_probe_radii             0.80 
_refine.pdbx_solvent_shrinkage_radii             0.80 
_refine.pdbx_ls_cross_valid_method               THROUGHOUT 
_refine.details                                  'HYDROGENS HAVE BEEN ADDED IN THE RIDING POSITIONS.' 
_refine.pdbx_starting_model                      'CRYSTAL STRUCTURE OF COXSACKIEVIURS B3 3C PROTEASE' 
_refine.pdbx_method_to_determine_struct          'MOLECULAR REPLACEMENT' 
_refine.pdbx_isotropic_thermal_model             ? 
_refine.pdbx_stereochemistry_target_values       'MAXIMUM LIKELIHOOD' 
_refine.pdbx_stereochem_target_val_spec_case     ? 
_refine.pdbx_R_Free_selection_details            RANDOM 
_refine.pdbx_overall_ESU_R                       0.183 
_refine.pdbx_overall_ESU_R_Free                  0.166 
_refine.overall_SU_ML                            0.145 
_refine.pdbx_overall_phase_error                 ? 
_refine.overall_SU_B                             4.764 
_refine.overall_SU_R_Cruickshank_DPI             ? 
_refine.pdbx_overall_SU_R_free_Cruickshank_DPI   ? 
_refine.pdbx_overall_SU_R_Blow_DPI               ? 
_refine.pdbx_overall_SU_R_free_Blow_DPI          ? 
# 
_refine_hist.pdbx_refine_id                   'X-RAY DIFFRACTION' 
_refine_hist.cycle_id                         LAST 
_refine_hist.pdbx_number_atoms_protein        1406 
_refine_hist.pdbx_number_atoms_nucleic_acid   0 
_refine_hist.pdbx_number_atoms_ligand         50 
_refine_hist.number_atoms_solvent             52 
_refine_hist.number_atoms_total               1508 
_refine_hist.d_res_high                       1.85 
_refine_hist.d_res_low                        46.90 
# 
loop_
_refine_ls_restr.type 
_refine_ls_restr.dev_ideal 
_refine_ls_restr.dev_ideal_target 
_refine_ls_restr.weight 
_refine_ls_restr.number 
_refine_ls_restr.pdbx_refine_id 
_refine_ls_restr.pdbx_restraint_function 
r_bond_refined_d             0.018  0.022  ? 1488 'X-RAY DIFFRACTION' ? 
r_bond_other_d               ?      ?      ? ?    'X-RAY DIFFRACTION' ? 
r_angle_refined_deg          1.884  2.003  ? 2004 'X-RAY DIFFRACTION' ? 
r_angle_other_deg            ?      ?      ? ?    'X-RAY DIFFRACTION' ? 
r_dihedral_angle_1_deg       6.561  5.000  ? 180  'X-RAY DIFFRACTION' ? 
r_dihedral_angle_2_deg       36.343 24.127 ? 63   'X-RAY DIFFRACTION' ? 
r_dihedral_angle_3_deg       17.556 15.000 ? 252  'X-RAY DIFFRACTION' ? 
r_dihedral_angle_4_deg       17.998 15.000 ? 8    'X-RAY DIFFRACTION' ? 
r_chiral_restr               0.116  0.200  ? 217  'X-RAY DIFFRACTION' ? 
r_gen_planes_refined         0.009  0.021  ? 1121 'X-RAY DIFFRACTION' ? 
r_gen_planes_other           ?      ?      ? ?    'X-RAY DIFFRACTION' ? 
r_nbd_refined                ?      ?      ? ?    'X-RAY DIFFRACTION' ? 
r_nbd_other                  ?      ?      ? ?    'X-RAY DIFFRACTION' ? 
r_nbtor_refined              ?      ?      ? ?    'X-RAY DIFFRACTION' ? 
r_nbtor_other                ?      ?      ? ?    'X-RAY DIFFRACTION' ? 
r_xyhbond_nbd_refined        ?      ?      ? ?    'X-RAY DIFFRACTION' ? 
r_xyhbond_nbd_other          ?      ?      ? ?    'X-RAY DIFFRACTION' ? 
r_metal_ion_refined          ?      ?      ? ?    'X-RAY DIFFRACTION' ? 
r_metal_ion_other            ?      ?      ? ?    'X-RAY DIFFRACTION' ? 
r_symmetry_vdw_refined       ?      ?      ? ?    'X-RAY DIFFRACTION' ? 
r_symmetry_vdw_other         ?      ?      ? ?    'X-RAY DIFFRACTION' ? 
r_symmetry_hbond_refined     ?      ?      ? ?    'X-RAY DIFFRACTION' ? 
r_symmetry_hbond_other       ?      ?      ? ?    'X-RAY DIFFRACTION' ? 
r_symmetry_metal_ion_refined ?      ?      ? ?    'X-RAY DIFFRACTION' ? 
r_symmetry_metal_ion_other   ?      ?      ? ?    'X-RAY DIFFRACTION' ? 
r_mcbond_it                  1.101  1.500  ? 892  'X-RAY DIFFRACTION' ? 
r_mcbond_other               ?      ?      ? ?    'X-RAY DIFFRACTION' ? 
r_mcangle_it                 1.908  2.000  ? 1429 'X-RAY DIFFRACTION' ? 
r_mcangle_other              ?      ?      ? ?    'X-RAY DIFFRACTION' ? 
r_scbond_it                  2.683  3.000  ? 596  'X-RAY DIFFRACTION' ? 
r_scbond_other               ?      ?      ? ?    'X-RAY DIFFRACTION' ? 
r_scangle_it                 4.183  4.500  ? 575  'X-RAY DIFFRACTION' ? 
r_scangle_other              ?      ?      ? ?    'X-RAY DIFFRACTION' ? 
r_long_range_B_refined       ?      ?      ? ?    'X-RAY DIFFRACTION' ? 
r_long_range_B_other         ?      ?      ? ?    'X-RAY DIFFRACTION' ? 
r_rigid_bond_restr           ?      ?      ? ?    'X-RAY DIFFRACTION' ? 
r_sphericity_free            ?      ?      ? ?    'X-RAY DIFFRACTION' ? 
r_sphericity_bonded          ?      ?      ? ?    'X-RAY DIFFRACTION' ? 
# 
_refine_ls_shell.pdbx_refine_id                   'X-RAY DIFFRACTION' 
_refine_ls_shell.pdbx_total_number_of_bins_used   20 
_refine_ls_shell.d_res_high                       1.850 
_refine_ls_shell.d_res_low                        1.898 
_refine_ls_shell.number_reflns_R_work             1007 
_refine_ls_shell.R_factor_R_work                  0.301 
_refine_ls_shell.percent_reflns_obs               100.00 
_refine_ls_shell.R_factor_R_free                  0.320 
_refine_ls_shell.R_factor_R_free_error            ? 
_refine_ls_shell.percent_reflns_R_free            ? 
_refine_ls_shell.number_reflns_R_free             61 
_refine_ls_shell.number_reflns_all                ? 
_refine_ls_shell.R_factor_all                     ? 
# 
_struct.entry_id                  3ZZ8 
_struct.title                     
'Crystal structure of 3C protease of coxsackievirus B3 complexed with alpha, beta-unsaturated ethyl ester inhibitor 82' 
_struct.pdbx_model_details        ? 
_struct.pdbx_CASP_flag            ? 
_struct.pdbx_model_type_details   ? 
# 
_struct_keywords.entry_id        3ZZ8 
_struct_keywords.pdbx_keywords   HYDROLASE 
_struct_keywords.text            'HYDROLASE, PICORNAVIRIDAE, BETA-UNSATURATED ETHYL ESTER INHIBITOR' 
# 
loop_
_struct_asym.id 
_struct_asym.pdbx_blank_PDB_chainid_flag 
_struct_asym.pdbx_modified 
_struct_asym.entity_id 
_struct_asym.details 
A N N 1 ? 
B N N 2 ? 
C N N 3 ? 
# 
_struct_ref.id                         1 
_struct_ref.db_name                    UNP 
_struct_ref.db_code                    Q90092_9ENTO 
_struct_ref.entity_id                  1 
_struct_ref.pdbx_seq_one_letter_code   ? 
_struct_ref.pdbx_align_begin           ? 
_struct_ref.pdbx_db_accession          Q90092 
_struct_ref.pdbx_db_isoform            ? 
# 
_struct_ref_seq.align_id                      1 
_struct_ref_seq.ref_id                        1 
_struct_ref_seq.pdbx_PDB_id_code              3ZZ8 
_struct_ref_seq.pdbx_strand_id                A 
_struct_ref_seq.seq_align_beg                 2 
_struct_ref_seq.pdbx_seq_align_beg_ins_code   ? 
_struct_ref_seq.seq_align_end                 184 
_struct_ref_seq.pdbx_seq_align_end_ins_code   ? 
_struct_ref_seq.pdbx_db_accession             Q90092 
_struct_ref_seq.db_align_beg                  14 
_struct_ref_seq.pdbx_db_align_beg_ins_code    ? 
_struct_ref_seq.db_align_end                  196 
_struct_ref_seq.pdbx_db_align_end_ins_code    ? 
_struct_ref_seq.pdbx_auth_seq_align_beg       1 
_struct_ref_seq.pdbx_auth_seq_align_end       183 
# 
_struct_ref_seq_dif.align_id                     1 
_struct_ref_seq_dif.pdbx_pdb_id_code             3ZZ8 
_struct_ref_seq_dif.mon_id                       MET 
_struct_ref_seq_dif.pdbx_pdb_strand_id           A 
_struct_ref_seq_dif.seq_num                      1 
_struct_ref_seq_dif.pdbx_pdb_ins_code            ? 
_struct_ref_seq_dif.pdbx_seq_db_name             UNP 
_struct_ref_seq_dif.pdbx_seq_db_accession_code   Q90092 
_struct_ref_seq_dif.db_mon_id                    ? 
_struct_ref_seq_dif.pdbx_seq_db_seq_num          ? 
_struct_ref_seq_dif.details                      'expression tag' 
_struct_ref_seq_dif.pdbx_auth_seq_num            0 
_struct_ref_seq_dif.pdbx_ordinal                 1 
# 
_pdbx_struct_assembly.id                   1 
_pdbx_struct_assembly.details              author_and_software_defined_assembly 
_pdbx_struct_assembly.method_details       PISA 
_pdbx_struct_assembly.oligomeric_details   dimeric 
_pdbx_struct_assembly.oligomeric_count     2 
# 
loop_
_pdbx_struct_assembly_prop.biol_id 
_pdbx_struct_assembly_prop.type 
_pdbx_struct_assembly_prop.value 
_pdbx_struct_assembly_prop.details 
1 'ABSA (A^2)' 1600  ? 
1 MORE         -14.7 ? 
1 'SSA (A^2)'  15470 ? 
# 
_pdbx_struct_assembly_gen.assembly_id       1 
_pdbx_struct_assembly_gen.oper_expression   1,2 
_pdbx_struct_assembly_gen.asym_id_list      A,B,C 
# 
loop_
_pdbx_struct_oper_list.id 
_pdbx_struct_oper_list.type 
_pdbx_struct_oper_list.name 
_pdbx_struct_oper_list.symmetry_operation 
_pdbx_struct_oper_list.matrix[1][1] 
_pdbx_struct_oper_list.matrix[1][2] 
_pdbx_struct_oper_list.matrix[1][3] 
_pdbx_struct_oper_list.vector[1] 
_pdbx_struct_oper_list.matrix[2][1] 
_pdbx_struct_oper_list.matrix[2][2] 
_pdbx_struct_oper_list.matrix[2][3] 
_pdbx_struct_oper_list.vector[2] 
_pdbx_struct_oper_list.matrix[3][1] 
_pdbx_struct_oper_list.matrix[3][2] 
_pdbx_struct_oper_list.matrix[3][3] 
_pdbx_struct_oper_list.vector[3] 
1 'identity operation'         1_555 x,y,z       1.0000000000  0.0000000000  0.0000000000 0.0000000000  0.0000000000  1.0000000000  0.0000000000  0.0000000000  0.0000000000 0.0000000000  1.0000000000  0.0000000000  
2 'crystal symmetry operation' 2_454 -x-1,y,-z-1 -0.2378578328 -0.5125663165 0.8250451034 18.9196351971 -0.5125663165 -0.6552818620 -0.5548706629 25.9652513956 0.8250451034 -0.5548706629 -0.1068603052 -1.3460336943 
# 
_struct_biol.id   1 
# 
loop_
_struct_conf.conf_type_id 
_struct_conf.id 
_struct_conf.pdbx_PDB_helix_id 
_struct_conf.beg_label_comp_id 
_struct_conf.beg_label_asym_id 
_struct_conf.beg_label_seq_id 
_struct_conf.pdbx_beg_PDB_ins_code 
_struct_conf.end_label_comp_id 
_struct_conf.end_label_asym_id 
_struct_conf.end_label_seq_id 
_struct_conf.pdbx_end_PDB_ins_code 
_struct_conf.beg_auth_comp_id 
_struct_conf.beg_auth_asym_id 
_struct_conf.beg_auth_seq_id 
_struct_conf.end_auth_comp_id 
_struct_conf.end_auth_asym_id 
_struct_conf.end_auth_seq_id 
_struct_conf.pdbx_PDB_helix_class 
_struct_conf.details 
_struct_conf.pdbx_PDB_helix_length 
HELX_P HELX_P1 1 MET A 1   ? ASN A 15  ? MET A 0   ASN A 14  1 ? 15 
HELX_P HELX_P2 2 HIS A 41  ? LYS A 43  ? HIS A 40  LYS A 42  5 ? 3  
HELX_P HELX_P3 3 ILE A 87  ? PHE A 90  ? ILE A 86  PHE A 89  5 ? 4  
HELX_P HELX_P4 4 LEU A 176 ? ASN A 181 ? LEU A 175 ASN A 180 5 ? 6  
# 
_struct_conf_type.id          HELX_P 
_struct_conf_type.criteria    ? 
_struct_conf_type.reference   ? 
# 
_struct_conn.id                            covale1 
_struct_conn.conn_type_id                  covale 
_struct_conn.pdbx_leaving_atom_flag        none 
_struct_conn.pdbx_PDB_id                   ? 
_struct_conn.ptnr1_label_asym_id           A 
_struct_conn.ptnr1_label_comp_id           CYS 
_struct_conn.ptnr1_label_seq_id            148 
_struct_conn.ptnr1_label_atom_id           SG 
_struct_conn.pdbx_ptnr1_label_alt_id       ? 
_struct_conn.pdbx_ptnr1_PDB_ins_code       ? 
_struct_conn.pdbx_ptnr1_standard_comp_id   ? 
_struct_conn.ptnr1_symmetry                1_555 
_struct_conn.ptnr2_label_asym_id           B 
_struct_conn.ptnr2_label_comp_id           G82 
_struct_conn.ptnr2_label_seq_id            . 
_struct_conn.ptnr2_label_atom_id           C63 
_struct_conn.pdbx_ptnr2_label_alt_id       ? 
_struct_conn.pdbx_ptnr2_PDB_ins_code       ? 
_struct_conn.ptnr1_auth_asym_id            A 
_struct_conn.ptnr1_auth_comp_id            CYS 
_struct_conn.ptnr1_auth_seq_id             147 
_struct_conn.ptnr2_auth_asym_id            A 
_struct_conn.ptnr2_auth_comp_id            G82 
_struct_conn.ptnr2_auth_seq_id             1181 
_struct_conn.ptnr2_symmetry                1_555 
_struct_conn.pdbx_ptnr3_label_atom_id      ? 
_struct_conn.pdbx_ptnr3_label_seq_id       ? 
_struct_conn.pdbx_ptnr3_label_comp_id      ? 
_struct_conn.pdbx_ptnr3_label_asym_id      ? 
_struct_conn.pdbx_ptnr3_label_alt_id       ? 
_struct_conn.pdbx_ptnr3_PDB_ins_code       ? 
_struct_conn.details                       ? 
_struct_conn.pdbx_dist_value               1.795 
_struct_conn.pdbx_value_order              ? 
_struct_conn.pdbx_role                     ? 
# 
_struct_conn_type.id          covale 
_struct_conn_type.criteria    ? 
_struct_conn_type.reference   ? 
# 
_pdbx_modification_feature.ordinal                            1 
_pdbx_modification_feature.label_comp_id                      G82 
_pdbx_modification_feature.label_asym_id                      B 
_pdbx_modification_feature.label_seq_id                       . 
_pdbx_modification_feature.label_alt_id                       ? 
_pdbx_modification_feature.modified_residue_label_comp_id     CYS 
_pdbx_modification_feature.modified_residue_label_asym_id     A 
_pdbx_modification_feature.modified_residue_label_seq_id      148 
_pdbx_modification_feature.modified_residue_label_alt_id      ? 
_pdbx_modification_feature.auth_comp_id                       G82 
_pdbx_modification_feature.auth_asym_id                       A 
_pdbx_modification_feature.auth_seq_id                        1181 
_pdbx_modification_feature.PDB_ins_code                       ? 
_pdbx_modification_feature.symmetry                           1_555 
_pdbx_modification_feature.modified_residue_auth_comp_id      CYS 
_pdbx_modification_feature.modified_residue_auth_asym_id      A 
_pdbx_modification_feature.modified_residue_auth_seq_id       147 
_pdbx_modification_feature.modified_residue_PDB_ins_code      ? 
_pdbx_modification_feature.modified_residue_symmetry          1_555 
_pdbx_modification_feature.comp_id_linking_atom               C63 
_pdbx_modification_feature.modified_residue_id_linking_atom   SG 
_pdbx_modification_feature.modified_residue_id                CYS 
_pdbx_modification_feature.ref_pcm_id                         1 
_pdbx_modification_feature.ref_comp_id                        G82 
_pdbx_modification_feature.type                               None 
_pdbx_modification_feature.category                           'Covalent chemical modification' 
# 
loop_
_struct_sheet.id 
_struct_sheet.type 
_struct_sheet.number_strands 
_struct_sheet.details 
AA ? 7 ? 
AB ? 7 ? 
# 
loop_
_struct_sheet_order.sheet_id 
_struct_sheet_order.range_id_1 
_struct_sheet_order.range_id_2 
_struct_sheet_order.offset 
_struct_sheet_order.sense 
AA 1 2 ? anti-parallel 
AA 2 3 ? anti-parallel 
AA 3 4 ? anti-parallel 
AA 4 5 ? anti-parallel 
AA 5 6 ? anti-parallel 
AA 6 7 ? anti-parallel 
AB 1 2 ? anti-parallel 
AB 2 3 ? anti-parallel 
AB 3 4 ? anti-parallel 
AB 4 5 ? anti-parallel 
AB 5 6 ? anti-parallel 
AB 6 7 ? anti-parallel 
# 
loop_
_struct_sheet_range.sheet_id 
_struct_sheet_range.id 
_struct_sheet_range.beg_label_comp_id 
_struct_sheet_range.beg_label_asym_id 
_struct_sheet_range.beg_label_seq_id 
_struct_sheet_range.pdbx_beg_PDB_ins_code 
_struct_sheet_range.end_label_comp_id 
_struct_sheet_range.end_label_asym_id 
_struct_sheet_range.end_label_seq_id 
_struct_sheet_range.pdbx_end_PDB_ins_code 
_struct_sheet_range.beg_auth_comp_id 
_struct_sheet_range.beg_auth_asym_id 
_struct_sheet_range.beg_auth_seq_id 
_struct_sheet_range.end_auth_comp_id 
_struct_sheet_range.end_auth_asym_id 
_struct_sheet_range.end_auth_seq_id 
AA 1 SER A 16  ? THR A 21  ? SER A 15  THR A 20  
AA 2 GLY A 24  ? TYR A 32  ? GLY A 23  TYR A 31  
AA 3 TRP A 35  ? PRO A 39  ? TRP A 34  PRO A 38  
AA 4 ASN A 70  ? LEU A 78  ? ASN A 69  LEU A 77  
AA 5 GLN A 53  ? VAL A 64  ? GLN A 52  VAL A 63  
AA 6 THR A 47  ? MET A 50  ? THR A 46  MET A 49  
AA 7 SER A 16  ? THR A 21  ? SER A 15  THR A 20  
AB 1 VAL A 98  ? ILE A 105 ? VAL A 97  ILE A 104 
AB 2 MET A 113 ? LEU A 128 ? MET A 112 LEU A 127 
AB 3 THR A 131 ? TYR A 139 ? THR A 130 TYR A 138 
AB 4 GLY A 170 ? ALA A 174 ? GLY A 169 ALA A 173 
AB 5 LYS A 157 ? GLY A 165 ? LYS A 156 GLY A 164 
AB 6 VAL A 151 ? SER A 154 ? VAL A 150 SER A 153 
AB 7 VAL A 98  ? ILE A 105 ? VAL A 97  ILE A 104 
# 
loop_
_pdbx_struct_sheet_hbond.sheet_id 
_pdbx_struct_sheet_hbond.range_id_1 
_pdbx_struct_sheet_hbond.range_id_2 
_pdbx_struct_sheet_hbond.range_1_label_atom_id 
_pdbx_struct_sheet_hbond.range_1_label_comp_id 
_pdbx_struct_sheet_hbond.range_1_label_asym_id 
_pdbx_struct_sheet_hbond.range_1_label_seq_id 
_pdbx_struct_sheet_hbond.range_1_PDB_ins_code 
_pdbx_struct_sheet_hbond.range_1_auth_atom_id 
_pdbx_struct_sheet_hbond.range_1_auth_comp_id 
_pdbx_struct_sheet_hbond.range_1_auth_asym_id 
_pdbx_struct_sheet_hbond.range_1_auth_seq_id 
_pdbx_struct_sheet_hbond.range_2_label_atom_id 
_pdbx_struct_sheet_hbond.range_2_label_comp_id 
_pdbx_struct_sheet_hbond.range_2_label_asym_id 
_pdbx_struct_sheet_hbond.range_2_label_seq_id 
_pdbx_struct_sheet_hbond.range_2_PDB_ins_code 
_pdbx_struct_sheet_hbond.range_2_auth_atom_id 
_pdbx_struct_sheet_hbond.range_2_auth_comp_id 
_pdbx_struct_sheet_hbond.range_2_auth_asym_id 
_pdbx_struct_sheet_hbond.range_2_auth_seq_id 
AA 1 2 N THR A 21  ? N THR A 20  O GLY A 24  ? O GLY A 23  
AA 2 3 N ILE A 31  ? N ILE A 30  O TRP A 35  ? O TRP A 34  
AA 3 4 N LEU A 38  ? N LEU A 37  O THR A 74  ? O THR A 73  
AA 4 5 O LYS A 77  ? O LYS A 76  N LEU A 58  ? N LEU A 57  
AA 5 6 N VAL A 55  ? N VAL A 54  O ILE A 48  ? O ILE A 47  
AA 6 7 N LEU A 49  ? N LEU A 48  O LYS A 20  ? O LYS A 19  
AB 1 2 N ILE A 105 ? N ILE A 104 O MET A 113 ? O MET A 112 
AB 2 3 N LEU A 128 ? N LEU A 127 O THR A 131 ? O THR A 130 
AB 3 4 N TYR A 139 ? N TYR A 138 O GLY A 170 ? O GLY A 169 
AB 4 5 N ALA A 173 ? N ALA A 172 O ILE A 161 ? O ILE A 160 
AB 5 6 N LEU A 159 ? N LEU A 158 O LEU A 152 ? O LEU A 151 
AB 6 7 N MET A 153 ? N MET A 152 O VAL A 102 ? O VAL A 101 
# 
_struct_site.id                   AC1 
_struct_site.pdbx_evidence_code   Software 
_struct_site.pdbx_auth_asym_id    A 
_struct_site.pdbx_auth_comp_id    G82 
_struct_site.pdbx_auth_seq_id     1181 
_struct_site.pdbx_auth_ins_code   ? 
_struct_site.pdbx_num_residues    21 
_struct_site.details              'BINDING SITE FOR RESIDUE G82 A 1181' 
# 
loop_
_struct_site_gen.id 
_struct_site_gen.site_id 
_struct_site_gen.pdbx_num_res 
_struct_site_gen.label_comp_id 
_struct_site_gen.label_asym_id 
_struct_site_gen.label_seq_id 
_struct_site_gen.pdbx_auth_ins_code 
_struct_site_gen.auth_comp_id 
_struct_site_gen.auth_asym_id 
_struct_site_gen.auth_seq_id 
_struct_site_gen.label_atom_id 
_struct_site_gen.label_alt_id 
_struct_site_gen.symmetry 
_struct_site_gen.details 
1  AC1 21 GLU A 25  ? GLU A 24  . ? 1_555 ? 
2  AC1 21 ARG A 40  ? ARG A 39  . ? 1_555 ? 
3  AC1 21 HIS A 41  ? HIS A 40  . ? 1_555 ? 
4  AC1 21 GLU A 72  ? GLU A 71  . ? 1_555 ? 
5  AC1 21 ASP A 86  ? ASP A 85  . ? 4_454 ? 
6  AC1 21 ARG A 88  ? ARG A 87  . ? 4_454 ? 
7  AC1 21 LYS A 93  ? LYS A 92  . ? 4_454 ? 
8  AC1 21 LEU A 126 ? LEU A 125 . ? 1_555 ? 
9  AC1 21 ASN A 127 ? ASN A 126 . ? 1_555 ? 
10 AC1 21 LEU A 128 ? LEU A 127 . ? 1_555 ? 
11 AC1 21 GLY A 129 ? GLY A 128 . ? 1_555 ? 
12 AC1 21 THR A 143 ? THR A 142 . ? 1_555 ? 
13 AC1 21 ARG A 144 ? ARG A 143 . ? 1_555 ? 
14 AC1 21 GLY A 146 ? GLY A 145 . ? 1_555 ? 
15 AC1 21 GLN A 147 ? GLN A 146 . ? 1_555 ? 
16 AC1 21 CYS A 148 ? CYS A 147 . ? 1_555 ? 
17 AC1 21 HIS A 162 ? HIS A 161 . ? 1_555 ? 
18 AC1 21 VAL A 163 ? VAL A 162 . ? 1_555 ? 
19 AC1 21 GLY A 164 ? GLY A 163 . ? 1_555 ? 
20 AC1 21 GLY A 165 ? GLY A 164 . ? 1_555 ? 
21 AC1 21 ASN A 166 ? ASN A 165 . ? 1_555 ? 
# 
_pdbx_entry_details.entry_id                   3ZZ8 
_pdbx_entry_details.compound_details           ? 
_pdbx_entry_details.source_details             ? 
_pdbx_entry_details.nonpolymer_details         ? 
_pdbx_entry_details.sequence_details           ? 
_pdbx_entry_details.has_ligand_of_interest     ? 
_pdbx_entry_details.has_protein_modification   Y 
# 
loop_
_pdbx_validate_torsion.id 
_pdbx_validate_torsion.PDB_model_num 
_pdbx_validate_torsion.auth_comp_id 
_pdbx_validate_torsion.auth_asym_id 
_pdbx_validate_torsion.auth_seq_id 
_pdbx_validate_torsion.PDB_ins_code 
_pdbx_validate_torsion.label_alt_id 
_pdbx_validate_torsion.phi 
_pdbx_validate_torsion.psi 
1 1 ASP A 32  ? ? 55.75  -125.32 
2 1 ASP A 51  ? ? 58.28  9.16    
3 1 GLU A 53  ? ? -55.85 107.06  
4 1 ASP A 64  ? ? -77.40 -163.27 
5 1 GLU A 71  ? ? 70.36  36.30   
6 1 GLU A 94  ? ? -39.77 124.81  
7 1 ASN A 111 ? ? 15.29  65.43   
8 1 ARG A 134 ? ? 71.30  40.23   
9 1 PRO A 141 ? ? -58.69 67.07   
# 
_pdbx_database_remark.id     700 
_pdbx_database_remark.text   
;
SHEET
DETERMINATION METHOD: DSSP
THE SHEETS PRESENTED AS "AA" IN EACH CHAIN ON SHEET RECORDS
BELOW IS ACTUALLY AN  6-STRANDED BARREL THIS IS REPRESENTED BY
A  7-STRANDED SHEET IN WHICH THE FIRST AND LAST STRANDS
ARE IDENTICAL.

THE SHEETS PRESENTED AS "AB" IN EACH CHAIN ON SHEET RECORDS
BELOW IS ACTUALLY AN  6-STRANDED BARREL THIS IS REPRESENTED BY
A  7-STRANDED SHEET IN WHICH THE FIRST AND LAST STRANDS
ARE IDENTICAL.
;
# 
_pdbx_distant_solvent_atoms.id                                1 
_pdbx_distant_solvent_atoms.PDB_model_num                     1 
_pdbx_distant_solvent_atoms.auth_atom_id                      O 
_pdbx_distant_solvent_atoms.label_alt_id                      ? 
_pdbx_distant_solvent_atoms.auth_asym_id                      A 
_pdbx_distant_solvent_atoms.auth_comp_id                      HOH 
_pdbx_distant_solvent_atoms.auth_seq_id                       2016 
_pdbx_distant_solvent_atoms.PDB_ins_code                      ? 
_pdbx_distant_solvent_atoms.neighbor_macromolecule_distance   5.98 
_pdbx_distant_solvent_atoms.neighbor_ligand_distance          . 
# 
loop_
_pdbx_unobs_or_zero_occ_residues.id 
_pdbx_unobs_or_zero_occ_residues.PDB_model_num 
_pdbx_unobs_or_zero_occ_residues.polymer_flag 
_pdbx_unobs_or_zero_occ_residues.occupancy_flag 
_pdbx_unobs_or_zero_occ_residues.auth_asym_id 
_pdbx_unobs_or_zero_occ_residues.auth_comp_id 
_pdbx_unobs_or_zero_occ_residues.auth_seq_id 
_pdbx_unobs_or_zero_occ_residues.PDB_ins_code 
_pdbx_unobs_or_zero_occ_residues.label_asym_id 
_pdbx_unobs_or_zero_occ_residues.label_comp_id 
_pdbx_unobs_or_zero_occ_residues.label_seq_id 
1 1 Y 1 A ASP 181 ? A ASP 182 
2 1 Y 1 A GLU 182 ? A GLU 183 
3 1 Y 1 A GLN 183 ? A GLN 184 
# 
loop_
_chem_comp_atom.comp_id 
_chem_comp_atom.atom_id 
_chem_comp_atom.type_symbol 
_chem_comp_atom.pdbx_aromatic_flag 
_chem_comp_atom.pdbx_stereo_config 
_chem_comp_atom.pdbx_ordinal 
ALA N    N N N 1   
ALA CA   C N S 2   
ALA C    C N N 3   
ALA O    O N N 4   
ALA CB   C N N 5   
ALA OXT  O N N 6   
ALA H    H N N 7   
ALA H2   H N N 8   
ALA HA   H N N 9   
ALA HB1  H N N 10  
ALA HB2  H N N 11  
ALA HB3  H N N 12  
ALA HXT  H N N 13  
ARG N    N N N 14  
ARG CA   C N S 15  
ARG C    C N N 16  
ARG O    O N N 17  
ARG CB   C N N 18  
ARG CG   C N N 19  
ARG CD   C N N 20  
ARG NE   N N N 21  
ARG CZ   C N N 22  
ARG NH1  N N N 23  
ARG NH2  N N N 24  
ARG OXT  O N N 25  
ARG H    H N N 26  
ARG H2   H N N 27  
ARG HA   H N N 28  
ARG HB2  H N N 29  
ARG HB3  H N N 30  
ARG HG2  H N N 31  
ARG HG3  H N N 32  
ARG HD2  H N N 33  
ARG HD3  H N N 34  
ARG HE   H N N 35  
ARG HH11 H N N 36  
ARG HH12 H N N 37  
ARG HH21 H N N 38  
ARG HH22 H N N 39  
ARG HXT  H N N 40  
ASN N    N N N 41  
ASN CA   C N S 42  
ASN C    C N N 43  
ASN O    O N N 44  
ASN CB   C N N 45  
ASN CG   C N N 46  
ASN OD1  O N N 47  
ASN ND2  N N N 48  
ASN OXT  O N N 49  
ASN H    H N N 50  
ASN H2   H N N 51  
ASN HA   H N N 52  
ASN HB2  H N N 53  
ASN HB3  H N N 54  
ASN HD21 H N N 55  
ASN HD22 H N N 56  
ASN HXT  H N N 57  
ASP N    N N N 58  
ASP CA   C N S 59  
ASP C    C N N 60  
ASP O    O N N 61  
ASP CB   C N N 62  
ASP CG   C N N 63  
ASP OD1  O N N 64  
ASP OD2  O N N 65  
ASP OXT  O N N 66  
ASP H    H N N 67  
ASP H2   H N N 68  
ASP HA   H N N 69  
ASP HB2  H N N 70  
ASP HB3  H N N 71  
ASP HD2  H N N 72  
ASP HXT  H N N 73  
CYS N    N N N 74  
CYS CA   C N R 75  
CYS C    C N N 76  
CYS O    O N N 77  
CYS CB   C N N 78  
CYS SG   S N N 79  
CYS OXT  O N N 80  
CYS H    H N N 81  
CYS H2   H N N 82  
CYS HA   H N N 83  
CYS HB2  H N N 84  
CYS HB3  H N N 85  
CYS HG   H N N 86  
CYS HXT  H N N 87  
G82 O88  O N N 88  
G82 C84  C N N 89  
G82 O86  O N N 90  
G82 C3   C N N 91  
G82 C5   C N N 92  
G82 C82  C N N 93  
G82 C63  C N N 94  
G82 C57  C N R 95  
G82 C59  C N N 96  
G82 C61  C N S 97  
G82 C73  C N N 98  
G82 C71  C N N 99  
G82 N69  N N N 100 
G82 C65  C N N 101 
G82 O66  O N N 102 
G82 N49  N N N 103 
G82 C39  C N N 104 
G82 O47  O N N 105 
G82 C37  C N S 106 
G82 C41  C N N 107 
G82 C51  C Y N 108 
G82 C55  C Y N 109 
G82 C11  C Y N 110 
G82 C9   C Y N 111 
G82 C7   C Y N 112 
G82 C53  C Y N 113 
G82 N33  N N N 114 
G82 C31  C N N 115 
G82 O35  O N N 116 
G82 C23  C N S 117 
G82 C25  C N N 118 
G82 C15  C N N 119 
G82 C14  C N N 120 
G82 O2   O N N 121 
G82 C29  C N N 122 
G82 C45  C N N 123 
G82 C43  C N N 124 
G82 C12  C N N 125 
G82 O1   O N N 126 
G82 N21  N N N 127 
G82 C17  C N N 128 
G82 O19  O N N 129 
G82 O15  O N N 130 
G82 C13  C N N 131 
G82 C4   C Y N 132 
G82 C2   C Y N 133 
G82 C1   C Y N 134 
G82 C10  C Y N 135 
G82 C8   C Y N 136 
G82 C6   C Y N 137 
G82 H821 H N N 138 
G82 H822 H N N 139 
G82 H31C H N N 140 
G82 H32C H N N 141 
G82 H51C H N N 142 
G82 H52C H N N 143 
G82 H53C H N N 144 
G82 H631 H N N 145 
G82 H632 H N N 146 
G82 H57  H N N 147 
G82 H591 H N N 148 
G82 H592 H N N 149 
G82 H49  H N N 150 
G82 H61  H N N 151 
G82 H731 H N N 152 
G82 H732 H N N 153 
G82 H711 H N N 154 
G82 H712 H N N 155 
G82 H69  H N N 156 
G82 H37  H N N 157 
G82 H411 H N N 158 
G82 H412 H N N 159 
G82 H33  H N N 160 
G82 H55  H N N 161 
G82 H53  H N N 162 
G82 H11  H N N 163 
G82 H9   H N N 164 
G82 H7   H N N 165 
G82 H23  H N N 166 
G82 H251 H N N 167 
G82 H252 H N N 168 
G82 H21  H N N 169 
G82 H151 H N N 170 
G82 H152 H N N 171 
G82 H451 H N N 172 
G82 H452 H N N 173 
G82 H453 H N N 174 
G82 H431 H N N 175 
G82 H432 H N N 176 
G82 H433 H N N 177 
G82 H121 H N N 178 
G82 H122 H N N 179 
G82 H123 H N N 180 
G82 H131 H N N 181 
G82 H132 H N N 182 
G82 H2   H N N 183 
G82 H6   H N N 184 
G82 H1   H N N 185 
G82 H10  H N N 186 
G82 H8   H N N 187 
GLN N    N N N 188 
GLN CA   C N S 189 
GLN C    C N N 190 
GLN O    O N N 191 
GLN CB   C N N 192 
GLN CG   C N N 193 
GLN CD   C N N 194 
GLN OE1  O N N 195 
GLN NE2  N N N 196 
GLN OXT  O N N 197 
GLN H    H N N 198 
GLN H2   H N N 199 
GLN HA   H N N 200 
GLN HB2  H N N 201 
GLN HB3  H N N 202 
GLN HG2  H N N 203 
GLN HG3  H N N 204 
GLN HE21 H N N 205 
GLN HE22 H N N 206 
GLN HXT  H N N 207 
GLU N    N N N 208 
GLU CA   C N S 209 
GLU C    C N N 210 
GLU O    O N N 211 
GLU CB   C N N 212 
GLU CG   C N N 213 
GLU CD   C N N 214 
GLU OE1  O N N 215 
GLU OE2  O N N 216 
GLU OXT  O N N 217 
GLU H    H N N 218 
GLU H2   H N N 219 
GLU HA   H N N 220 
GLU HB2  H N N 221 
GLU HB3  H N N 222 
GLU HG2  H N N 223 
GLU HG3  H N N 224 
GLU HE2  H N N 225 
GLU HXT  H N N 226 
GLY N    N N N 227 
GLY CA   C N N 228 
GLY C    C N N 229 
GLY O    O N N 230 
GLY OXT  O N N 231 
GLY H    H N N 232 
GLY H2   H N N 233 
GLY HA2  H N N 234 
GLY HA3  H N N 235 
GLY HXT  H N N 236 
HIS N    N N N 237 
HIS CA   C N S 238 
HIS C    C N N 239 
HIS O    O N N 240 
HIS CB   C N N 241 
HIS CG   C Y N 242 
HIS ND1  N Y N 243 
HIS CD2  C Y N 244 
HIS CE1  C Y N 245 
HIS NE2  N Y N 246 
HIS OXT  O N N 247 
HIS H    H N N 248 
HIS H2   H N N 249 
HIS HA   H N N 250 
HIS HB2  H N N 251 
HIS HB3  H N N 252 
HIS HD1  H N N 253 
HIS HD2  H N N 254 
HIS HE1  H N N 255 
HIS HE2  H N N 256 
HIS HXT  H N N 257 
HOH O    O N N 258 
HOH H1   H N N 259 
HOH H2   H N N 260 
ILE N    N N N 261 
ILE CA   C N S 262 
ILE C    C N N 263 
ILE O    O N N 264 
ILE CB   C N S 265 
ILE CG1  C N N 266 
ILE CG2  C N N 267 
ILE CD1  C N N 268 
ILE OXT  O N N 269 
ILE H    H N N 270 
ILE H2   H N N 271 
ILE HA   H N N 272 
ILE HB   H N N 273 
ILE HG12 H N N 274 
ILE HG13 H N N 275 
ILE HG21 H N N 276 
ILE HG22 H N N 277 
ILE HG23 H N N 278 
ILE HD11 H N N 279 
ILE HD12 H N N 280 
ILE HD13 H N N 281 
ILE HXT  H N N 282 
LEU N    N N N 283 
LEU CA   C N S 284 
LEU C    C N N 285 
LEU O    O N N 286 
LEU CB   C N N 287 
LEU CG   C N N 288 
LEU CD1  C N N 289 
LEU CD2  C N N 290 
LEU OXT  O N N 291 
LEU H    H N N 292 
LEU H2   H N N 293 
LEU HA   H N N 294 
LEU HB2  H N N 295 
LEU HB3  H N N 296 
LEU HG   H N N 297 
LEU HD11 H N N 298 
LEU HD12 H N N 299 
LEU HD13 H N N 300 
LEU HD21 H N N 301 
LEU HD22 H N N 302 
LEU HD23 H N N 303 
LEU HXT  H N N 304 
LYS N    N N N 305 
LYS CA   C N S 306 
LYS C    C N N 307 
LYS O    O N N 308 
LYS CB   C N N 309 
LYS CG   C N N 310 
LYS CD   C N N 311 
LYS CE   C N N 312 
LYS NZ   N N N 313 
LYS OXT  O N N 314 
LYS H    H N N 315 
LYS H2   H N N 316 
LYS HA   H N N 317 
LYS HB2  H N N 318 
LYS HB3  H N N 319 
LYS HG2  H N N 320 
LYS HG3  H N N 321 
LYS HD2  H N N 322 
LYS HD3  H N N 323 
LYS HE2  H N N 324 
LYS HE3  H N N 325 
LYS HZ1  H N N 326 
LYS HZ2  H N N 327 
LYS HZ3  H N N 328 
LYS HXT  H N N 329 
MET N    N N N 330 
MET CA   C N S 331 
MET C    C N N 332 
MET O    O N N 333 
MET CB   C N N 334 
MET CG   C N N 335 
MET SD   S N N 336 
MET CE   C N N 337 
MET OXT  O N N 338 
MET H    H N N 339 
MET H2   H N N 340 
MET HA   H N N 341 
MET HB2  H N N 342 
MET HB3  H N N 343 
MET HG2  H N N 344 
MET HG3  H N N 345 
MET HE1  H N N 346 
MET HE2  H N N 347 
MET HE3  H N N 348 
MET HXT  H N N 349 
PHE N    N N N 350 
PHE CA   C N S 351 
PHE C    C N N 352 
PHE O    O N N 353 
PHE CB   C N N 354 
PHE CG   C Y N 355 
PHE CD1  C Y N 356 
PHE CD2  C Y N 357 
PHE CE1  C Y N 358 
PHE CE2  C Y N 359 
PHE CZ   C Y N 360 
PHE OXT  O N N 361 
PHE H    H N N 362 
PHE H2   H N N 363 
PHE HA   H N N 364 
PHE HB2  H N N 365 
PHE HB3  H N N 366 
PHE HD1  H N N 367 
PHE HD2  H N N 368 
PHE HE1  H N N 369 
PHE HE2  H N N 370 
PHE HZ   H N N 371 
PHE HXT  H N N 372 
PRO N    N N N 373 
PRO CA   C N S 374 
PRO C    C N N 375 
PRO O    O N N 376 
PRO CB   C N N 377 
PRO CG   C N N 378 
PRO CD   C N N 379 
PRO OXT  O N N 380 
PRO H    H N N 381 
PRO HA   H N N 382 
PRO HB2  H N N 383 
PRO HB3  H N N 384 
PRO HG2  H N N 385 
PRO HG3  H N N 386 
PRO HD2  H N N 387 
PRO HD3  H N N 388 
PRO HXT  H N N 389 
SER N    N N N 390 
SER CA   C N S 391 
SER C    C N N 392 
SER O    O N N 393 
SER CB   C N N 394 
SER OG   O N N 395 
SER OXT  O N N 396 
SER H    H N N 397 
SER H2   H N N 398 
SER HA   H N N 399 
SER HB2  H N N 400 
SER HB3  H N N 401 
SER HG   H N N 402 
SER HXT  H N N 403 
THR N    N N N 404 
THR CA   C N S 405 
THR C    C N N 406 
THR O    O N N 407 
THR CB   C N R 408 
THR OG1  O N N 409 
THR CG2  C N N 410 
THR OXT  O N N 411 
THR H    H N N 412 
THR H2   H N N 413 
THR HA   H N N 414 
THR HB   H N N 415 
THR HG1  H N N 416 
THR HG21 H N N 417 
THR HG22 H N N 418 
THR HG23 H N N 419 
THR HXT  H N N 420 
TRP N    N N N 421 
TRP CA   C N S 422 
TRP C    C N N 423 
TRP O    O N N 424 
TRP CB   C N N 425 
TRP CG   C Y N 426 
TRP CD1  C Y N 427 
TRP CD2  C Y N 428 
TRP NE1  N Y N 429 
TRP CE2  C Y N 430 
TRP CE3  C Y N 431 
TRP CZ2  C Y N 432 
TRP CZ3  C Y N 433 
TRP CH2  C Y N 434 
TRP OXT  O N N 435 
TRP H    H N N 436 
TRP H2   H N N 437 
TRP HA   H N N 438 
TRP HB2  H N N 439 
TRP HB3  H N N 440 
TRP HD1  H N N 441 
TRP HE1  H N N 442 
TRP HE3  H N N 443 
TRP HZ2  H N N 444 
TRP HZ3  H N N 445 
TRP HH2  H N N 446 
TRP HXT  H N N 447 
TYR N    N N N 448 
TYR CA   C N S 449 
TYR C    C N N 450 
TYR O    O N N 451 
TYR CB   C N N 452 
TYR CG   C Y N 453 
TYR CD1  C Y N 454 
TYR CD2  C Y N 455 
TYR CE1  C Y N 456 
TYR CE2  C Y N 457 
TYR CZ   C Y N 458 
TYR OH   O N N 459 
TYR OXT  O N N 460 
TYR H    H N N 461 
TYR H2   H N N 462 
TYR HA   H N N 463 
TYR HB2  H N N 464 
TYR HB3  H N N 465 
TYR HD1  H N N 466 
TYR HD2  H N N 467 
TYR HE1  H N N 468 
TYR HE2  H N N 469 
TYR HH   H N N 470 
TYR HXT  H N N 471 
VAL N    N N N 472 
VAL CA   C N S 473 
VAL C    C N N 474 
VAL O    O N N 475 
VAL CB   C N N 476 
VAL CG1  C N N 477 
VAL CG2  C N N 478 
VAL OXT  O N N 479 
VAL H    H N N 480 
VAL H2   H N N 481 
VAL HA   H N N 482 
VAL HB   H N N 483 
VAL HG11 H N N 484 
VAL HG12 H N N 485 
VAL HG13 H N N 486 
VAL HG21 H N N 487 
VAL HG22 H N N 488 
VAL HG23 H N N 489 
VAL HXT  H N N 490 
# 
loop_
_chem_comp_bond.comp_id 
_chem_comp_bond.atom_id_1 
_chem_comp_bond.atom_id_2 
_chem_comp_bond.value_order 
_chem_comp_bond.pdbx_aromatic_flag 
_chem_comp_bond.pdbx_stereo_config 
_chem_comp_bond.pdbx_ordinal 
ALA N   CA   sing N N 1   
ALA N   H    sing N N 2   
ALA N   H2   sing N N 3   
ALA CA  C    sing N N 4   
ALA CA  CB   sing N N 5   
ALA CA  HA   sing N N 6   
ALA C   O    doub N N 7   
ALA C   OXT  sing N N 8   
ALA CB  HB1  sing N N 9   
ALA CB  HB2  sing N N 10  
ALA CB  HB3  sing N N 11  
ALA OXT HXT  sing N N 12  
ARG N   CA   sing N N 13  
ARG N   H    sing N N 14  
ARG N   H2   sing N N 15  
ARG CA  C    sing N N 16  
ARG CA  CB   sing N N 17  
ARG CA  HA   sing N N 18  
ARG C   O    doub N N 19  
ARG C   OXT  sing N N 20  
ARG CB  CG   sing N N 21  
ARG CB  HB2  sing N N 22  
ARG CB  HB3  sing N N 23  
ARG CG  CD   sing N N 24  
ARG CG  HG2  sing N N 25  
ARG CG  HG3  sing N N 26  
ARG CD  NE   sing N N 27  
ARG CD  HD2  sing N N 28  
ARG CD  HD3  sing N N 29  
ARG NE  CZ   sing N N 30  
ARG NE  HE   sing N N 31  
ARG CZ  NH1  sing N N 32  
ARG CZ  NH2  doub N N 33  
ARG NH1 HH11 sing N N 34  
ARG NH1 HH12 sing N N 35  
ARG NH2 HH21 sing N N 36  
ARG NH2 HH22 sing N N 37  
ARG OXT HXT  sing N N 38  
ASN N   CA   sing N N 39  
ASN N   H    sing N N 40  
ASN N   H2   sing N N 41  
ASN CA  C    sing N N 42  
ASN CA  CB   sing N N 43  
ASN CA  HA   sing N N 44  
ASN C   O    doub N N 45  
ASN C   OXT  sing N N 46  
ASN CB  CG   sing N N 47  
ASN CB  HB2  sing N N 48  
ASN CB  HB3  sing N N 49  
ASN CG  OD1  doub N N 50  
ASN CG  ND2  sing N N 51  
ASN ND2 HD21 sing N N 52  
ASN ND2 HD22 sing N N 53  
ASN OXT HXT  sing N N 54  
ASP N   CA   sing N N 55  
ASP N   H    sing N N 56  
ASP N   H2   sing N N 57  
ASP CA  C    sing N N 58  
ASP CA  CB   sing N N 59  
ASP CA  HA   sing N N 60  
ASP C   O    doub N N 61  
ASP C   OXT  sing N N 62  
ASP CB  CG   sing N N 63  
ASP CB  HB2  sing N N 64  
ASP CB  HB3  sing N N 65  
ASP CG  OD1  doub N N 66  
ASP CG  OD2  sing N N 67  
ASP OD2 HD2  sing N N 68  
ASP OXT HXT  sing N N 69  
CYS N   CA   sing N N 70  
CYS N   H    sing N N 71  
CYS N   H2   sing N N 72  
CYS CA  C    sing N N 73  
CYS CA  CB   sing N N 74  
CYS CA  HA   sing N N 75  
CYS C   O    doub N N 76  
CYS C   OXT  sing N N 77  
CYS CB  SG   sing N N 78  
CYS CB  HB2  sing N N 79  
CYS CB  HB3  sing N N 80  
CYS SG  HG   sing N N 81  
CYS OXT HXT  sing N N 82  
G82 O88 C84  doub N N 83  
G82 C84 O86  sing N N 84  
G82 C84 C82  sing N N 85  
G82 O86 C3   sing N N 86  
G82 C3  C5   sing N N 87  
G82 C82 C63  sing N N 88  
G82 C63 C57  sing N N 89  
G82 C57 C59  sing N N 90  
G82 C57 N49  sing N N 91  
G82 C59 C61  sing N N 92  
G82 C61 C73  sing N N 93  
G82 C61 C65  sing N N 94  
G82 C73 C71  sing N N 95  
G82 C71 N69  sing N N 96  
G82 N69 C65  sing N N 97  
G82 C65 O66  doub N N 98  
G82 N49 C39  sing N N 99  
G82 C39 O47  doub N N 100 
G82 C39 C37  sing N N 101 
G82 C37 C41  sing N N 102 
G82 C37 N33  sing N N 103 
G82 C41 C51  sing N N 104 
G82 C51 C55  sing Y N 105 
G82 C51 C53  doub Y N 106 
G82 C55 C11  doub Y N 107 
G82 C11 C9   sing Y N 108 
G82 C9  C7   doub Y N 109 
G82 C7  C53  sing Y N 110 
G82 N33 C31  sing N N 111 
G82 C31 O35  doub N N 112 
G82 C31 C23  sing N N 113 
G82 C23 C25  sing N N 114 
G82 C23 N21  sing N N 115 
G82 C25 C15  sing N N 116 
G82 C15 C14  sing N N 117 
G82 C14 O2   sing N N 118 
G82 C14 O1   doub N N 119 
G82 O2  C29  sing N N 120 
G82 C29 C45  sing N N 121 
G82 C29 C43  sing N N 122 
G82 C29 C12  sing N N 123 
G82 N21 C17  sing N N 124 
G82 C17 O19  doub N N 125 
G82 C17 O15  sing N N 126 
G82 O15 C13  sing N N 127 
G82 C13 C4   sing N N 128 
G82 C4  C2   sing Y N 129 
G82 C4  C6   doub Y N 130 
G82 C2  C1   doub Y N 131 
G82 C1  C10  sing Y N 132 
G82 C10 C8   doub Y N 133 
G82 C8  C6   sing Y N 134 
G82 C82 H821 sing N N 135 
G82 C82 H822 sing N N 136 
G82 C3  H31C sing N N 137 
G82 C3  H32C sing N N 138 
G82 C5  H51C sing N N 139 
G82 C5  H52C sing N N 140 
G82 C5  H53C sing N N 141 
G82 C63 H631 sing N N 142 
G82 C63 H632 sing N N 143 
G82 C57 H57  sing N N 144 
G82 C59 H591 sing N N 145 
G82 C59 H592 sing N N 146 
G82 N49 H49  sing N N 147 
G82 C61 H61  sing N N 148 
G82 C73 H731 sing N N 149 
G82 C73 H732 sing N N 150 
G82 C71 H711 sing N N 151 
G82 C71 H712 sing N N 152 
G82 N69 H69  sing N N 153 
G82 C37 H37  sing N N 154 
G82 C41 H411 sing N N 155 
G82 C41 H412 sing N N 156 
G82 N33 H33  sing N N 157 
G82 C55 H55  sing N N 158 
G82 C53 H53  sing N N 159 
G82 C11 H11  sing N N 160 
G82 C9  H9   sing N N 161 
G82 C7  H7   sing N N 162 
G82 C23 H23  sing N N 163 
G82 C25 H251 sing N N 164 
G82 C25 H252 sing N N 165 
G82 N21 H21  sing N N 166 
G82 C15 H151 sing N N 167 
G82 C15 H152 sing N N 168 
G82 C45 H451 sing N N 169 
G82 C45 H452 sing N N 170 
G82 C45 H453 sing N N 171 
G82 C43 H431 sing N N 172 
G82 C43 H432 sing N N 173 
G82 C43 H433 sing N N 174 
G82 C12 H121 sing N N 175 
G82 C12 H122 sing N N 176 
G82 C12 H123 sing N N 177 
G82 C13 H131 sing N N 178 
G82 C13 H132 sing N N 179 
G82 C2  H2   sing N N 180 
G82 C6  H6   sing N N 181 
G82 C1  H1   sing N N 182 
G82 C10 H10  sing N N 183 
G82 C8  H8   sing N N 184 
GLN N   CA   sing N N 185 
GLN N   H    sing N N 186 
GLN N   H2   sing N N 187 
GLN CA  C    sing N N 188 
GLN CA  CB   sing N N 189 
GLN CA  HA   sing N N 190 
GLN C   O    doub N N 191 
GLN C   OXT  sing N N 192 
GLN CB  CG   sing N N 193 
GLN CB  HB2  sing N N 194 
GLN CB  HB3  sing N N 195 
GLN CG  CD   sing N N 196 
GLN CG  HG2  sing N N 197 
GLN CG  HG3  sing N N 198 
GLN CD  OE1  doub N N 199 
GLN CD  NE2  sing N N 200 
GLN NE2 HE21 sing N N 201 
GLN NE2 HE22 sing N N 202 
GLN OXT HXT  sing N N 203 
GLU N   CA   sing N N 204 
GLU N   H    sing N N 205 
GLU N   H2   sing N N 206 
GLU CA  C    sing N N 207 
GLU CA  CB   sing N N 208 
GLU CA  HA   sing N N 209 
GLU C   O    doub N N 210 
GLU C   OXT  sing N N 211 
GLU CB  CG   sing N N 212 
GLU CB  HB2  sing N N 213 
GLU CB  HB3  sing N N 214 
GLU CG  CD   sing N N 215 
GLU CG  HG2  sing N N 216 
GLU CG  HG3  sing N N 217 
GLU CD  OE1  doub N N 218 
GLU CD  OE2  sing N N 219 
GLU OE2 HE2  sing N N 220 
GLU OXT HXT  sing N N 221 
GLY N   CA   sing N N 222 
GLY N   H    sing N N 223 
GLY N   H2   sing N N 224 
GLY CA  C    sing N N 225 
GLY CA  HA2  sing N N 226 
GLY CA  HA3  sing N N 227 
GLY C   O    doub N N 228 
GLY C   OXT  sing N N 229 
GLY OXT HXT  sing N N 230 
HIS N   CA   sing N N 231 
HIS N   H    sing N N 232 
HIS N   H2   sing N N 233 
HIS CA  C    sing N N 234 
HIS CA  CB   sing N N 235 
HIS CA  HA   sing N N 236 
HIS C   O    doub N N 237 
HIS C   OXT  sing N N 238 
HIS CB  CG   sing N N 239 
HIS CB  HB2  sing N N 240 
HIS CB  HB3  sing N N 241 
HIS CG  ND1  sing Y N 242 
HIS CG  CD2  doub Y N 243 
HIS ND1 CE1  doub Y N 244 
HIS ND1 HD1  sing N N 245 
HIS CD2 NE2  sing Y N 246 
HIS CD2 HD2  sing N N 247 
HIS CE1 NE2  sing Y N 248 
HIS CE1 HE1  sing N N 249 
HIS NE2 HE2  sing N N 250 
HIS OXT HXT  sing N N 251 
HOH O   H1   sing N N 252 
HOH O   H2   sing N N 253 
ILE N   CA   sing N N 254 
ILE N   H    sing N N 255 
ILE N   H2   sing N N 256 
ILE CA  C    sing N N 257 
ILE CA  CB   sing N N 258 
ILE CA  HA   sing N N 259 
ILE C   O    doub N N 260 
ILE C   OXT  sing N N 261 
ILE CB  CG1  sing N N 262 
ILE CB  CG2  sing N N 263 
ILE CB  HB   sing N N 264 
ILE CG1 CD1  sing N N 265 
ILE CG1 HG12 sing N N 266 
ILE CG1 HG13 sing N N 267 
ILE CG2 HG21 sing N N 268 
ILE CG2 HG22 sing N N 269 
ILE CG2 HG23 sing N N 270 
ILE CD1 HD11 sing N N 271 
ILE CD1 HD12 sing N N 272 
ILE CD1 HD13 sing N N 273 
ILE OXT HXT  sing N N 274 
LEU N   CA   sing N N 275 
LEU N   H    sing N N 276 
LEU N   H2   sing N N 277 
LEU CA  C    sing N N 278 
LEU CA  CB   sing N N 279 
LEU CA  HA   sing N N 280 
LEU C   O    doub N N 281 
LEU C   OXT  sing N N 282 
LEU CB  CG   sing N N 283 
LEU CB  HB2  sing N N 284 
LEU CB  HB3  sing N N 285 
LEU CG  CD1  sing N N 286 
LEU CG  CD2  sing N N 287 
LEU CG  HG   sing N N 288 
LEU CD1 HD11 sing N N 289 
LEU CD1 HD12 sing N N 290 
LEU CD1 HD13 sing N N 291 
LEU CD2 HD21 sing N N 292 
LEU CD2 HD22 sing N N 293 
LEU CD2 HD23 sing N N 294 
LEU OXT HXT  sing N N 295 
LYS N   CA   sing N N 296 
LYS N   H    sing N N 297 
LYS N   H2   sing N N 298 
LYS CA  C    sing N N 299 
LYS CA  CB   sing N N 300 
LYS CA  HA   sing N N 301 
LYS C   O    doub N N 302 
LYS C   OXT  sing N N 303 
LYS CB  CG   sing N N 304 
LYS CB  HB2  sing N N 305 
LYS CB  HB3  sing N N 306 
LYS CG  CD   sing N N 307 
LYS CG  HG2  sing N N 308 
LYS CG  HG3  sing N N 309 
LYS CD  CE   sing N N 310 
LYS CD  HD2  sing N N 311 
LYS CD  HD3  sing N N 312 
LYS CE  NZ   sing N N 313 
LYS CE  HE2  sing N N 314 
LYS CE  HE3  sing N N 315 
LYS NZ  HZ1  sing N N 316 
LYS NZ  HZ2  sing N N 317 
LYS NZ  HZ3  sing N N 318 
LYS OXT HXT  sing N N 319 
MET N   CA   sing N N 320 
MET N   H    sing N N 321 
MET N   H2   sing N N 322 
MET CA  C    sing N N 323 
MET CA  CB   sing N N 324 
MET CA  HA   sing N N 325 
MET C   O    doub N N 326 
MET C   OXT  sing N N 327 
MET CB  CG   sing N N 328 
MET CB  HB2  sing N N 329 
MET CB  HB3  sing N N 330 
MET CG  SD   sing N N 331 
MET CG  HG2  sing N N 332 
MET CG  HG3  sing N N 333 
MET SD  CE   sing N N 334 
MET CE  HE1  sing N N 335 
MET CE  HE2  sing N N 336 
MET CE  HE3  sing N N 337 
MET OXT HXT  sing N N 338 
PHE N   CA   sing N N 339 
PHE N   H    sing N N 340 
PHE N   H2   sing N N 341 
PHE CA  C    sing N N 342 
PHE CA  CB   sing N N 343 
PHE CA  HA   sing N N 344 
PHE C   O    doub N N 345 
PHE C   OXT  sing N N 346 
PHE CB  CG   sing N N 347 
PHE CB  HB2  sing N N 348 
PHE CB  HB3  sing N N 349 
PHE CG  CD1  doub Y N 350 
PHE CG  CD2  sing Y N 351 
PHE CD1 CE1  sing Y N 352 
PHE CD1 HD1  sing N N 353 
PHE CD2 CE2  doub Y N 354 
PHE CD2 HD2  sing N N 355 
PHE CE1 CZ   doub Y N 356 
PHE CE1 HE1  sing N N 357 
PHE CE2 CZ   sing Y N 358 
PHE CE2 HE2  sing N N 359 
PHE CZ  HZ   sing N N 360 
PHE OXT HXT  sing N N 361 
PRO N   CA   sing N N 362 
PRO N   CD   sing N N 363 
PRO N   H    sing N N 364 
PRO CA  C    sing N N 365 
PRO CA  CB   sing N N 366 
PRO CA  HA   sing N N 367 
PRO C   O    doub N N 368 
PRO C   OXT  sing N N 369 
PRO CB  CG   sing N N 370 
PRO CB  HB2  sing N N 371 
PRO CB  HB3  sing N N 372 
PRO CG  CD   sing N N 373 
PRO CG  HG2  sing N N 374 
PRO CG  HG3  sing N N 375 
PRO CD  HD2  sing N N 376 
PRO CD  HD3  sing N N 377 
PRO OXT HXT  sing N N 378 
SER N   CA   sing N N 379 
SER N   H    sing N N 380 
SER N   H2   sing N N 381 
SER CA  C    sing N N 382 
SER CA  CB   sing N N 383 
SER CA  HA   sing N N 384 
SER C   O    doub N N 385 
SER C   OXT  sing N N 386 
SER CB  OG   sing N N 387 
SER CB  HB2  sing N N 388 
SER CB  HB3  sing N N 389 
SER OG  HG   sing N N 390 
SER OXT HXT  sing N N 391 
THR N   CA   sing N N 392 
THR N   H    sing N N 393 
THR N   H2   sing N N 394 
THR CA  C    sing N N 395 
THR CA  CB   sing N N 396 
THR CA  HA   sing N N 397 
THR C   O    doub N N 398 
THR C   OXT  sing N N 399 
THR CB  OG1  sing N N 400 
THR CB  CG2  sing N N 401 
THR CB  HB   sing N N 402 
THR OG1 HG1  sing N N 403 
THR CG2 HG21 sing N N 404 
THR CG2 HG22 sing N N 405 
THR CG2 HG23 sing N N 406 
THR OXT HXT  sing N N 407 
TRP N   CA   sing N N 408 
TRP N   H    sing N N 409 
TRP N   H2   sing N N 410 
TRP CA  C    sing N N 411 
TRP CA  CB   sing N N 412 
TRP CA  HA   sing N N 413 
TRP C   O    doub N N 414 
TRP C   OXT  sing N N 415 
TRP CB  CG   sing N N 416 
TRP CB  HB2  sing N N 417 
TRP CB  HB3  sing N N 418 
TRP CG  CD1  doub Y N 419 
TRP CG  CD2  sing Y N 420 
TRP CD1 NE1  sing Y N 421 
TRP CD1 HD1  sing N N 422 
TRP CD2 CE2  doub Y N 423 
TRP CD2 CE3  sing Y N 424 
TRP NE1 CE2  sing Y N 425 
TRP NE1 HE1  sing N N 426 
TRP CE2 CZ2  sing Y N 427 
TRP CE3 CZ3  doub Y N 428 
TRP CE3 HE3  sing N N 429 
TRP CZ2 CH2  doub Y N 430 
TRP CZ2 HZ2  sing N N 431 
TRP CZ3 CH2  sing Y N 432 
TRP CZ3 HZ3  sing N N 433 
TRP CH2 HH2  sing N N 434 
TRP OXT HXT  sing N N 435 
TYR N   CA   sing N N 436 
TYR N   H    sing N N 437 
TYR N   H2   sing N N 438 
TYR CA  C    sing N N 439 
TYR CA  CB   sing N N 440 
TYR CA  HA   sing N N 441 
TYR C   O    doub N N 442 
TYR C   OXT  sing N N 443 
TYR CB  CG   sing N N 444 
TYR CB  HB2  sing N N 445 
TYR CB  HB3  sing N N 446 
TYR CG  CD1  doub Y N 447 
TYR CG  CD2  sing Y N 448 
TYR CD1 CE1  sing Y N 449 
TYR CD1 HD1  sing N N 450 
TYR CD2 CE2  doub Y N 451 
TYR CD2 HD2  sing N N 452 
TYR CE1 CZ   doub Y N 453 
TYR CE1 HE1  sing N N 454 
TYR CE2 CZ   sing Y N 455 
TYR CE2 HE2  sing N N 456 
TYR CZ  OH   sing N N 457 
TYR OH  HH   sing N N 458 
TYR OXT HXT  sing N N 459 
VAL N   CA   sing N N 460 
VAL N   H    sing N N 461 
VAL N   H2   sing N N 462 
VAL CA  C    sing N N 463 
VAL CA  CB   sing N N 464 
VAL CA  HA   sing N N 465 
VAL C   O    doub N N 466 
VAL C   OXT  sing N N 467 
VAL CB  CG1  sing N N 468 
VAL CB  CG2  sing N N 469 
VAL CB  HB   sing N N 470 
VAL CG1 HG11 sing N N 471 
VAL CG1 HG12 sing N N 472 
VAL CG1 HG13 sing N N 473 
VAL CG2 HG21 sing N N 474 
VAL CG2 HG22 sing N N 475 
VAL CG2 HG23 sing N N 476 
VAL OXT HXT  sing N N 477 
# 
_pdbx_initial_refinement_model.accession_code   ? 
_pdbx_initial_refinement_model.id               1 
_pdbx_initial_refinement_model.entity_id_list   ? 
_pdbx_initial_refinement_model.type             'experimental model' 
_pdbx_initial_refinement_model.source_name      Other 
_pdbx_initial_refinement_model.details          'CRYSTAL STRUCTURE OF COXSACKIEVIURS B3 3C PROTEASE' 
# 
_atom_sites.entry_id                    3ZZ8 
_atom_sites.fract_transf_matrix[1][1]   -0.01078172 
_atom_sites.fract_transf_matrix[1][2]   -0.00831326 
_atom_sites.fract_transf_matrix[1][3]   0.00479503 
_atom_sites.fract_transf_matrix[2][1]   0.00968620 
_atom_sites.fract_transf_matrix[2][2]   -0.00651430 
_atom_sites.fract_transf_matrix[2][3]   0.01048565 
_atom_sites.fract_transf_matrix[3][1]   -0.01574548 
_atom_sites.fract_transf_matrix[3][2]   0.01057756 
_atom_sites.fract_transf_matrix[3][3]   0.02111642 
_atom_sites.fract_transf_vector[1]      -0.286853 
_atom_sites.fract_transf_vector[2]      0.003930 
_atom_sites.fract_transf_vector[3]      -0.474169 
# 
loop_
_atom_type.symbol 
C 
N 
O 
S 
# 
loop_
_atom_site.group_PDB 
_atom_site.id 
_atom_site.type_symbol 
_atom_site.label_atom_id 
_atom_site.label_alt_id 
_atom_site.label_comp_id 
_atom_site.label_asym_id 
_atom_site.label_entity_id 
_atom_site.label_seq_id 
_atom_site.pdbx_PDB_ins_code 
_atom_site.Cartn_x 
_atom_site.Cartn_y 
_atom_site.Cartn_z 
_atom_site.occupancy 
_atom_site.B_iso_or_equiv 
_atom_site.pdbx_formal_charge 
_atom_site.auth_seq_id 
_atom_site.auth_comp_id 
_atom_site.auth_asym_id 
_atom_site.auth_atom_id 
_atom_site.pdbx_PDB_model_num 
ATOM   1    N N   . MET A 1 1   ? 1.974   14.862  -14.774 1.00 41.56 ? 0    MET A N   1 
ATOM   2    C CA  . MET A 1 1   ? 2.610   14.720  -13.427 1.00 41.44 ? 0    MET A CA  1 
ATOM   3    C C   . MET A 1 1   ? 1.961   15.600  -12.364 1.00 39.81 ? 0    MET A C   1 
ATOM   4    O O   . MET A 1 1   ? 1.681   15.138  -11.266 1.00 39.98 ? 0    MET A O   1 
ATOM   5    C CB  . MET A 1 1   ? 4.112   14.963  -13.528 1.00 42.33 ? 0    MET A CB  1 
ATOM   6    C CG  . MET A 1 1   ? 4.859   13.752  -14.014 1.00 45.41 ? 0    MET A CG  1 
ATOM   7    S SD  . MET A 1 1   ? 5.698   12.965  -12.621 1.00 53.37 ? 0    MET A SD  1 
ATOM   8    C CE  . MET A 1 1   ? 7.353   13.573  -12.976 1.00 50.49 ? 0    MET A CE  1 
ATOM   9    N N   . GLY A 1 2   ? 1.707   16.864  -12.702 1.00 38.63 ? 1    GLY A N   1 
ATOM   10   C CA  . GLY A 1 2   ? 0.970   17.782  -11.839 1.00 36.89 ? 1    GLY A CA  1 
ATOM   11   C C   . GLY A 1 2   ? -0.307  17.175  -11.266 1.00 36.67 ? 1    GLY A C   1 
ATOM   12   O O   . GLY A 1 2   ? -0.463  17.089  -10.044 1.00 36.83 ? 1    GLY A O   1 
ATOM   13   N N   . PRO A 1 3   ? -1.263  16.774  -12.130 1.00 35.85 ? 2    PRO A N   1 
ATOM   14   C CA  . PRO A 1 3   ? -2.522  16.309  -11.525 1.00 34.94 ? 2    PRO A CA  1 
ATOM   15   C C   . PRO A 1 3   ? -2.403  15.018  -10.670 1.00 33.46 ? 2    PRO A C   1 
ATOM   16   O O   . PRO A 1 3   ? -3.193  14.796  -9.738  1.00 34.61 ? 2    PRO A O   1 
ATOM   17   C CB  . PRO A 1 3   ? -3.428  16.106  -12.761 1.00 35.55 ? 2    PRO A CB  1 
ATOM   18   C CG  . PRO A 1 3   ? -2.936  17.140  -13.714 1.00 35.81 ? 2    PRO A CG  1 
ATOM   19   C CD  . PRO A 1 3   ? -1.417  16.973  -13.586 1.00 35.64 ? 2    PRO A CD  1 
ATOM   20   N N   . ALA A 1 4   ? -1.428  14.193  -11.002 1.00 32.04 ? 3    ALA A N   1 
ATOM   21   C CA  . ALA A 1 4   ? -1.116  12.969  -10.284 1.00 31.09 ? 3    ALA A CA  1 
ATOM   22   C C   . ALA A 1 4   ? -0.616  13.297  -8.861  1.00 29.76 ? 3    ALA A C   1 
ATOM   23   O O   . ALA A 1 4   ? -0.974  12.623  -7.896  1.00 28.58 ? 3    ALA A O   1 
ATOM   24   C CB  . ALA A 1 4   ? -0.060  12.195  -11.070 1.00 29.89 ? 3    ALA A CB  1 
ATOM   25   N N   . PHE A 1 5   ? 0.204   14.345  -8.753  1.00 29.95 ? 4    PHE A N   1 
ATOM   26   C CA  . PHE A 1 5   ? 0.621   14.830  -7.439  1.00 29.44 ? 4    PHE A CA  1 
ATOM   27   C C   . PHE A 1 5   ? -0.524  15.409  -6.689  1.00 28.37 ? 4    PHE A C   1 
ATOM   28   O O   . PHE A 1 5   ? -0.688  15.133  -5.514  1.00 25.96 ? 4    PHE A O   1 
ATOM   29   C CB  . PHE A 1 5   ? 1.747   15.864  -7.556  1.00 30.67 ? 4    PHE A CB  1 
ATOM   30   C CG  . PHE A 1 5   ? 2.216   16.445  -6.232  1.00 33.59 ? 4    PHE A CG  1 
ATOM   31   C CD1 . PHE A 1 5   ? 3.150   15.763  -5.439  1.00 35.87 ? 4    PHE A CD1 1 
ATOM   32   C CD2 . PHE A 1 5   ? 1.776   17.729  -5.792  1.00 36.45 ? 4    PHE A CD2 1 
ATOM   33   C CE1 . PHE A 1 5   ? 3.653   16.357  -4.217  1.00 37.59 ? 4    PHE A CE1 1 
ATOM   34   C CE2 . PHE A 1 5   ? 2.297   18.308  -4.606  1.00 36.46 ? 4    PHE A CE2 1 
ATOM   35   C CZ  . PHE A 1 5   ? 3.216   17.621  -3.828  1.00 36.42 ? 4    PHE A CZ  1 
ATOM   36   N N   . GLU A 1 6   ? -1.351  16.227  -7.368  1.00 28.52 ? 5    GLU A N   1 
ATOM   37   C CA  . GLU A 1 6   ? -2.505  16.838  -6.712  1.00 27.51 ? 5    GLU A CA  1 
ATOM   38   C C   . GLU A 1 6   ? -3.448  15.765  -6.156  1.00 25.94 ? 5    GLU A C   1 
ATOM   39   O O   . GLU A 1 6   ? -3.928  15.891  -5.022  1.00 23.99 ? 5    GLU A O   1 
ATOM   40   C CB  . GLU A 1 6   ? -3.255  17.718  -7.721  1.00 29.14 ? 5    GLU A CB  1 
ATOM   41   C CG  . GLU A 1 6   ? -3.404  19.108  -7.245  1.00 33.06 ? 5    GLU A CG  1 
ATOM   42   C CD  . GLU A 1 6   ? -4.063  19.996  -8.285  1.00 35.98 ? 5    GLU A CD  1 
ATOM   43   O OE1 . GLU A 1 6   ? -3.550  20.139  -9.426  1.00 36.04 ? 5    GLU A OE1 1 
ATOM   44   O OE2 . GLU A 1 6   ? -5.138  20.485  -7.956  1.00 36.97 ? 5    GLU A OE2 1 
ATOM   45   N N   . PHE A 1 7   ? -3.712  14.739  -6.972  1.00 24.93 ? 6    PHE A N   1 
ATOM   46   C CA  . PHE A 1 7   ? -4.528  13.581  -6.605  1.00 24.45 ? 6    PHE A CA  1 
ATOM   47   C C   . PHE A 1 7   ? -3.889  12.869  -5.392  1.00 23.17 ? 6    PHE A C   1 
ATOM   48   O O   . PHE A 1 7   ? -4.567  12.594  -4.384  1.00 20.68 ? 6    PHE A O   1 
ATOM   49   C CB  . PHE A 1 7   ? -4.688  12.590  -7.781  1.00 23.10 ? 6    PHE A CB  1 
ATOM   50   C CG  . PHE A 1 7   ? -5.356  11.273  -7.401  1.00 24.64 ? 6    PHE A CG  1 
ATOM   51   C CD1 . PHE A 1 7   ? -6.751  11.183  -7.264  1.00 27.25 ? 6    PHE A CD1 1 
ATOM   52   C CD2 . PHE A 1 7   ? -4.614  10.109  -7.227  1.00 25.90 ? 6    PHE A CD2 1 
ATOM   53   C CE1 . PHE A 1 7   ? -7.358  9.967   -6.932  1.00 25.68 ? 6    PHE A CE1 1 
ATOM   54   C CE2 . PHE A 1 7   ? -5.206  8.905   -6.899  1.00 25.59 ? 6    PHE A CE2 1 
ATOM   55   C CZ  . PHE A 1 7   ? -6.587  8.810   -6.735  1.00 24.49 ? 6    PHE A CZ  1 
ATOM   56   N N   . ALA A 1 8   ? -2.595  12.614  -5.489  1.00 22.86 ? 7    ALA A N   1 
ATOM   57   C CA  . ALA A 1 8   ? -1.891  11.879  -4.399  1.00 23.55 ? 7    ALA A CA  1 
ATOM   58   C C   . ALA A 1 8   ? -1.961  12.592  -3.085  1.00 24.40 ? 7    ALA A C   1 
ATOM   59   O O   . ALA A 1 8   ? -2.189  11.977  -2.033  1.00 23.46 ? 7    ALA A O   1 
ATOM   60   C CB  . ALA A 1 8   ? -0.400  11.621  -4.781  1.00 23.25 ? 7    ALA A CB  1 
ATOM   61   N N   . VAL A 1 9   ? -1.742  13.910  -3.102  1.00 23.60 ? 8    VAL A N   1 
ATOM   62   C CA  . VAL A 1 9   ? -1.798  14.684  -1.861  1.00 23.81 ? 8    VAL A CA  1 
ATOM   63   C C   . VAL A 1 9   ? -3.131  14.621  -1.177  1.00 24.31 ? 8    VAL A C   1 
ATOM   64   O O   . VAL A 1 9   ? -3.186  14.428  0.036   1.00 24.52 ? 8    VAL A O   1 
ATOM   65   C CB  . VAL A 1 9   ? -1.350  16.197  -2.074  1.00 24.97 ? 8    VAL A CB  1 
ATOM   66   C CG1 . VAL A 1 9   ? -1.630  17.074  -0.838  1.00 26.46 ? 8    VAL A CG1 1 
ATOM   67   C CG2 . VAL A 1 9   ? 0.121   16.236  -2.372  1.00 23.77 ? 8    VAL A CG2 1 
ATOM   68   N N   . ALA A 1 10  ? -4.212  14.794  -1.955  1.00 24.84 ? 9    ALA A N   1 
ATOM   69   C CA  . ALA A 1 10  ? -5.559  14.732  -1.407  1.00 24.40 ? 9    ALA A CA  1 
ATOM   70   C C   . ALA A 1 10  ? -5.895  13.312  -0.898  1.00 24.60 ? 9    ALA A C   1 
ATOM   71   O O   . ALA A 1 10  ? -6.591  13.155  0.125   1.00 23.54 ? 9    ALA A O   1 
ATOM   72   C CB  . ALA A 1 10  ? -6.543  15.131  -2.436  1.00 25.60 ? 9    ALA A CB  1 
ATOM   73   N N   . MET A 1 11  ? -5.470  12.275  -1.639  1.00 22.66 ? 10   MET A N   1 
ATOM   74   C CA  . MET A 1 11  ? -5.653  10.868  -1.133  1.00 23.13 ? 10   MET A CA  1 
ATOM   75   C C   . MET A 1 11  ? -4.942  10.608  0.214   1.00 22.79 ? 10   MET A C   1 
ATOM   76   O O   . MET A 1 11  ? -5.538  10.015  1.146   1.00 23.60 ? 10   MET A O   1 
ATOM   77   C CB  . MET A 1 11  ? -5.153  9.882   -2.180  1.00 21.43 ? 10   MET A CB  1 
ATOM   78   C CG  . MET A 1 11  ? -5.298  8.415   -1.816  1.00 21.33 ? 10   MET A CG  1 
ATOM   79   S SD  . MET A 1 11  ? -7.077  8.058   -1.566  1.00 25.67 ? 10   MET A SD  1 
ATOM   80   C CE  . MET A 1 11  ? -7.634  8.038   -3.228  1.00 25.19 ? 10   MET A CE  1 
ATOM   81   N N   . MET A 1 12  ? -3.692  11.056  0.351   1.00 22.67 ? 11   MET A N   1 
ATOM   82   C CA  . MET A 1 12  ? -2.955  10.827  1.612   1.00 23.52 ? 11   MET A CA  1 
ATOM   83   C C   . MET A 1 12  ? -3.580  11.594  2.766   1.00 24.85 ? 11   MET A C   1 
ATOM   84   O O   . MET A 1 12  ? -3.710  11.084  3.884   1.00 25.14 ? 11   MET A O   1 
ATOM   85   C CB  . MET A 1 12  ? -1.480  11.181  1.465   1.00 22.38 ? 11   MET A CB  1 
ATOM   86   C CG  . MET A 1 12  ? -0.727  10.322  0.359   1.00 21.23 ? 11   MET A CG  1 
ATOM   87   S SD  . MET A 1 12  ? -0.876  8.512   0.624   1.00 24.71 ? 11   MET A SD  1 
ATOM   88   C CE  . MET A 1 12  ? 0.393   8.352   1.850   1.00 24.62 ? 11   MET A CE  1 
ATOM   89   N N   . LYS A 1 13  ? -4.091  12.788  2.462   1.00 26.75 ? 12   LYS A N   1 
ATOM   90   C CA  . LYS A 1 13  ? -4.707  13.606  3.493   1.00 27.11 ? 12   LYS A CA  1 
ATOM   91   C C   . LYS A 1 13  ? -5.960  12.915  4.056   1.00 28.48 ? 12   LYS A C   1 
ATOM   92   O O   . LYS A 1 13  ? -6.111  12.814  5.259   1.00 27.95 ? 12   LYS A O   1 
ATOM   93   C CB  . LYS A 1 13  ? -5.028  14.977  2.903   1.00 28.90 ? 12   LYS A CB  1 
ATOM   94   C CG  . LYS A 1 13  ? -5.533  16.060  3.834   1.00 32.31 ? 12   LYS A CG  1 
ATOM   95   C CD  . LYS A 1 13  ? -5.378  17.414  3.134   1.00 39.55 ? 12   LYS A CD  1 
ATOM   96   C CE  . LYS A 1 13  ? -5.289  18.550  4.181   1.00 42.57 ? 12   LYS A CE  1 
ATOM   97   N NZ  . LYS A 1 13  ? -6.530  18.518  5.048   1.00 44.53 ? 12   LYS A NZ  1 
ATOM   98   N N   . ARG A 1 14  ? -6.824  12.442  3.171   1.00 28.83 ? 13   ARG A N   1 
ATOM   99   C CA  . ARG A 1 14  ? -8.111  11.835  3.500   1.00 29.02 ? 13   ARG A CA  1 
ATOM   100  C C   . ARG A 1 14  ? -7.995  10.399  4.029   1.00 28.38 ? 13   ARG A C   1 
ATOM   101  O O   . ARG A 1 14  ? -8.630  10.029  5.028   1.00 27.71 ? 13   ARG A O   1 
ATOM   102  C CB  . ARG A 1 14  ? -8.953  11.874  2.223   1.00 31.04 ? 13   ARG A CB  1 
ATOM   103  C CG  . ARG A 1 14  ? -10.444 11.584  2.360   1.00 32.87 ? 13   ARG A CG  1 
ATOM   104  C CD  . ARG A 1 14  ? -11.188 12.848  2.874   1.00 42.87 ? 13   ARG A CD  1 
ATOM   105  N NE  . ARG A 1 14  ? -12.543 12.503  3.308   1.00 43.19 ? 13   ARG A NE  1 
ATOM   106  C CZ  . ARG A 1 14  ? -13.644 12.810  2.624   1.00 47.93 ? 13   ARG A CZ  1 
ATOM   107  N NH1 . ARG A 1 14  ? -13.546 13.508  1.493   1.00 47.44 ? 13   ARG A NH1 1 
ATOM   108  N NH2 . ARG A 1 14  ? -14.845 12.446  3.087   1.00 47.54 ? 13   ARG A NH2 1 
ATOM   109  N N   . ASN A 1 15  ? -7.122  9.594   3.417   1.00 26.62 ? 14   ASN A N   1 
ATOM   110  C CA  . ASN A 1 15  ? -7.195  8.140   3.681   1.00 26.82 ? 14   ASN A CA  1 
ATOM   111  C C   . ASN A 1 15  ? -5.971  7.481   4.298   1.00 26.20 ? 14   ASN A C   1 
ATOM   112  O O   . ASN A 1 15  ? -6.033  6.301   4.650   1.00 25.88 ? 14   ASN A O   1 
ATOM   113  C CB  . ASN A 1 15  ? -7.567  7.416   2.388   1.00 26.26 ? 14   ASN A CB  1 
ATOM   114  C CG  . ASN A 1 15  ? -9.031  7.425   2.140   1.00 28.60 ? 14   ASN A CG  1 
ATOM   115  O OD1 . ASN A 1 15  ? -9.699  6.397   2.314   1.00 34.89 ? 14   ASN A OD1 1 
ATOM   116  N ND2 . ASN A 1 15  ? -9.561  8.600   1.747   1.00 26.30 ? 14   ASN A ND2 1 
ATOM   117  N N   . SER A 1 16  ? -4.865  8.221   4.466   1.00 26.48 ? 15   SER A N   1 
ATOM   118  C CA  . SER A 1 16  ? -3.620  7.567   4.923   1.00 25.65 ? 15   SER A CA  1 
ATOM   119  C C   . SER A 1 16  ? -3.278  7.890   6.349   1.00 26.38 ? 15   SER A C   1 
ATOM   120  O O   . SER A 1 16  ? -3.771  8.889   6.892   1.00 27.17 ? 15   SER A O   1 
ATOM   121  C CB  . SER A 1 16  ? -2.429  7.940   4.029   1.00 24.68 ? 15   SER A CB  1 
ATOM   122  O OG  . SER A 1 16  ? -1.858  9.178   4.445   1.00 24.82 ? 15   SER A OG  1 
ATOM   123  N N   . SER A 1 17  ? -2.439  7.046   6.958   1.00 26.25 ? 16   SER A N   1 
ATOM   124  C CA  . SER A 1 17  ? -2.043  7.147   8.371   1.00 26.24 ? 16   SER A CA  1 
ATOM   125  C C   . SER A 1 17  ? -0.670  6.499   8.557   1.00 26.65 ? 16   SER A C   1 
ATOM   126  O O   . SER A 1 17  ? -0.161  5.804   7.654   1.00 25.44 ? 16   SER A O   1 
ATOM   127  C CB  . SER A 1 17  ? -3.088  6.531   9.313   1.00 27.56 ? 16   SER A CB  1 
ATOM   128  O OG  . SER A 1 17  ? -3.208  5.127   9.148   1.00 25.43 ? 16   SER A OG  1 
ATOM   129  N N   . THR A 1 18  ? -0.035  6.756   9.693   1.00 26.98 ? 17   THR A N   1 
ATOM   130  C CA  . THR A 1 18  ? 1.295   6.179   9.970   1.00 27.22 ? 17   THR A CA  1 
ATOM   131  C C   . THR A 1 18  ? 1.038   5.086   10.974  1.00 27.76 ? 17   THR A C   1 
ATOM   132  O O   . THR A 1 18  ? 0.309   5.279   11.962  1.00 27.00 ? 17   THR A O   1 
ATOM   133  C CB  . THR A 1 18  ? 2.278   7.209   10.556  1.00 28.58 ? 17   THR A CB  1 
ATOM   134  O OG1 . THR A 1 18  ? 2.418   8.310   9.635   1.00 27.25 ? 17   THR A OG1 1 
ATOM   135  C CG2 . THR A 1 18  ? 3.685   6.572   10.837  1.00 27.28 ? 17   THR A CG2 1 
ATOM   136  N N   . VAL A 1 19  ? 1.593   3.909   10.693  1.00 27.44 ? 18   VAL A N   1 
ATOM   137  C CA  . VAL A 1 19  ? 1.301   2.759   11.539  1.00 28.25 ? 18   VAL A CA  1 
ATOM   138  C C   . VAL A 1 19  ? 2.590   2.194   12.021  1.00 28.21 ? 18   VAL A C   1 
ATOM   139  O O   . VAL A 1 19  ? 3.572   2.092   11.247  1.00 28.22 ? 18   VAL A O   1 
ATOM   140  C CB  . VAL A 1 19  ? 0.429   1.672   10.835  1.00 27.95 ? 18   VAL A CB  1 
ATOM   141  C CG1 . VAL A 1 19  ? 0.523   0.330   11.547  1.00 29.47 ? 18   VAL A CG1 1 
ATOM   142  C CG2 . VAL A 1 19  ? -1.007  2.126   10.859  1.00 29.03 ? 18   VAL A CG2 1 
ATOM   143  N N   . LYS A 1 20  ? 2.610   1.867   13.304  1.00 27.25 ? 19   LYS A N   1 
ATOM   144  C CA  . LYS A 1 20  ? 3.744   1.125   13.837  1.00 29.57 ? 19   LYS A CA  1 
ATOM   145  C C   . LYS A 1 20  ? 3.307   -0.270  14.342  1.00 29.35 ? 19   LYS A C   1 
ATOM   146  O O   . LYS A 1 20  ? 2.295   -0.407  15.044  1.00 29.97 ? 19   LYS A O   1 
ATOM   147  C CB  . LYS A 1 20  ? 4.454   1.904   14.933  1.00 30.08 ? 19   LYS A CB  1 
ATOM   148  C CG  . LYS A 1 20  ? 5.899   1.458   15.050  1.00 34.53 ? 19   LYS A CG  1 
ATOM   149  C CD  . LYS A 1 20  ? 6.635   2.030   16.300  1.00 40.16 ? 19   LYS A CD  1 
ATOM   150  C CE  . LYS A 1 20  ? 8.010   1.294   16.488  1.00 42.21 ? 19   LYS A CE  1 
ATOM   151  N NZ  . LYS A 1 20  ? 7.858   -0.236  16.408  1.00 42.93 ? 19   LYS A NZ  1 
ATOM   152  N N   . THR A 1 21  ? 4.056   -1.286  13.929  1.00 29.13 ? 20   THR A N   1 
ATOM   153  C CA  . THR A 1 21  ? 3.858   -2.645  14.418  1.00 28.72 ? 20   THR A CA  1 
ATOM   154  C C   . THR A 1 21  ? 5.191   -3.072  15.018  1.00 28.97 ? 20   THR A C   1 
ATOM   155  O O   . THR A 1 21  ? 6.228   -2.397  14.865  1.00 29.37 ? 20   THR A O   1 
ATOM   156  C CB  . THR A 1 21  ? 3.482   -3.669  13.297  1.00 28.24 ? 20   THR A CB  1 
ATOM   157  O OG1 . THR A 1 21  ? 4.640   -3.953  12.515  1.00 26.12 ? 20   THR A OG1 1 
ATOM   158  C CG2 . THR A 1 21  ? 2.382   -3.154  12.388  1.00 28.57 ? 20   THR A CG2 1 
ATOM   159  N N   . GLU A 1 22  ? 5.188   -4.259  15.610  1.00 28.59 ? 21   GLU A N   1 
ATOM   160  C CA  . GLU A 1 22  ? 6.384   -4.828  16.172  1.00 28.76 ? 21   GLU A CA  1 
ATOM   161  C C   . GLU A 1 22  ? 7.435   -4.952  15.106  1.00 28.18 ? 21   GLU A C   1 
ATOM   162  O O   . GLU A 1 22  ? 8.612   -5.057  15.419  1.00 28.04 ? 21   GLU A O   1 
ATOM   163  C CB  . GLU A 1 22  ? 6.073   -6.230  16.722  1.00 30.92 ? 21   GLU A CB  1 
ATOM   164  C CG  . GLU A 1 22  ? 5.223   -6.237  18.004  1.00 36.31 ? 21   GLU A CG  1 
ATOM   165  C CD  . GLU A 1 22  ? 3.789   -6.621  17.733  1.00 44.60 ? 21   GLU A CD  1 
ATOM   166  O OE1 . GLU A 1 22  ? 3.112   -5.889  16.975  1.00 46.13 ? 21   GLU A OE1 1 
ATOM   167  O OE2 . GLU A 1 22  ? 3.331   -7.666  18.269  1.00 50.24 ? 21   GLU A OE2 1 
ATOM   168  N N   . TYR A 1 23  ? 7.002   -4.917  13.845  1.00 27.66 ? 22   TYR A N   1 
ATOM   169  C CA  . TYR A 1 23  ? 7.894   -5.116  12.660  1.00 26.98 ? 22   TYR A CA  1 
ATOM   170  C C   . TYR A 1 23  ? 8.425   -3.810  11.974  1.00 28.05 ? 22   TYR A C   1 
ATOM   171  O O   . TYR A 1 23  ? 9.301   -3.831  11.067  1.00 26.28 ? 22   TYR A O   1 
ATOM   172  C CB  . TYR A 1 23  ? 7.204   -6.072  11.664  1.00 28.16 ? 22   TYR A CB  1 
ATOM   173  C CG  . TYR A 1 23  ? 7.459   -7.508  12.096  1.00 28.61 ? 22   TYR A CG  1 
ATOM   174  C CD1 . TYR A 1 23  ? 6.713   -8.081  13.096  1.00 28.60 ? 22   TYR A CD1 1 
ATOM   175  C CD2 . TYR A 1 23  ? 8.559   -8.219  11.596  1.00 29.08 ? 22   TYR A CD2 1 
ATOM   176  C CE1 . TYR A 1 23  ? 7.020   -9.386  13.552  1.00 27.84 ? 22   TYR A CE1 1 
ATOM   177  C CE2 . TYR A 1 23  ? 8.864   -9.513  12.039  1.00 26.42 ? 22   TYR A CE2 1 
ATOM   178  C CZ  . TYR A 1 23  ? 8.095   -10.067 13.031  1.00 29.38 ? 22   TYR A CZ  1 
ATOM   179  O OH  . TYR A 1 23  ? 8.398   -11.337 13.497  1.00 27.62 ? 22   TYR A OH  1 
ATOM   180  N N   . GLY A 1 24  ? 7.905   -2.667  12.421  1.00 26.70 ? 23   GLY A N   1 
ATOM   181  C CA  . GLY A 1 24  ? 8.497   -1.384  11.979  1.00 25.06 ? 23   GLY A CA  1 
ATOM   182  C C   . GLY A 1 24  ? 7.411   -0.360  11.822  1.00 25.15 ? 23   GLY A C   1 
ATOM   183  O O   . GLY A 1 24  ? 6.302   -0.538  12.353  1.00 24.73 ? 23   GLY A O   1 
ATOM   184  N N   . GLU A 1 25  ? 7.721   0.685   11.062  1.00 24.08 ? 24   GLU A N   1 
ATOM   185  C CA  . GLU A 1 25  ? 6.783   1.769   10.824  1.00 24.54 ? 24   GLU A CA  1 
ATOM   186  C C   . GLU A 1 25  ? 6.341   1.766   9.377   1.00 22.41 ? 24   GLU A C   1 
ATOM   187  O O   . GLU A 1 25  ? 7.173   1.628   8.454   1.00 24.11 ? 24   GLU A O   1 
ATOM   188  C CB  . GLU A 1 25  ? 7.445   3.101   11.132  1.00 25.82 ? 24   GLU A CB  1 
ATOM   189  C CG  . GLU A 1 25  ? 6.458   4.232   11.164  1.00 29.04 ? 24   GLU A CG  1 
ATOM   190  C CD  . GLU A 1 25  ? 7.101   5.526   11.627  1.00 34.59 ? 24   GLU A CD  1 
ATOM   191  O OE1 . GLU A 1 25  ? 8.345   5.661   11.550  1.00 34.12 ? 24   GLU A OE1 1 
ATOM   192  O OE2 . GLU A 1 25  ? 6.358   6.370   12.111  1.00 36.53 ? 24   GLU A OE2 1 
ATOM   193  N N   . PHE A 1 26  ? 5.060   1.943   9.162   1.00 21.37 ? 25   PHE A N   1 
ATOM   194  C CA  . PHE A 1 26  ? 4.545   1.831   7.786   1.00 21.86 ? 25   PHE A CA  1 
ATOM   195  C C   . PHE A 1 26  ? 3.583   2.925   7.446   1.00 21.91 ? 25   PHE A C   1 
ATOM   196  O O   . PHE A 1 26  ? 2.942   3.488   8.342   1.00 23.95 ? 25   PHE A O   1 
ATOM   197  C CB  . PHE A 1 26  ? 3.844   0.466   7.590   1.00 21.75 ? 25   PHE A CB  1 
ATOM   198  C CG  . PHE A 1 26  ? 4.758   -0.719  7.907   1.00 21.89 ? 25   PHE A CG  1 
ATOM   199  C CD1 . PHE A 1 26  ? 5.605   -1.246  6.886   1.00 22.32 ? 25   PHE A CD1 1 
ATOM   200  C CD2 . PHE A 1 26  ? 4.849   -1.231  9.215   1.00 25.25 ? 25   PHE A CD2 1 
ATOM   201  C CE1 . PHE A 1 26  ? 6.470   -2.310  7.140   1.00 27.45 ? 25   PHE A CE1 1 
ATOM   202  C CE2 . PHE A 1 26  ? 5.751   -2.335  9.497   1.00 24.57 ? 25   PHE A CE2 1 
ATOM   203  C CZ  . PHE A 1 26  ? 6.554   -2.864  8.435   1.00 28.54 ? 25   PHE A CZ  1 
ATOM   204  N N   . THR A 1 27  ? 3.436   3.166   6.154   1.00 20.95 ? 26   THR A N   1 
ATOM   205  C CA  . THR A 1 27  ? 2.293   3.953   5.666   1.00 21.96 ? 26   THR A CA  1 
ATOM   206  C C   . THR A 1 27  ? 1.088   3.024   5.555   1.00 22.65 ? 26   THR A C   1 
ATOM   207  O O   . THR A 1 27  ? 1.220   1.882   5.072   1.00 22.22 ? 26   THR A O   1 
ATOM   208  C CB  . THR A 1 27  ? 2.578   4.524   4.286   1.00 23.52 ? 26   THR A CB  1 
ATOM   209  O OG1 . THR A 1 27  ? 3.715   5.329   4.379   1.00 23.72 ? 26   THR A OG1 1 
ATOM   210  C CG2 . THR A 1 27  ? 1.432   5.419   3.864   1.00 22.62 ? 26   THR A CG2 1 
ATOM   211  N N   . MET A 1 28  ? -0.072  3.479   6.043   1.00 21.69 ? 27   MET A N   1 
ATOM   212  C CA  . MET A 1 28  ? -1.320  2.680   5.960   1.00 22.08 ? 27   MET A CA  1 
ATOM   213  C C   . MET A 1 28  ? -2.438  3.427   5.202   1.00 22.23 ? 27   MET A C   1 
ATOM   214  O O   . MET A 1 28  ? -2.738  4.606   5.481   1.00 21.30 ? 27   MET A O   1 
ATOM   215  C CB  . MET A 1 28  ? -1.813  2.252   7.362   1.00 21.56 ? 27   MET A CB  1 
ATOM   216  C CG  . MET A 1 28  ? -3.059  1.328   7.252   1.00 22.58 ? 27   MET A CG  1 
ATOM   217  S SD  . MET A 1 28  ? -3.598  0.591   8.806   1.00 28.81 ? 27   MET A SD  1 
ATOM   218  C CE  . MET A 1 28  ? -4.519  1.933   9.521   1.00 27.70 ? 27   MET A CE  1 
ATOM   219  N N   . LEU A 1 29  ? -3.063  2.715   4.260   1.00 23.11 ? 28   LEU A N   1 
ATOM   220  C CA  . LEU A 1 29  ? -4.135  3.280   3.434   1.00 22.82 ? 28   LEU A CA  1 
ATOM   221  C C   . LEU A 1 29  ? -5.465  2.676   3.837   1.00 22.19 ? 28   LEU A C   1 
ATOM   222  O O   . LEU A 1 29  ? -5.664  1.435   3.805   1.00 24.06 ? 28   LEU A O   1 
ATOM   223  C CB  . LEU A 1 29  ? -3.945  3.034   1.929   1.00 21.91 ? 28   LEU A CB  1 
ATOM   224  C CG  . LEU A 1 29  ? -4.936  3.767   0.990   1.00 23.04 ? 28   LEU A CG  1 
ATOM   225  C CD1 . LEU A 1 29  ? -4.792  5.322   0.991   1.00 22.23 ? 28   LEU A CD1 1 
ATOM   226  C CD2 . LEU A 1 29  ? -4.879  3.154   -0.458  1.00 22.75 ? 28   LEU A CD2 1 
ATOM   227  N N   . GLY A 1 30  ? -6.362  3.558   4.259   1.00 22.71 ? 29   GLY A N   1 
ATOM   228  C CA  . GLY A 1 30  ? -7.694  3.155   4.627   1.00 23.45 ? 29   GLY A CA  1 
ATOM   229  C C   . GLY A 1 30  ? -8.481  3.050   3.347   1.00 24.01 ? 29   GLY A C   1 
ATOM   230  O O   . GLY A 1 30  ? -8.332  3.916   2.481   1.00 25.30 ? 29   GLY A O   1 
ATOM   231  N N   . ILE A 1 31  ? -9.308  2.010   3.220   1.00 24.50 ? 30   ILE A N   1 
ATOM   232  C CA  . ILE A 1 31  ? -10.003 1.719   1.937   1.00 27.18 ? 30   ILE A CA  1 
ATOM   233  C C   . ILE A 1 31  ? -11.540 2.019   1.940   1.00 27.42 ? 30   ILE A C   1 
ATOM   234  O O   . ILE A 1 31  ? -12.042 2.730   1.078   1.00 25.74 ? 30   ILE A O   1 
ATOM   235  C CB  . ILE A 1 31  ? -9.772  0.259   1.516   1.00 27.21 ? 30   ILE A CB  1 
ATOM   236  C CG1 . ILE A 1 31  ? -8.290  -0.125  1.591   1.00 27.97 ? 30   ILE A CG1 1 
ATOM   237  C CG2 . ILE A 1 31  ? -10.365 -0.036  0.126   1.00 28.90 ? 30   ILE A CG2 1 
ATOM   238  C CD1 . ILE A 1 31  ? -7.360  0.479   0.463   1.00 29.51 ? 30   ILE A CD1 1 
ATOM   239  N N   . TYR A 1 32  ? -12.263 1.462   2.906   1.00 28.78 ? 31   TYR A N   1 
ATOM   240  C CA  . TYR A 1 32  ? -13.702 1.746   3.046   1.00 31.07 ? 31   TYR A CA  1 
ATOM   241  C C   . TYR A 1 32  ? -14.156 1.289   4.428   1.00 31.93 ? 31   TYR A C   1 
ATOM   242  O O   . TYR A 1 32  ? -13.520 0.408   5.071   1.00 30.47 ? 31   TYR A O   1 
ATOM   243  C CB  . TYR A 1 32  ? -14.524 1.054   1.930   1.00 30.87 ? 31   TYR A CB  1 
ATOM   244  C CG  . TYR A 1 32  ? -14.771 -0.421  2.176   1.00 35.02 ? 31   TYR A CG  1 
ATOM   245  C CD1 . TYR A 1 32  ? -13.773 -1.361  1.956   1.00 38.70 ? 31   TYR A CD1 1 
ATOM   246  C CD2 . TYR A 1 32  ? -16.010 -0.875  2.673   1.00 38.42 ? 31   TYR A CD2 1 
ATOM   247  C CE1 . TYR A 1 32  ? -13.982 -2.704  2.196   1.00 41.34 ? 31   TYR A CE1 1 
ATOM   248  C CE2 . TYR A 1 32  ? -16.229 -2.234  2.923   1.00 38.65 ? 31   TYR A CE2 1 
ATOM   249  C CZ  . TYR A 1 32  ? -15.213 -3.131  2.684   1.00 39.00 ? 31   TYR A CZ  1 
ATOM   250  O OH  . TYR A 1 32  ? -15.387 -4.477  2.890   1.00 40.85 ? 31   TYR A OH  1 
ATOM   251  N N   . ASP A 1 33  ? -15.239 1.880   4.932   1.00 34.34 ? 32   ASP A N   1 
ATOM   252  C CA  . ASP A 1 33  ? -15.731 1.390   6.196   1.00 35.67 ? 32   ASP A CA  1 
ATOM   253  C C   . ASP A 1 33  ? -14.557 1.481   7.193   1.00 35.40 ? 32   ASP A C   1 
ATOM   254  O O   . ASP A 1 33  ? -13.929 2.544   7.339   1.00 34.01 ? 32   ASP A O   1 
ATOM   255  C CB  . ASP A 1 33  ? -16.169 -0.075  6.003   1.00 37.71 ? 32   ASP A CB  1 
ATOM   256  C CG  . ASP A 1 33  ? -16.628 -0.739  7.285   1.00 41.30 ? 32   ASP A CG  1 
ATOM   257  O OD1 . ASP A 1 33  ? -17.535 -0.163  7.914   1.00 44.85 ? 32   ASP A OD1 1 
ATOM   258  O OD2 . ASP A 1 33  ? -16.086 -1.840  7.632   1.00 44.29 ? 32   ASP A OD2 1 
ATOM   259  N N   . ARG A 1 34  ? -14.235 0.354   7.831   1.00 35.30 ? 33   ARG A N   1 
ATOM   260  C CA  . ARG A 1 34  ? -13.163 0.316   8.817   1.00 35.99 ? 33   ARG A CA  1 
ATOM   261  C C   . ARG A 1 34  ? -12.031 -0.587  8.344   1.00 34.48 ? 33   ARG A C   1 
ATOM   262  O O   . ARG A 1 34  ? -11.253 -1.075  9.155   1.00 35.47 ? 33   ARG A O   1 
ATOM   263  C CB  . ARG A 1 34  ? -13.698 -0.167  10.183  1.00 35.74 ? 33   ARG A CB  1 
ATOM   264  C CG  . ARG A 1 34  ? -14.359 0.912   11.021  1.00 39.47 ? 33   ARG A CG  1 
ATOM   265  C CD  . ARG A 1 34  ? -15.871 0.999   10.793  1.00 41.71 ? 33   ARG A CD  1 
ATOM   266  N NE  . ARG A 1 34  ? -16.518 1.847   11.799  1.00 46.99 ? 33   ARG A NE  1 
ATOM   267  C CZ  . ARG A 1 34  ? -17.837 2.018   11.921  1.00 47.77 ? 33   ARG A CZ  1 
ATOM   268  N NH1 . ARG A 1 34  ? -18.681 1.390   11.107  1.00 48.48 ? 33   ARG A NH1 1 
ATOM   269  N NH2 . ARG A 1 34  ? -18.314 2.825   12.859  1.00 47.98 ? 33   ARG A NH2 1 
ATOM   270  N N   . TRP A 1 35  ? -11.951 -0.819  7.035   1.00 33.61 ? 34   TRP A N   1 
ATOM   271  C CA  . TRP A 1 35  ? -10.945 -1.723  6.453   1.00 32.58 ? 34   TRP A CA  1 
ATOM   272  C C   . TRP A 1 35  ? -9.796  -0.895  5.874   1.00 30.51 ? 34   TRP A C   1 
ATOM   273  O O   . TRP A 1 35  ? -10.063 0.021   5.116   1.00 28.28 ? 34   TRP A O   1 
ATOM   274  C CB  . TRP A 1 35  ? -11.541 -2.519  5.305   1.00 33.67 ? 34   TRP A CB  1 
ATOM   275  C CG  . TRP A 1 35  ? -12.374 -3.732  5.728   1.00 38.21 ? 34   TRP A CG  1 
ATOM   276  C CD1 . TRP A 1 35  ? -13.741 -3.816  5.738   1.00 40.31 ? 34   TRP A CD1 1 
ATOM   277  C CD2 . TRP A 1 35  ? -11.890 -5.014  6.156   1.00 41.27 ? 34   TRP A CD2 1 
ATOM   278  N NE1 . TRP A 1 35  ? -14.135 -5.060  6.160   1.00 41.95 ? 34   TRP A NE1 1 
ATOM   279  C CE2 . TRP A 1 35  ? -13.025 -5.821  6.419   1.00 42.20 ? 34   TRP A CE2 1 
ATOM   280  C CE3 . TRP A 1 35  ? -10.614 -5.564  6.348   1.00 41.96 ? 34   TRP A CE3 1 
ATOM   281  C CZ2 . TRP A 1 35  ? -12.916 -7.149  6.876   1.00 42.44 ? 34   TRP A CZ2 1 
ATOM   282  C CZ3 . TRP A 1 35  ? -10.510 -6.885  6.797   1.00 43.46 ? 34   TRP A CZ3 1 
ATOM   283  C CH2 . TRP A 1 35  ? -11.659 -7.662  7.050   1.00 40.56 ? 34   TRP A CH2 1 
ATOM   284  N N   . ALA A 1 36  ? -8.566  -1.255  6.244   1.00 29.12 ? 35   ALA A N   1 
ATOM   285  C CA  . ALA A 1 36  ? -7.302  -0.632  5.773   1.00 27.93 ? 35   ALA A CA  1 
ATOM   286  C C   . ALA A 1 36  ? -6.375  -1.738  5.290   1.00 27.38 ? 35   ALA A C   1 
ATOM   287  O O   . ALA A 1 36  ? -6.687  -2.913  5.509   1.00 28.78 ? 35   ALA A O   1 
ATOM   288  C CB  . ALA A 1 36  ? -6.656  0.074   6.935   1.00 27.65 ? 35   ALA A CB  1 
ATOM   289  N N   . VAL A 1 37  ? -5.256  -1.377  4.638   1.00 26.64 ? 36   VAL A N   1 
ATOM   290  C CA  . VAL A 1 37  ? -4.250  -2.306  4.121   1.00 26.50 ? 36   VAL A CA  1 
ATOM   291  C C   . VAL A 1 37  ? -2.827  -1.928  4.532   1.00 26.71 ? 36   VAL A C   1 
ATOM   292  O O   . VAL A 1 37  ? -2.460  -0.734  4.583   1.00 25.22 ? 36   VAL A O   1 
ATOM   293  C CB  . VAL A 1 37  ? -4.357  -2.420  2.547   1.00 27.88 ? 36   VAL A CB  1 
ATOM   294  C CG1 . VAL A 1 37  ? -4.335  -1.066  1.897   1.00 24.49 ? 36   VAL A CG1 1 
ATOM   295  C CG2 . VAL A 1 37  ? -3.273  -3.348  1.910   1.00 26.90 ? 36   VAL A CG2 1 
ATOM   296  N N   . LEU A 1 38  ? -2.052  -2.952  4.837   1.00 26.76 ? 37   LEU A N   1 
ATOM   297  C CA  . LEU A 1 38  ? -0.600  -2.903  5.104   1.00 27.55 ? 37   LEU A CA  1 
ATOM   298  C C   . LEU A 1 38  ? 0.122   -3.948  4.247   1.00 27.66 ? 37   LEU A C   1 
ATOM   299  O O   . LEU A 1 38  ? -0.520  -4.925  3.797   1.00 27.26 ? 37   LEU A O   1 
ATOM   300  C CB  . LEU A 1 38  ? -0.306  -3.282  6.581   1.00 27.43 ? 37   LEU A CB  1 
ATOM   301  C CG  . LEU A 1 38  ? -0.623  -2.277  7.670   1.00 29.58 ? 37   LEU A CG  1 
ATOM   302  C CD1 . LEU A 1 38  ? -0.431  -2.895  9.051   1.00 28.80 ? 37   LEU A CD1 1 
ATOM   303  C CD2 . LEU A 1 38  ? 0.285   -1.003  7.511   1.00 24.76 ? 37   LEU A CD2 1 
ATOM   304  N N   . PRO A 1 39  ? 1.452   -3.794  4.057   1.00 27.69 ? 38   PRO A N   1 
ATOM   305  C CA  . PRO A 1 39  ? 2.206   -4.935  3.521   1.00 29.17 ? 38   PRO A CA  1 
ATOM   306  C C   . PRO A 1 39  ? 2.097   -6.108  4.491   1.00 30.75 ? 38   PRO A C   1 
ATOM   307  O O   . PRO A 1 39  ? 2.045   -5.911  5.738   1.00 28.91 ? 38   PRO A O   1 
ATOM   308  C CB  . PRO A 1 39  ? 3.650   -4.420  3.475   1.00 30.38 ? 38   PRO A CB  1 
ATOM   309  C CG  . PRO A 1 39  ? 3.499   -2.893  3.462   1.00 27.82 ? 38   PRO A CG  1 
ATOM   310  C CD  . PRO A 1 39  ? 2.350   -2.679  4.411   1.00 27.40 ? 38   PRO A CD  1 
ATOM   311  N N   . ARG A 1 40  ? 2.025   -7.330  3.934   1.00 32.36 ? 39   ARG A N   1 
ATOM   312  C CA  . ARG A 1 40  ? 1.807   -8.515  4.757   1.00 34.19 ? 39   ARG A CA  1 
ATOM   313  C C   . ARG A 1 40  ? 2.915   -8.600  5.817   1.00 33.93 ? 39   ARG A C   1 
ATOM   314  O O   . ARG A 1 40  ? 2.633   -8.987  6.944   1.00 34.50 ? 39   ARG A O   1 
ATOM   315  C CB  . ARG A 1 40  ? 1.710   -9.801  3.904   1.00 35.33 ? 39   ARG A CB  1 
ATOM   316  C CG  . ARG A 1 40  ? 1.348   -11.056 4.725   1.00 38.53 ? 39   ARG A CG  1 
ATOM   317  C CD  . ARG A 1 40  ? 2.050   -12.336 4.185   1.00 42.95 ? 39   ARG A CD  1 
ATOM   318  N NE  . ARG A 1 40  ? 3.397   -12.053 3.685   1.00 47.81 ? 39   ARG A NE  1 
ATOM   319  C CZ  . ARG A 1 40  ? 4.522   -12.088 4.411   1.00 48.80 ? 39   ARG A CZ  1 
ATOM   320  N NH1 . ARG A 1 40  ? 4.499   -12.405 5.699   1.00 49.92 ? 39   ARG A NH1 1 
ATOM   321  N NH2 . ARG A 1 40  ? 5.684   -11.785 3.843   1.00 47.23 ? 39   ARG A NH2 1 
ATOM   322  N N   . HIS A 1 41  ? 4.127   -8.175  5.466   1.00 33.60 ? 40   HIS A N   1 
ATOM   323  C CA  . HIS A 1 41  ? 5.302   -8.209  6.376   1.00 35.14 ? 40   HIS A CA  1 
ATOM   324  C C   . HIS A 1 41  ? 5.300   -7.238  7.571   1.00 35.43 ? 40   HIS A C   1 
ATOM   325  O O   . HIS A 1 41  ? 6.154   -7.349  8.477   1.00 34.51 ? 40   HIS A O   1 
ATOM   326  C CB  . HIS A 1 41  ? 6.623   -8.125  5.622   1.00 34.52 ? 40   HIS A CB  1 
ATOM   327  C CG  . HIS A 1 41  ? 6.879   -6.808  4.966   1.00 37.32 ? 40   HIS A CG  1 
ATOM   328  N ND1 . HIS A 1 41  ? 6.672   -6.595  3.618   1.00 38.21 ? 40   HIS A ND1 1 
ATOM   329  C CD2 . HIS A 1 41  ? 7.392   -5.652  5.454   1.00 39.58 ? 40   HIS A CD2 1 
ATOM   330  C CE1 . HIS A 1 41  ? 7.008   -5.354  3.314   1.00 40.14 ? 40   HIS A CE1 1 
ATOM   331  N NE2 . HIS A 1 41  ? 7.441   -4.757  4.413   1.00 39.33 ? 40   HIS A NE2 1 
ATOM   332  N N   . ALA A 1 42  ? 4.362   -6.294  7.553   1.00 35.18 ? 41   ALA A N   1 
ATOM   333  C CA  . ALA A 1 42  ? 4.042   -5.487  8.737   1.00 36.75 ? 41   ALA A CA  1 
ATOM   334  C C   . ALA A 1 42  ? 3.588   -6.368  9.873   1.00 37.77 ? 41   ALA A C   1 
ATOM   335  O O   . ALA A 1 42  ? 3.748   -6.017  11.042  1.00 37.21 ? 41   ALA A O   1 
ATOM   336  C CB  . ALA A 1 42  ? 2.953   -4.467  8.425   1.00 35.45 ? 41   ALA A CB  1 
ATOM   337  N N   . LYS A 1 43  ? 2.964   -7.499  9.530   1.00 39.64 ? 42   LYS A N   1 
ATOM   338  C CA  . LYS A 1 43  ? 2.615   -8.527  10.514  1.00 40.90 ? 42   LYS A CA  1 
ATOM   339  C C   . LYS A 1 43  ? 1.925   -7.921  11.727  1.00 41.45 ? 42   LYS A C   1 
ATOM   340  O O   . LYS A 1 43  ? 2.372   -8.093  12.876  1.00 42.49 ? 42   LYS A O   1 
ATOM   341  C CB  . LYS A 1 43  ? 3.858   -9.341  10.924  1.00 40.86 ? 42   LYS A CB  1 
ATOM   342  C CG  . LYS A 1 43  ? 4.609   -10.013 9.730   1.00 42.52 ? 42   LYS A CG  1 
ATOM   343  C CD  . LYS A 1 43  ? 6.074   -10.392 10.089  1.00 42.15 ? 42   LYS A CD  1 
ATOM   344  C CE  . LYS A 1 43  ? 7.001   -10.572 8.853   1.00 42.03 ? 42   LYS A CE  1 
ATOM   345  N NZ  . LYS A 1 43  ? 6.851   -11.950 8.177   1.00 40.67 ? 42   LYS A NZ  1 
ATOM   346  N N   . PRO A 1 44  ? 0.828   -7.200  11.469  1.00 42.49 ? 43   PRO A N   1 
ATOM   347  C CA  . PRO A 1 44  ? 0.006   -6.517  12.459  1.00 42.99 ? 43   PRO A CA  1 
ATOM   348  C C   . PRO A 1 44  ? -0.567  -7.501  13.486  1.00 44.82 ? 43   PRO A C   1 
ATOM   349  O O   . PRO A 1 44  ? -1.007  -8.591  13.105  1.00 45.30 ? 43   PRO A O   1 
ATOM   350  C CB  . PRO A 1 44  ? -1.127  -5.947  11.618  1.00 43.57 ? 43   PRO A CB  1 
ATOM   351  C CG  . PRO A 1 44  ? -1.123  -6.734  10.358  1.00 42.67 ? 43   PRO A CG  1 
ATOM   352  C CD  . PRO A 1 44  ? 0.286   -7.042  10.104  1.00 41.43 ? 43   PRO A CD  1 
ATOM   353  N N   . GLY A 1 45  ? -0.587  -7.124  14.764  1.00 45.66 ? 44   GLY A N   1 
ATOM   354  C CA  . GLY A 1 45  ? -1.057  -8.035  15.811  1.00 46.36 ? 44   GLY A CA  1 
ATOM   355  C C   . GLY A 1 45  ? -2.496  -7.742  16.196  1.00 47.82 ? 44   GLY A C   1 
ATOM   356  O O   . GLY A 1 45  ? -3.268  -7.187  15.386  1.00 47.86 ? 44   GLY A O   1 
ATOM   357  N N   . PRO A 1 46  ? -2.882  -8.125  17.429  1.00 48.11 ? 45   PRO A N   1 
ATOM   358  C CA  . PRO A 1 46  ? -4.153  -7.679  18.024  1.00 47.94 ? 45   PRO A CA  1 
ATOM   359  C C   . PRO A 1 46  ? -4.318  -6.146  18.148  1.00 47.83 ? 45   PRO A C   1 
ATOM   360  O O   . PRO A 1 46  ? -5.452  -5.625  18.096  1.00 48.24 ? 45   PRO A O   1 
ATOM   361  C CB  . PRO A 1 46  ? -4.154  -8.349  19.429  1.00 48.30 ? 45   PRO A CB  1 
ATOM   362  C CG  . PRO A 1 46  ? -2.863  -9.137  19.526  1.00 47.66 ? 45   PRO A CG  1 
ATOM   363  C CD  . PRO A 1 46  ? -2.301  -9.279  18.153  1.00 48.08 ? 45   PRO A CD  1 
ATOM   364  N N   . THR A 1 47  ? -3.211  -5.431  18.324  1.00 47.33 ? 46   THR A N   1 
ATOM   365  C CA  . THR A 1 47  ? -3.239  -3.979  18.472  1.00 46.05 ? 46   THR A CA  1 
ATOM   366  C C   . THR A 1 47  ? -2.076  -3.328  17.672  1.00 44.55 ? 46   THR A C   1 
ATOM   367  O O   . THR A 1 47  ? -0.949  -3.809  17.725  1.00 43.80 ? 46   THR A O   1 
ATOM   368  C CB  . THR A 1 47  ? -3.238  -3.555  19.981  1.00 46.66 ? 46   THR A CB  1 
ATOM   369  O OG1 . THR A 1 47  ? -3.582  -2.162  20.100  1.00 48.92 ? 46   THR A OG1 1 
ATOM   370  C CG2 . THR A 1 47  ? -1.871  -3.763  20.621  1.00 47.08 ? 46   THR A CG2 1 
ATOM   371  N N   . ILE A 1 48  ? -2.365  -2.264  16.913  1.00 42.62 ? 47   ILE A N   1 
ATOM   372  C CA  . ILE A 1 48  ? -1.310  -1.513  16.204  1.00 40.41 ? 47   ILE A CA  1 
ATOM   373  C C   . ILE A 1 48  ? -1.206  -0.109  16.788  1.00 39.78 ? 47   ILE A C   1 
ATOM   374  O O   . ILE A 1 48  ? -2.098  0.323   17.531  1.00 40.21 ? 47   ILE A O   1 
ATOM   375  C CB  . ILE A 1 48  ? -1.551  -1.409  14.666  1.00 39.60 ? 47   ILE A CB  1 
ATOM   376  C CG1 . ILE A 1 48  ? -2.980  -0.902  14.392  1.00 40.07 ? 47   ILE A CG1 1 
ATOM   377  C CG2 . ILE A 1 48  ? -1.222  -2.740  13.975  1.00 39.89 ? 47   ILE A CG2 1 
ATOM   378  C CD1 . ILE A 1 48  ? -3.213  -0.178  13.047  1.00 34.90 ? 47   ILE A CD1 1 
ATOM   379  N N   . LEU A 1 49  ? -0.123  0.597   16.470  1.00 38.75 ? 48   LEU A N   1 
ATOM   380  C CA  . LEU A 1 49  ? -0.018  2.025   16.784  1.00 38.72 ? 48   LEU A CA  1 
ATOM   381  C C   . LEU A 1 49  ? -0.388  2.813   15.517  1.00 38.59 ? 48   LEU A C   1 
ATOM   382  O O   . LEU A 1 49  ? 0.294   2.707   14.512  1.00 38.27 ? 48   LEU A O   1 
ATOM   383  C CB  . LEU A 1 49  ? 1.393   2.349   17.278  1.00 39.43 ? 48   LEU A CB  1 
ATOM   384  C CG  . LEU A 1 49  ? 1.563   3.405   18.363  1.00 40.32 ? 48   LEU A CG  1 
ATOM   385  C CD1 . LEU A 1 49  ? 0.507   3.278   19.517  1.00 40.62 ? 48   LEU A CD1 1 
ATOM   386  C CD2 . LEU A 1 49  ? 2.993   3.395   18.920  1.00 42.45 ? 48   LEU A CD2 1 
ATOM   387  N N   . MET A 1 50  ? -1.504  3.539   15.539  1.00 37.92 ? 49   MET A N   1 
ATOM   388  C CA  . MET A 1 50  ? -1.956  4.296   14.358  1.00 38.62 ? 49   MET A CA  1 
ATOM   389  C C   . MET A 1 50  ? -1.943  5.785   14.713  1.00 38.83 ? 49   MET A C   1 
ATOM   390  O O   . MET A 1 50  ? -2.658  6.203   15.628  1.00 39.06 ? 49   MET A O   1 
ATOM   391  C CB  . MET A 1 50  ? -3.364  3.847   13.930  1.00 37.91 ? 49   MET A CB  1 
ATOM   392  C CG  . MET A 1 50  ? -3.896  4.556   12.685  1.00 40.54 ? 49   MET A CG  1 
ATOM   393  S SD  . MET A 1 50  ? -5.623  4.148   12.403  1.00 41.17 ? 49   MET A SD  1 
ATOM   394  C CE  . MET A 1 50  ? -6.072  5.117   10.954  1.00 40.88 ? 49   MET A CE  1 
ATOM   395  N N   . ASN A 1 51  ? -1.132  6.564   14.007  1.00 38.94 ? 50   ASN A N   1 
ATOM   396  C CA  . ASN A 1 51  ? -0.799  7.943   14.396  1.00 40.04 ? 50   ASN A CA  1 
ATOM   397  C C   . ASN A 1 51  ? -0.597  8.005   15.920  1.00 42.10 ? 50   ASN A C   1 
ATOM   398  O O   . ASN A 1 51  ? -1.380  8.642   16.628  1.00 42.15 ? 50   ASN A O   1 
ATOM   399  C CB  . ASN A 1 51  ? -1.883  8.942   13.928  1.00 39.77 ? 50   ASN A CB  1 
ATOM   400  C CG  . ASN A 1 51  ? -2.150  8.878   12.420  1.00 37.30 ? 50   ASN A CG  1 
ATOM   401  O OD1 . ASN A 1 51  ? -1.231  8.675   11.601  1.00 32.21 ? 50   ASN A OD1 1 
ATOM   402  N ND2 . ASN A 1 51  ? -3.402  9.068   12.049  1.00 32.51 ? 50   ASN A ND2 1 
ATOM   403  N N   . ASP A 1 52  ? 0.392   7.266   16.408  1.00 43.69 ? 51   ASP A N   1 
ATOM   404  C CA  . ASP A 1 52  ? 0.698   7.143   17.858  1.00 46.59 ? 51   ASP A CA  1 
ATOM   405  C C   . ASP A 1 52  ? -0.406  6.617   18.783  1.00 47.69 ? 51   ASP A C   1 
ATOM   406  O O   . ASP A 1 52  ? -0.262  6.616   20.015  1.00 47.93 ? 51   ASP A O   1 
ATOM   407  C CB  . ASP A 1 52  ? 1.216   8.464   18.419  1.00 47.04 ? 51   ASP A CB  1 
ATOM   408  C CG  . ASP A 1 52  ? 2.483   8.912   17.755  1.00 48.72 ? 51   ASP A CG  1 
ATOM   409  O OD1 . ASP A 1 52  ? 3.468   8.140   17.767  1.00 52.25 ? 51   ASP A OD1 1 
ATOM   410  O OD2 . ASP A 1 52  ? 2.500   10.040  17.224  1.00 52.28 ? 51   ASP A OD2 1 
ATOM   411  N N   . GLN A 1 53  ? -1.491  6.134   18.210  1.00 48.92 ? 52   GLN A N   1 
ATOM   412  C CA  . GLN A 1 53  ? -2.629  5.776   19.023  1.00 50.41 ? 52   GLN A CA  1 
ATOM   413  C C   . GLN A 1 53  ? -2.940  4.281   18.977  1.00 51.25 ? 52   GLN A C   1 
ATOM   414  O O   . GLN A 1 53  ? -3.114  3.690   17.909  1.00 51.19 ? 52   GLN A O   1 
ATOM   415  C CB  . GLN A 1 53  ? -3.824  6.618   18.583  1.00 50.46 ? 52   GLN A CB  1 
ATOM   416  C CG  . GLN A 1 53  ? -5.000  6.581   19.511  1.00 52.20 ? 52   GLN A CG  1 
ATOM   417  C CD  . GLN A 1 53  ? -6.086  7.577   19.115  1.00 55.18 ? 52   GLN A CD  1 
ATOM   418  O OE1 . GLN A 1 53  ? -7.164  7.602   19.729  1.00 55.86 ? 52   GLN A OE1 1 
ATOM   419  N NE2 . GLN A 1 53  ? -5.817  8.393   18.081  1.00 54.01 ? 52   GLN A NE2 1 
ATOM   420  N N   . GLU A 1 54  ? -3.009  3.679   20.157  1.00 51.81 ? 53   GLU A N   1 
ATOM   421  C CA  . GLU A 1 54  ? -3.414  2.275   20.316  1.00 53.14 ? 53   GLU A CA  1 
ATOM   422  C C   . GLU A 1 54  ? -4.790  1.984   19.698  1.00 53.03 ? 53   GLU A C   1 
ATOM   423  O O   . GLU A 1 54  ? -5.846  2.387   20.217  1.00 53.27 ? 53   GLU A O   1 
ATOM   424  C CB  . GLU A 1 54  ? -3.374  1.869   21.799  1.00 53.34 ? 53   GLU A CB  1 
ATOM   425  C CG  . GLU A 1 54  ? -3.862  2.994   22.788  1.00 56.98 ? 53   GLU A CG  1 
ATOM   426  C CD  . GLU A 1 54  ? -2.804  4.120   23.037  1.00 59.68 ? 53   GLU A CD  1 
ATOM   427  O OE1 . GLU A 1 54  ? -1.683  3.782   23.483  1.00 61.53 ? 53   GLU A OE1 1 
ATOM   428  O OE2 . GLU A 1 54  ? -3.089  5.330   22.781  1.00 59.18 ? 53   GLU A OE2 1 
ATOM   429  N N   . VAL A 1 55  ? -4.770  1.282   18.572  1.00 52.94 ? 54   VAL A N   1 
ATOM   430  C CA  . VAL A 1 55  ? -5.998  0.902   17.895  1.00 52.67 ? 54   VAL A CA  1 
ATOM   431  C C   . VAL A 1 55  ? -6.140  -0.615  17.897  1.00 52.78 ? 54   VAL A C   1 
ATOM   432  O O   . VAL A 1 55  ? -5.178  -1.335  17.657  1.00 52.76 ? 54   VAL A O   1 
ATOM   433  C CB  . VAL A 1 55  ? -6.057  1.485   16.455  1.00 52.80 ? 54   VAL A CB  1 
ATOM   434  C CG1 . VAL A 1 55  ? -7.261  0.944   15.684  1.00 51.69 ? 54   VAL A CG1 1 
ATOM   435  C CG2 . VAL A 1 55  ? -6.091  3.024   16.502  1.00 52.39 ? 54   VAL A CG2 1 
ATOM   436  N N   . GLY A 1 56  ? -7.345  -1.097  18.195  1.00 52.87 ? 55   GLY A N   1 
ATOM   437  C CA  . GLY A 1 56  ? -7.607  -2.536  18.184  1.00 52.97 ? 55   GLY A CA  1 
ATOM   438  C C   . GLY A 1 56  ? -7.874  -3.059  16.790  1.00 52.91 ? 55   GLY A C   1 
ATOM   439  O O   . GLY A 1 56  ? -8.656  -2.464  16.036  1.00 52.88 ? 55   GLY A O   1 
ATOM   440  N N   . VAL A 1 57  ? -7.212  -4.168  16.451  1.00 53.01 ? 56   VAL A N   1 
ATOM   441  C CA  . VAL A 1 57  ? -7.448  -4.884  15.189  1.00 53.51 ? 56   VAL A CA  1 
ATOM   442  C C   . VAL A 1 57  ? -8.509  -5.968  15.381  1.00 53.94 ? 56   VAL A C   1 
ATOM   443  O O   . VAL A 1 57  ? -8.233  -7.009  15.991  1.00 54.39 ? 56   VAL A O   1 
ATOM   444  C CB  . VAL A 1 57  ? -6.159  -5.537  14.625  1.00 53.46 ? 56   VAL A CB  1 
ATOM   445  C CG1 . VAL A 1 57  ? -6.473  -6.369  13.398  1.00 53.93 ? 56   VAL A CG1 1 
ATOM   446  C CG2 . VAL A 1 57  ? -5.103  -4.473  14.285  1.00 52.79 ? 56   VAL A CG2 1 
ATOM   447  N N   . LEU A 1 58  ? -9.713  -5.719  14.858  1.00 54.25 ? 57   LEU A N   1 
ATOM   448  C CA  . LEU A 1 58  ? -10.836 -6.659  14.972  1.00 54.48 ? 57   LEU A CA  1 
ATOM   449  C C   . LEU A 1 58  ? -10.630 -7.919  14.119  1.00 54.59 ? 57   LEU A C   1 
ATOM   450  O O   . LEU A 1 58  ? -10.968 -9.022  14.552  1.00 55.90 ? 57   LEU A O   1 
ATOM   451  C CB  . LEU A 1 58  ? -12.172 -5.978  14.625  1.00 54.23 ? 57   LEU A CB  1 
ATOM   452  C CG  . LEU A 1 58  ? -12.706 -4.795  15.448  1.00 54.83 ? 57   LEU A CG  1 
ATOM   453  C CD1 . LEU A 1 58  ? -14.025 -4.267  14.882  1.00 53.67 ? 57   LEU A CD1 1 
ATOM   454  C CD2 . LEU A 1 58  ? -12.892 -5.139  16.919  1.00 53.65 ? 57   LEU A CD2 1 
ATOM   455  N N   . ASP A 1 59  ? -10.067 -7.763  12.919  1.00 54.10 ? 58   ASP A N   1 
ATOM   456  C CA  . ASP A 1 59  ? -9.832  -8.880  11.994  1.00 53.48 ? 58   ASP A CA  1 
ATOM   457  C C   . ASP A 1 59  ? -8.695  -8.570  11.004  1.00 52.58 ? 58   ASP A C   1 
ATOM   458  O O   . ASP A 1 59  ? -8.511  -7.408  10.644  1.00 52.09 ? 58   ASP A O   1 
ATOM   459  C CB  . ASP A 1 59  ? -11.129 -9.217  11.227  1.00 54.25 ? 58   ASP A CB  1 
ATOM   460  C CG  . ASP A 1 59  ? -11.036 -10.531 10.464  1.00 54.83 ? 58   ASP A CG  1 
ATOM   461  O OD1 . ASP A 1 59  ? -10.234 -11.399 10.866  1.00 54.63 ? 58   ASP A OD1 1 
ATOM   462  O OD2 . ASP A 1 59  ? -11.753 -10.686 9.448   1.00 56.85 ? 58   ASP A OD2 1 
ATOM   463  N N   . ALA A 1 60  ? -7.947  -9.602  10.585  1.00 51.66 ? 59   ALA A N   1 
ATOM   464  C CA  . ALA A 1 60  ? -6.780  -9.449  9.677   1.00 50.59 ? 59   ALA A CA  1 
ATOM   465  C C   . ALA A 1 60  ? -6.552  -10.583 8.650   1.00 50.29 ? 59   ALA A C   1 
ATOM   466  O O   . ALA A 1 60  ? -6.026  -11.652 9.003   1.00 50.20 ? 59   ALA A O   1 
ATOM   467  C CB  . ALA A 1 60  ? -5.499  -9.229  10.498  1.00 50.78 ? 59   ALA A CB  1 
ATOM   468  N N   . LYS A 1 61  ? -6.896  -10.337 7.381   1.00 49.22 ? 60   LYS A N   1 
ATOM   469  C CA  . LYS A 1 61  ? -6.655  -11.308 6.281   1.00 47.92 ? 60   LYS A CA  1 
ATOM   470  C C   . LYS A 1 61  ? -5.346  -11.080 5.499   1.00 46.74 ? 60   LYS A C   1 
ATOM   471  O O   . LYS A 1 61  ? -5.221  -10.063 4.799   1.00 46.08 ? 60   LYS A O   1 
ATOM   472  C CB  . LYS A 1 61  ? -7.811  -11.335 5.233   1.00 47.93 ? 60   LYS A CB  1 
ATOM   473  C CG  . LYS A 1 61  ? -9.270  -11.293 5.719   1.00 49.88 ? 60   LYS A CG  1 
ATOM   474  C CD  . LYS A 1 61  ? -10.211 -11.868 4.619   1.00 54.66 ? 60   LYS A CD  1 
ATOM   475  C CE  . LYS A 1 61  ? -11.587 -11.169 4.539   1.00 56.26 ? 60   LYS A CE  1 
ATOM   476  N NZ  . LYS A 1 61  ? -12.674 -11.752 5.401   1.00 56.54 ? 60   LYS A NZ  1 
ATOM   477  N N   . GLU A 1 62  ? -4.416  -12.036 5.572   1.00 44.59 ? 61   GLU A N   1 
ATOM   478  C CA  . GLU A 1 62  ? -3.239  -12.078 4.679   1.00 43.97 ? 61   GLU A CA  1 
ATOM   479  C C   . GLU A 1 62  ? -3.649  -12.606 3.327   1.00 42.98 ? 61   GLU A C   1 
ATOM   480  O O   . GLU A 1 62  ? -4.204  -13.728 3.231   1.00 43.98 ? 61   GLU A O   1 
ATOM   481  C CB  . GLU A 1 62  ? -2.113  -12.962 5.225   1.00 43.78 ? 61   GLU A CB  1 
ATOM   482  C CG  . GLU A 1 62  ? -1.936  -12.924 6.744   1.00 47.18 ? 61   GLU A CG  1 
ATOM   483  C CD  . GLU A 1 62  ? -0.491  -13.086 7.194   1.00 48.87 ? 61   GLU A CD  1 
ATOM   484  O OE1 . GLU A 1 62  ? 0.274   -13.843 6.555   1.00 49.85 ? 61   GLU A OE1 1 
ATOM   485  O OE2 . GLU A 1 62  ? -0.129  -12.440 8.210   1.00 50.90 ? 61   GLU A OE2 1 
ATOM   486  N N   . LEU A 1 63  ? -3.389  -11.839 2.275   1.00 41.21 ? 62   LEU A N   1 
ATOM   487  C CA  . LEU A 1 63  ? -3.959  -12.187 0.967   1.00 38.68 ? 62   LEU A CA  1 
ATOM   488  C C   . LEU A 1 63  ? -3.121  -13.096 0.113   1.00 37.90 ? 62   LEU A C   1 
ATOM   489  O O   . LEU A 1 63  ? -1.908  -12.923 -0.044  1.00 36.45 ? 62   LEU A O   1 
ATOM   490  C CB  . LEU A 1 63  ? -4.372  -10.956 0.139   1.00 37.51 ? 62   LEU A CB  1 
ATOM   491  C CG  . LEU A 1 63  ? -5.430  -9.955  0.625   1.00 37.41 ? 62   LEU A CG  1 
ATOM   492  C CD1 . LEU A 1 63  ? -5.756  -9.011  -0.526  1.00 32.87 ? 62   LEU A CD1 1 
ATOM   493  C CD2 . LEU A 1 63  ? -6.724  -10.540 1.237   1.00 33.89 ? 62   LEU A CD2 1 
ATOM   494  N N   . VAL A 1 64  ? -3.824  -14.053 -0.488  1.00 38.33 ? 63   VAL A N   1 
ATOM   495  C CA  . VAL A 1 64  ? -3.239  -15.058 -1.355  1.00 38.92 ? 63   VAL A CA  1 
ATOM   496  C C   . VAL A 1 64  ? -4.124  -15.265 -2.586  1.00 38.78 ? 63   VAL A C   1 
ATOM   497  O O   . VAL A 1 64  ? -5.343  -15.106 -2.517  1.00 38.54 ? 63   VAL A O   1 
ATOM   498  C CB  . VAL A 1 64  ? -3.084  -16.422 -0.601  1.00 39.14 ? 63   VAL A CB  1 
ATOM   499  C CG1 . VAL A 1 64  ? -2.086  -16.289 0.505   1.00 41.08 ? 63   VAL A CG1 1 
ATOM   500  C CG2 . VAL A 1 64  ? -4.399  -16.903 -0.026  1.00 38.90 ? 63   VAL A CG2 1 
ATOM   501  N N   . ASP A 1 65  ? -3.525  -15.617 -3.713  1.00 39.90 ? 64   ASP A N   1 
ATOM   502  C CA  . ASP A 1 65  ? -4.341  -15.918 -4.889  1.00 40.82 ? 64   ASP A CA  1 
ATOM   503  C C   . ASP A 1 65  ? -4.994  -17.321 -4.820  1.00 41.56 ? 64   ASP A C   1 
ATOM   504  O O   . ASP A 1 65  ? -5.109  -17.930 -3.742  1.00 41.17 ? 64   ASP A O   1 
ATOM   505  C CB  . ASP A 1 65  ? -3.574  -15.701 -6.198  1.00 40.35 ? 64   ASP A CB  1 
ATOM   506  C CG  . ASP A 1 65  ? -2.507  -16.777 -6.463  1.00 42.13 ? 64   ASP A CG  1 
ATOM   507  O OD1 . ASP A 1 65  ? -2.451  -17.789 -5.723  1.00 45.81 ? 64   ASP A OD1 1 
ATOM   508  O OD2 . ASP A 1 65  ? -1.737  -16.591 -7.424  1.00 41.15 ? 64   ASP A OD2 1 
ATOM   509  N N   . LYS A 1 66  ? -5.448  -17.793 -5.967  1.00 42.41 ? 65   LYS A N   1 
ATOM   510  C CA  . LYS A 1 66  ? -6.261  -19.004 -6.027  1.00 43.99 ? 65   LYS A CA  1 
ATOM   511  C C   . LYS A 1 66  ? -5.452  -20.268 -5.688  1.00 44.91 ? 65   LYS A C   1 
ATOM   512  O O   . LYS A 1 66  ? -5.980  -21.239 -5.108  1.00 45.27 ? 65   LYS A O   1 
ATOM   513  C CB  . LYS A 1 66  ? -6.949  -19.087 -7.394  1.00 43.84 ? 65   LYS A CB  1 
ATOM   514  C CG  . LYS A 1 66  ? -8.054  -18.033 -7.576  1.00 46.27 ? 65   LYS A CG  1 
ATOM   515  C CD  . LYS A 1 66  ? -8.860  -17.817 -6.247  1.00 48.61 ? 65   LYS A CD  1 
ATOM   516  C CE  . LYS A 1 66  ? -10.265 -17.230 -6.469  1.00 52.99 ? 65   LYS A CE  1 
ATOM   517  N NZ  . LYS A 1 66  ? -11.310 -18.239 -6.896  1.00 53.24 ? 65   LYS A NZ  1 
ATOM   518  N N   . ASP A 1 67  ? -4.162  -20.225 -6.015  1.00 45.44 ? 66   ASP A N   1 
ATOM   519  C CA  . ASP A 1 67  ? -3.200  -21.266 -5.621  1.00 46.64 ? 66   ASP A CA  1 
ATOM   520  C C   . ASP A 1 67  ? -2.780  -21.224 -4.150  1.00 47.22 ? 66   ASP A C   1 
ATOM   521  O O   . ASP A 1 67  ? -2.045  -22.114 -3.684  1.00 48.09 ? 66   ASP A O   1 
ATOM   522  C CB  . ASP A 1 67  ? -1.968  -21.185 -6.506  1.00 46.24 ? 66   ASP A CB  1 
ATOM   523  C CG  . ASP A 1 67  ? -2.289  -21.458 -7.975  1.00 48.02 ? 66   ASP A CG  1 
ATOM   524  O OD1 . ASP A 1 67  ? -3.293  -22.170 -8.293  1.00 51.02 ? 66   ASP A OD1 1 
ATOM   525  O OD2 . ASP A 1 67  ? -1.531  -20.962 -8.820  1.00 47.76 ? 66   ASP A OD2 1 
ATOM   526  N N   . GLY A 1 68  ? -3.260  -20.223 -3.405  1.00 47.10 ? 67   GLY A N   1 
ATOM   527  C CA  . GLY A 1 68  ? -2.838  -20.041 -2.005  1.00 46.64 ? 67   GLY A CA  1 
ATOM   528  C C   . GLY A 1 68  ? -1.509  -19.285 -1.942  1.00 46.34 ? 67   GLY A C   1 
ATOM   529  O O   . GLY A 1 68  ? -0.889  -19.173 -0.875  1.00 46.63 ? 67   GLY A O   1 
ATOM   530  N N   . THR A 1 69  ? -1.081  -18.755 -3.091  1.00 44.89 ? 68   THR A N   1 
ATOM   531  C CA  . THR A 1 69  ? 0.148   -18.003 -3.193  1.00 43.76 ? 68   THR A CA  1 
ATOM   532  C C   . THR A 1 69  ? -0.055  -16.605 -2.595  1.00 42.31 ? 68   THR A C   1 
ATOM   533  O O   . THR A 1 69  ? -1.038  -15.913 -2.900  1.00 42.88 ? 68   THR A O   1 
ATOM   534  C CB  . THR A 1 69  ? 0.524   -17.837 -4.663  1.00 44.10 ? 68   THR A CB  1 
ATOM   535  O OG1 . THR A 1 69  ? 0.390   -19.101 -5.315  1.00 44.45 ? 68   THR A OG1 1 
ATOM   536  C CG2 . THR A 1 69  ? 1.922   -17.298 -4.847  1.00 44.12 ? 68   THR A CG2 1 
ATOM   537  N N   . ASN A 1 70  ? 0.878   -16.227 -1.730  1.00 40.25 ? 69   ASN A N   1 
ATOM   538  C CA  . ASN A 1 70  ? 1.029   -14.855 -1.191  1.00 37.91 ? 69   ASN A CA  1 
ATOM   539  C C   . ASN A 1 70  ? 0.893   -13.625 -2.164  1.00 36.04 ? 69   ASN A C   1 
ATOM   540  O O   . ASN A 1 70  ? 1.542   -13.519 -3.204  1.00 35.48 ? 69   ASN A O   1 
ATOM   541  C CB  . ASN A 1 70  ? 2.387   -14.808 -0.453  1.00 38.03 ? 69   ASN A CB  1 
ATOM   542  C CG  . ASN A 1 70  ? 2.707   -13.427 0.121   1.00 35.33 ? 69   ASN A CG  1 
ATOM   543  O OD1 . ASN A 1 70  ? 2.068   -12.976 1.084   1.00 37.20 ? 69   ASN A OD1 1 
ATOM   544  N ND2 . ASN A 1 70  ? 3.719   -12.782 -0.446  1.00 29.92 ? 69   ASN A ND2 1 
ATOM   545  N N   . LEU A 1 71  ? 0.084   -12.644 -1.782  1.00 35.44 ? 70   LEU A N   1 
ATOM   546  C CA  . LEU A 1 71  ? 0.031   -11.388 -2.582  1.00 33.84 ? 70   LEU A CA  1 
ATOM   547  C C   . LEU A 1 71  ? 0.770   -10.240 -1.878  1.00 33.27 ? 70   LEU A C   1 
ATOM   548  O O   . LEU A 1 71  ? 0.958   -9.136  -2.456  1.00 32.26 ? 70   LEU A O   1 
ATOM   549  C CB  . LEU A 1 71  ? -1.409  -11.001 -2.869  1.00 33.91 ? 70   LEU A CB  1 
ATOM   550  C CG  . LEU A 1 71  ? -2.055  -11.977 -3.846  1.00 32.90 ? 70   LEU A CG  1 
ATOM   551  C CD1 . LEU A 1 71  ? -3.567  -11.770 -3.897  1.00 34.93 ? 70   LEU A CD1 1 
ATOM   552  C CD2 . LEU A 1 71  ? -1.426  -11.746 -5.158  1.00 27.86 ? 70   LEU A CD2 1 
ATOM   553  N N   . GLU A 1 72  ? 1.175   -10.522 -0.640  1.00 32.44 ? 71   GLU A N   1 
ATOM   554  C CA  . GLU A 1 72  ? 1.950   -9.589  0.192   1.00 32.93 ? 71   GLU A CA  1 
ATOM   555  C C   . GLU A 1 72  ? 1.108   -8.378  0.662   1.00 32.35 ? 71   GLU A C   1 
ATOM   556  O O   . GLU A 1 72  ? 1.634   -7.275  0.784   1.00 32.37 ? 71   GLU A O   1 
ATOM   557  C CB  . GLU A 1 72  ? 3.204   -9.138  -0.568  1.00 32.57 ? 71   GLU A CB  1 
ATOM   558  C CG  . GLU A 1 72  ? 4.343   -8.520  0.276   1.00 37.29 ? 71   GLU A CG  1 
ATOM   559  C CD  . GLU A 1 72  ? 4.721   -9.356  1.508   1.00 42.13 ? 71   GLU A CD  1 
ATOM   560  O OE1 . GLU A 1 72  ? 4.521   -10.595 1.525   1.00 41.23 ? 71   GLU A OE1 1 
ATOM   561  O OE2 . GLU A 1 72  ? 5.237   -8.753  2.477   1.00 45.76 ? 71   GLU A OE2 1 
ATOM   562  N N   . LEU A 1 73  ? -0.177  -8.614  0.957   1.00 31.88 ? 72   LEU A N   1 
ATOM   563  C CA  . LEU A 1 73  ? -1.088  -7.593  1.485   1.00 31.03 ? 72   LEU A CA  1 
ATOM   564  C C   . LEU A 1 73  ? -1.859  -8.227  2.622   1.00 32.50 ? 72   LEU A C   1 
ATOM   565  O O   . LEU A 1 73  ? -2.254  -9.411  2.551   1.00 30.58 ? 72   LEU A O   1 
ATOM   566  C CB  . LEU A 1 73  ? -2.081  -7.092  0.402   1.00 29.19 ? 72   LEU A CB  1 
ATOM   567  C CG  . LEU A 1 73  ? -1.533  -6.412  -0.862  1.00 30.24 ? 72   LEU A CG  1 
ATOM   568  C CD1 . LEU A 1 73  ? -2.594  -6.315  -1.962  1.00 29.32 ? 72   LEU A CD1 1 
ATOM   569  C CD2 . LEU A 1 73  ? -0.977  -5.021  -0.559  1.00 28.35 ? 72   LEU A CD2 1 
ATOM   570  N N   . THR A 1 74  ? -2.009  -7.454  3.702   1.00 32.39 ? 73   THR A N   1 
ATOM   571  C CA  . THR A 1 74  ? -2.890  -7.812  4.782   1.00 32.57 ? 73   THR A CA  1 
ATOM   572  C C   . THR A 1 74  ? -3.947  -6.757  4.848   1.00 34.04 ? 73   THR A C   1 
ATOM   573  O O   . THR A 1 74  ? -3.636  -5.539  4.870   1.00 32.18 ? 73   THR A O   1 
ATOM   574  C CB  . THR A 1 74  ? -2.123  -7.887  6.114   1.00 32.82 ? 73   THR A CB  1 
ATOM   575  O OG1 . THR A 1 74  ? -1.111  -8.861  5.980   1.00 33.81 ? 73   THR A OG1 1 
ATOM   576  C CG2 . THR A 1 74  ? -2.985  -8.298  7.260   1.00 31.46 ? 73   THR A CG2 1 
ATOM   577  N N   . LEU A 1 75  ? -5.198  -7.223  4.857   1.00 34.73 ? 74   LEU A N   1 
ATOM   578  C CA  . LEU A 1 75  ? -6.334  -6.363  5.109   1.00 36.95 ? 74   LEU A CA  1 
ATOM   579  C C   . LEU A 1 75  ? -6.652  -6.409  6.604   1.00 38.00 ? 74   LEU A C   1 
ATOM   580  O O   . LEU A 1 75  ? -6.524  -7.465  7.241   1.00 37.18 ? 74   LEU A O   1 
ATOM   581  C CB  . LEU A 1 75  ? -7.550  -6.705  4.216   1.00 36.09 ? 74   LEU A CB  1 
ATOM   582  C CG  . LEU A 1 75  ? -7.312  -7.039  2.745   1.00 35.97 ? 74   LEU A CG  1 
ATOM   583  C CD1 . LEU A 1 75  ? -8.664  -7.220  1.994   1.00 36.59 ? 74   LEU A CD1 1 
ATOM   584  C CD2 . LEU A 1 75  ? -6.369  -6.012  2.037   1.00 34.03 ? 74   LEU A CD2 1 
ATOM   585  N N   . LEU A 1 76  ? -6.995  -5.248  7.160   1.00 38.55 ? 75   LEU A N   1 
ATOM   586  C CA  . LEU A 1 76  ? -7.167  -5.104  8.598   1.00 40.09 ? 75   LEU A CA  1 
ATOM   587  C C   . LEU A 1 76  ? -8.483  -4.446  8.861   1.00 40.45 ? 75   LEU A C   1 
ATOM   588  O O   . LEU A 1 76  ? -8.843  -3.478  8.174   1.00 39.21 ? 75   LEU A O   1 
ATOM   589  C CB  . LEU A 1 76  ? -6.092  -4.192  9.209   1.00 40.45 ? 75   LEU A CB  1 
ATOM   590  C CG  . LEU A 1 76  ? -4.591  -4.420  9.232   1.00 41.95 ? 75   LEU A CG  1 
ATOM   591  C CD1 . LEU A 1 76  ? -3.992  -3.870  7.966   1.00 39.89 ? 75   LEU A CD1 1 
ATOM   592  C CD2 . LEU A 1 76  ? -4.011  -3.669  10.442  1.00 38.30 ? 75   LEU A CD2 1 
ATOM   593  N N   . LYS A 1 77  ? -9.211  -4.948  9.865   1.00 41.57 ? 76   LYS A N   1 
ATOM   594  C CA  . LYS A 1 77  ? -10.424 -4.260  10.293  1.00 43.33 ? 76   LYS A CA  1 
ATOM   595  C C   . LYS A 1 77  ? -10.095 -3.534  11.593  1.00 44.29 ? 76   LYS A C   1 
ATOM   596  O O   . LYS A 1 77  ? -9.610  -4.144  12.546  1.00 44.78 ? 76   LYS A O   1 
ATOM   597  C CB  . LYS A 1 77  ? -11.597 -5.232  10.477  1.00 44.05 ? 76   LYS A CB  1 
ATOM   598  C CG  . LYS A 1 77  ? -12.972 -4.541  10.550  1.00 45.93 ? 76   LYS A CG  1 
ATOM   599  C CD  . LYS A 1 77  ? -14.118 -5.575  10.642  1.00 48.99 ? 76   LYS A CD  1 
ATOM   600  C CE  . LYS A 1 77  ? -15.309 -5.114  9.820   1.00 47.38 ? 76   LYS A CE  1 
ATOM   601  N NZ  . LYS A 1 77  ? -16.144 -6.301  9.402   1.00 50.23 ? 76   LYS A NZ  1 
ATOM   602  N N   . LEU A 1 78  ? -10.337 -2.227  11.617  1.00 44.76 ? 77   LEU A N   1 
ATOM   603  C CA  . LEU A 1 78  ? -9.939  -1.404  12.748  1.00 45.29 ? 77   LEU A CA  1 
ATOM   604  C C   . LEU A 1 78  ? -11.099 -1.095  13.686  1.00 46.21 ? 77   LEU A C   1 
ATOM   605  O O   . LEU A 1 78  ? -12.214 -0.832  13.236  1.00 46.17 ? 77   LEU A O   1 
ATOM   606  C CB  . LEU A 1 78  ? -9.309  -0.098  12.264  1.00 44.84 ? 77   LEU A CB  1 
ATOM   607  C CG  . LEU A 1 78  ? -8.125  -0.189  11.302  1.00 43.54 ? 77   LEU A CG  1 
ATOM   608  C CD1 . LEU A 1 78  ? -7.821  1.189   10.760  1.00 41.62 ? 77   LEU A CD1 1 
ATOM   609  C CD2 . LEU A 1 78  ? -6.888  -0.851  11.969  1.00 41.13 ? 77   LEU A CD2 1 
ATOM   610  N N   . ASN A 1 79  ? -10.802 -1.082  14.982  1.00 47.35 ? 78   ASN A N   1 
ATOM   611  C CA  . ASN A 1 79  ? -11.788 -0.781  16.009  1.00 48.45 ? 78   ASN A CA  1 
ATOM   612  C C   . ASN A 1 79  ? -11.875 0.710   16.284  1.00 48.59 ? 78   ASN A C   1 
ATOM   613  O O   . ASN A 1 79  ? -11.290 1.215   17.241  1.00 49.58 ? 78   ASN A O   1 
ATOM   614  C CB  . ASN A 1 79  ? -11.454 -1.541  17.294  1.00 49.03 ? 78   ASN A CB  1 
ATOM   615  C CG  . ASN A 1 79  ? -12.672 -1.719  18.191  1.00 50.30 ? 78   ASN A CG  1 
ATOM   616  O OD1 . ASN A 1 79  ? -13.808 -1.605  17.728  1.00 51.98 ? 78   ASN A OD1 1 
ATOM   617  N ND2 . ASN A 1 79  ? -12.437 -2.008  19.474  1.00 51.21 ? 78   ASN A ND2 1 
ATOM   618  N N   . ARG A 1 80  ? -12.594 1.425   15.434  1.00 48.54 ? 79   ARG A N   1 
ATOM   619  C CA  . ARG A 1 80  ? -12.719 2.865   15.573  1.00 48.97 ? 79   ARG A CA  1 
ATOM   620  C C   . ARG A 1 80  ? -14.085 3.222   14.990  1.00 49.06 ? 79   ARG A C   1 
ATOM   621  O O   . ARG A 1 80  ? -14.605 2.487   14.147  1.00 49.17 ? 79   ARG A O   1 
ATOM   622  C CB  . ARG A 1 80  ? -11.538 3.600   14.880  1.00 48.78 ? 79   ARG A CB  1 
ATOM   623  C CG  . ARG A 1 80  ? -11.348 3.277   13.380  1.00 48.57 ? 79   ARG A CG  1 
ATOM   624  C CD  . ARG A 1 80  ? -9.964  3.702   12.759  1.00 46.00 ? 79   ARG A CD  1 
ATOM   625  N NE  . ARG A 1 80  ? -9.557  5.078   13.027  1.00 43.43 ? 79   ARG A NE  1 
ATOM   626  C CZ  . ARG A 1 80  ? -9.569  6.085   12.147  1.00 43.93 ? 79   ARG A CZ  1 
ATOM   627  N NH1 . ARG A 1 80  ? -9.981  5.917   10.898  1.00 45.61 ? 79   ARG A NH1 1 
ATOM   628  N NH2 . ARG A 1 80  ? -9.171  7.286   12.530  1.00 39.39 ? 79   ARG A NH2 1 
ATOM   629  N N   . ASN A 1 81  ? -14.681 4.313   15.460  1.00 49.13 ? 80   ASN A N   1 
ATOM   630  C CA  . ASN A 1 81  ? -15.974 4.720   14.939  1.00 49.18 ? 80   ASN A CA  1 
ATOM   631  C C   . ASN A 1 81  ? -15.840 5.447   13.612  1.00 48.27 ? 80   ASN A C   1 
ATOM   632  O O   . ASN A 1 81  ? -16.726 5.384   12.776  1.00 48.10 ? 80   ASN A O   1 
ATOM   633  C CB  . ASN A 1 81  ? -16.747 5.574   15.953  1.00 50.26 ? 80   ASN A CB  1 
ATOM   634  C CG  . ASN A 1 81  ? -17.492 4.721   16.991  1.00 52.45 ? 80   ASN A CG  1 
ATOM   635  O OD1 . ASN A 1 81  ? -18.587 4.213   16.720  1.00 53.92 ? 80   ASN A OD1 1 
ATOM   636  N ND2 . ASN A 1 81  ? -16.896 4.557   18.176  1.00 53.05 ? 80   ASN A ND2 1 
ATOM   637  N N   . GLU A 1 82  ? -14.735 6.140   13.403  1.00 47.35 ? 81   GLU A N   1 
ATOM   638  C CA  . GLU A 1 82  ? -14.593 6.785   12.112  1.00 47.32 ? 81   GLU A CA  1 
ATOM   639  C C   . GLU A 1 82  ? -14.449 5.714   11.022  1.00 45.42 ? 81   GLU A C   1 
ATOM   640  O O   . GLU A 1 82  ? -13.733 4.741   11.170  1.00 45.20 ? 81   GLU A O   1 
ATOM   641  C CB  . GLU A 1 82  ? -13.466 7.829   12.059  1.00 47.57 ? 81   GLU A CB  1 
ATOM   642  C CG  . GLU A 1 82  ? -13.444 8.559   10.701  1.00 50.35 ? 81   GLU A CG  1 
ATOM   643  C CD  . GLU A 1 82  ? -12.705 9.890   10.695  1.00 53.73 ? 81   GLU A CD  1 
ATOM   644  O OE1 . GLU A 1 82  ? -11.672 10.027  11.387  1.00 55.10 ? 81   GLU A OE1 1 
ATOM   645  O OE2 . GLU A 1 82  ? -13.155 10.803  9.959   1.00 57.16 ? 81   GLU A OE2 1 
ATOM   646  N N   . LYS A 1 83  ? -15.223 5.905   9.968   1.00 44.62 ? 82   LYS A N   1 
ATOM   647  C CA  . LYS A 1 83  ? -15.127 5.165   8.742   1.00 43.06 ? 82   LYS A CA  1 
ATOM   648  C C   . LYS A 1 83  ? -14.202 5.904   7.763   1.00 41.58 ? 82   LYS A C   1 
ATOM   649  O O   . LYS A 1 83  ? -14.213 7.148   7.681   1.00 41.70 ? 82   LYS A O   1 
ATOM   650  C CB  . LYS A 1 83  ? -16.522 5.078   8.100   1.00 43.69 ? 82   LYS A CB  1 
ATOM   651  C CG  . LYS A 1 83  ? -17.632 4.411   8.943   1.00 44.45 ? 82   LYS A CG  1 
ATOM   652  C CD  . LYS A 1 83  ? -18.385 3.406   8.067   1.00 48.78 ? 82   LYS A CD  1 
ATOM   653  C CE  . LYS A 1 83  ? -19.706 2.922   8.675   1.00 51.05 ? 82   LYS A CE  1 
ATOM   654  N NZ  . LYS A 1 83  ? -20.359 1.819   7.850   1.00 51.56 ? 82   LYS A NZ  1 
ATOM   655  N N   . PHE A 1 84  ? -13.432 5.156   6.977   1.00 38.81 ? 83   PHE A N   1 
ATOM   656  C CA  . PHE A 1 84  ? -12.681 5.805   5.914   1.00 36.86 ? 83   PHE A CA  1 
ATOM   657  C C   . PHE A 1 84  ? -13.595 6.184   4.771   1.00 36.67 ? 83   PHE A C   1 
ATOM   658  O O   . PHE A 1 84  ? -14.556 5.473   4.459   1.00 37.49 ? 83   PHE A O   1 
ATOM   659  C CB  . PHE A 1 84  ? -11.613 4.881   5.351   1.00 36.15 ? 83   PHE A CB  1 
ATOM   660  C CG  . PHE A 1 84  ? -10.634 4.380   6.375   1.00 35.11 ? 83   PHE A CG  1 
ATOM   661  C CD1 . PHE A 1 84  ? -9.674  5.228   6.904   1.00 33.22 ? 83   PHE A CD1 1 
ATOM   662  C CD2 . PHE A 1 84  ? -10.632 3.033   6.744   1.00 33.60 ? 83   PHE A CD2 1 
ATOM   663  C CE1 . PHE A 1 84  ? -8.761  4.753   7.830   1.00 35.13 ? 83   PHE A CE1 1 
ATOM   664  C CE2 . PHE A 1 84  ? -9.716  2.559   7.660   1.00 32.81 ? 83   PHE A CE2 1 
ATOM   665  C CZ  . PHE A 1 84  ? -8.775  3.434   8.198   1.00 33.32 ? 83   PHE A CZ  1 
ATOM   666  N N   . ARG A 1 85  ? -13.259 7.280   4.123   1.00 35.55 ? 84   ARG A N   1 
ATOM   667  C CA  . ARG A 1 85  ? -13.819 7.601   2.836   1.00 35.72 ? 84   ARG A CA  1 
ATOM   668  C C   . ARG A 1 85  ? -13.601 6.368   1.925   1.00 34.87 ? 84   ARG A C   1 
ATOM   669  O O   . ARG A 1 85  ? -12.507 5.829   1.878   1.00 34.20 ? 84   ARG A O   1 
ATOM   670  C CB  . ARG A 1 85  ? -13.110 8.851   2.307   1.00 36.35 ? 84   ARG A CB  1 
ATOM   671  C CG  . ARG A 1 85  ? -13.819 9.594   1.186   1.00 37.39 ? 84   ARG A CG  1 
ATOM   672  C CD  . ARG A 1 85  ? -13.176 9.281   -0.130  1.00 40.67 ? 84   ARG A CD  1 
ATOM   673  N NE  . ARG A 1 85  ? -11.712 9.431   -0.100  1.00 38.06 ? 84   ARG A NE  1 
ATOM   674  C CZ  . ARG A 1 85  ? -11.024 10.245  -0.903  1.00 40.03 ? 84   ARG A CZ  1 
ATOM   675  N NH1 . ARG A 1 85  ? -11.650 11.025  -1.789  1.00 42.26 ? 84   ARG A NH1 1 
ATOM   676  N NH2 . ARG A 1 85  ? -9.704  10.287  -0.828  1.00 39.28 ? 84   ARG A NH2 1 
ATOM   677  N N   . ASP A 1 86  ? -14.665 5.912   1.254   1.00 34.15 ? 85   ASP A N   1 
ATOM   678  C CA  . ASP A 1 86  ? -14.638 4.722   0.386   1.00 32.31 ? 85   ASP A CA  1 
ATOM   679  C C   . ASP A 1 86  ? -13.858 5.022   -0.898  1.00 31.59 ? 85   ASP A C   1 
ATOM   680  O O   . ASP A 1 86  ? -14.299 5.813   -1.730  1.00 30.61 ? 85   ASP A O   1 
ATOM   681  C CB  . ASP A 1 86  ? -16.074 4.315   0.024   1.00 33.77 ? 85   ASP A CB  1 
ATOM   682  C CG  . ASP A 1 86  ? -16.146 2.994   -0.740  1.00 37.10 ? 85   ASP A CG  1 
ATOM   683  O OD1 . ASP A 1 86  ? -15.098 2.470   -1.239  1.00 38.11 ? 85   ASP A OD1 1 
ATOM   684  O OD2 . ASP A 1 86  ? -17.269 2.453   -0.829  1.00 41.11 ? 85   ASP A OD2 1 
ATOM   685  N N   . ILE A 1 87  ? -12.690 4.417   -1.049  1.00 29.50 ? 86   ILE A N   1 
ATOM   686  C CA  . ILE A 1 87  ? -11.903 4.712   -2.234  1.00 29.73 ? 86   ILE A CA  1 
ATOM   687  C C   . ILE A 1 87  ? -11.847 3.532   -3.199  1.00 29.50 ? 86   ILE A C   1 
ATOM   688  O O   . ILE A 1 87  ? -10.965 3.471   -4.037  1.00 27.88 ? 86   ILE A O   1 
ATOM   689  C CB  . ILE A 1 87  ? -10.482 5.227   -1.919  1.00 28.98 ? 86   ILE A CB  1 
ATOM   690  C CG1 . ILE A 1 87  ? -9.699  4.212   -1.094  1.00 28.15 ? 86   ILE A CG1 1 
ATOM   691  C CG2 . ILE A 1 87  ? -10.528 6.667   -1.273  1.00 28.47 ? 86   ILE A CG2 1 
ATOM   692  C CD1 . ILE A 1 87  ? -8.151  4.505   -1.084  1.00 29.09 ? 86   ILE A CD1 1 
ATOM   693  N N   . ARG A 1 88  ? -12.818 2.626   -3.103  1.00 30.29 ? 87   ARG A N   1 
ATOM   694  C CA  . ARG A 1 88  ? -12.853 1.449   -3.992  1.00 30.72 ? 87   ARG A CA  1 
ATOM   695  C C   . ARG A 1 88  ? -12.944 1.784   -5.475  1.00 30.59 ? 87   ARG A C   1 
ATOM   696  O O   . ARG A 1 88  ? -12.337 1.100   -6.307  1.00 31.56 ? 87   ARG A O   1 
ATOM   697  C CB  . ARG A 1 88  ? -13.885 0.405   -3.503  1.00 31.10 ? 87   ARG A CB  1 
ATOM   698  C CG  . ARG A 1 88  ? -13.421 -0.293  -2.220  1.00 32.37 ? 87   ARG A CG  1 
ATOM   699  C CD  . ARG A 1 88  ? -14.475 -1.175  -1.569  1.00 37.29 ? 87   ARG A CD  1 
ATOM   700  N NE  . ARG A 1 88  ? -15.580 -0.362  -1.089  1.00 39.26 ? 87   ARG A NE  1 
ATOM   701  C CZ  . ARG A 1 88  ? -16.754 -0.841  -0.687  1.00 43.39 ? 87   ARG A CZ  1 
ATOM   702  N NH1 . ARG A 1 88  ? -16.995 -2.142  -0.702  1.00 44.28 ? 87   ARG A NH1 1 
ATOM   703  N NH2 . ARG A 1 88  ? -17.702 -0.013  -0.276  1.00 46.08 ? 87   ARG A NH2 1 
ATOM   704  N N   . GLY A 1 89  ? -13.625 2.875   -5.805  1.00 29.25 ? 88   GLY A N   1 
ATOM   705  C CA  . GLY A 1 89  ? -13.702 3.365   -7.170  1.00 29.62 ? 88   GLY A CA  1 
ATOM   706  C C   . GLY A 1 89  ? -12.377 3.704   -7.818  1.00 29.97 ? 88   GLY A C   1 
ATOM   707  O O   . GLY A 1 89  ? -12.286 3.785   -9.057  1.00 29.72 ? 88   GLY A O   1 
ATOM   708  N N   . PHE A 1 90  ? -11.328 3.878   -7.001  1.00 28.17 ? 89   PHE A N   1 
ATOM   709  C CA  . PHE A 1 90  ? -10.046 4.283   -7.557  1.00 26.73 ? 89   PHE A CA  1 
ATOM   710  C C   . PHE A 1 90  ? -9.154  3.066   -7.832  1.00 25.95 ? 89   PHE A C   1 
ATOM   711  O O   . PHE A 1 90  ? -8.064  3.234   -8.422  1.00 24.24 ? 89   PHE A O   1 
ATOM   712  C CB  . PHE A 1 90  ? -9.356  5.306   -6.618  1.00 25.84 ? 89   PHE A CB  1 
ATOM   713  C CG  . PHE A 1 90  ? -10.138 6.577   -6.413  1.00 27.91 ? 89   PHE A CG  1 
ATOM   714  C CD1 . PHE A 1 90  ? -10.218 7.526   -7.421  1.00 32.86 ? 89   PHE A CD1 1 
ATOM   715  C CD2 . PHE A 1 90  ? -10.814 6.811   -5.218  1.00 26.65 ? 89   PHE A CD2 1 
ATOM   716  C CE1 . PHE A 1 90  ? -10.956 8.711   -7.239  1.00 33.53 ? 89   PHE A CE1 1 
ATOM   717  C CE2 . PHE A 1 90  ? -11.560 7.994   -5.005  1.00 31.21 ? 89   PHE A CE2 1 
ATOM   718  C CZ  . PHE A 1 90  ? -11.635 8.943   -6.037  1.00 33.39 ? 89   PHE A CZ  1 
ATOM   719  N N   . LEU A 1 91  ? -9.645  1.867   -7.448  1.00 25.46 ? 90   LEU A N   1 
ATOM   720  C CA  . LEU A 1 91  ? -8.926  0.587   -7.531  1.00 25.52 ? 90   LEU A CA  1 
ATOM   721  C C   . LEU A 1 91  ? -9.307  -0.187  -8.800  1.00 27.75 ? 90   LEU A C   1 
ATOM   722  O O   . LEU A 1 91  ? -10.511 -0.471  -9.042  1.00 27.49 ? 90   LEU A O   1 
ATOM   723  C CB  . LEU A 1 91  ? -9.249  -0.268  -6.316  1.00 25.58 ? 90   LEU A CB  1 
ATOM   724  C CG  . LEU A 1 91  ? -9.082  0.181   -4.859  1.00 27.46 ? 90   LEU A CG  1 
ATOM   725  C CD1 . LEU A 1 91  ? -9.257  -1.023  -3.941  1.00 24.44 ? 90   LEU A CD1 1 
ATOM   726  C CD2 . LEU A 1 91  ? -7.673  0.787   -4.680  1.00 24.95 ? 90   LEU A CD2 1 
ATOM   727  N N   . ALA A 1 92  ? -8.301  -0.514  -9.617  1.00 27.19 ? 91   ALA A N   1 
ATOM   728  C CA  . ALA A 1 92  ? -8.486  -1.244  -10.857 1.00 26.87 ? 91   ALA A CA  1 
ATOM   729  C C   . ALA A 1 92  ? -8.918  -2.688  -10.643 1.00 28.06 ? 91   ALA A C   1 
ATOM   730  O O   . ALA A 1 92  ? -8.634  -3.294  -9.600  1.00 27.39 ? 91   ALA A O   1 
ATOM   731  C CB  . ALA A 1 92  ? -7.220  -1.176  -11.697 1.00 27.30 ? 91   ALA A CB  1 
ATOM   732  N N   . LYS A 1 93  ? -9.613  -3.253  -11.640 1.00 29.16 ? 92   LYS A N   1 
ATOM   733  C CA  . LYS A 1 93  ? -9.918  -4.686  -11.613 1.00 31.04 ? 92   LYS A CA  1 
ATOM   734  C C   . LYS A 1 93  ? -8.702  -5.560  -11.909 1.00 32.27 ? 92   LYS A C   1 
ATOM   735  O O   . LYS A 1 93  ? -8.652  -6.724  -11.488 1.00 34.06 ? 92   LYS A O   1 
ATOM   736  C CB  . LYS A 1 93  ? -11.069 -5.022  -12.557 1.00 30.91 ? 92   LYS A CB  1 
ATOM   737  C CG  . LYS A 1 93  ? -12.378 -4.445  -12.028 1.00 34.52 ? 92   LYS A CG  1 
ATOM   738  C CD  . LYS A 1 93  ? -13.588 -4.965  -12.820 1.00 36.24 ? 92   LYS A CD  1 
ATOM   739  C CE  . LYS A 1 93  ? -14.858 -4.846  -11.963 1.00 39.47 ? 92   LYS A CE  1 
ATOM   740  N NZ  . LYS A 1 93  ? -16.092 -5.265  -12.707 1.00 42.69 ? 92   LYS A NZ  1 
ATOM   741  N N   . GLU A 1 94  ? -7.735  -5.027  -12.635 1.00 32.89 ? 93   GLU A N   1 
ATOM   742  C CA  . GLU A 1 94  ? -6.485  -5.762  -12.859 1.00 34.05 ? 93   GLU A CA  1 
ATOM   743  C C   . GLU A 1 94  ? -5.270  -4.833  -12.767 1.00 33.41 ? 93   GLU A C   1 
ATOM   744  O O   . GLU A 1 94  ? -5.395  -3.611  -12.885 1.00 32.39 ? 93   GLU A O   1 
ATOM   745  C CB  . GLU A 1 94  ? -6.527  -6.419  -14.239 1.00 35.20 ? 93   GLU A CB  1 
ATOM   746  C CG  . GLU A 1 94  ? -6.999  -5.465  -15.326 1.00 39.01 ? 93   GLU A CG  1 
ATOM   747  C CD  . GLU A 1 94  ? -6.832  -6.024  -16.743 1.00 45.88 ? 93   GLU A CD  1 
ATOM   748  O OE1 . GLU A 1 94  ? -7.185  -7.197  -16.969 1.00 49.24 ? 93   GLU A OE1 1 
ATOM   749  O OE2 . GLU A 1 94  ? -6.345  -5.280  -17.627 1.00 45.87 ? 93   GLU A OE2 1 
ATOM   750  N N   . GLU A 1 95  ? -4.086  -5.422  -12.622 1.00 33.97 ? 94   GLU A N   1 
ATOM   751  C CA  . GLU A 1 95  ? -2.837  -4.687  -12.627 1.00 34.64 ? 94   GLU A CA  1 
ATOM   752  C C   . GLU A 1 95  ? -2.775  -3.553  -13.654 1.00 35.03 ? 94   GLU A C   1 
ATOM   753  O O   . GLU A 1 95  ? -2.986  -3.763  -14.875 1.00 35.38 ? 94   GLU A O   1 
ATOM   754  C CB  . GLU A 1 95  ? -1.649  -5.664  -12.832 1.00 35.17 ? 94   GLU A CB  1 
ATOM   755  C CG  . GLU A 1 95  ? -1.504  -6.744  -11.758 1.00 35.82 ? 94   GLU A CG  1 
ATOM   756  C CD  . GLU A 1 95  ? -2.247  -8.069  -12.052 1.00 41.33 ? 94   GLU A CD  1 
ATOM   757  O OE1 . GLU A 1 95  ? -3.393  -8.060  -12.573 1.00 41.88 ? 94   GLU A OE1 1 
ATOM   758  O OE2 . GLU A 1 95  ? -1.693  -9.133  -11.709 1.00 43.82 ? 94   GLU A OE2 1 
ATOM   759  N N   . VAL A 1 96  ? -2.480  -2.343  -13.160 1.00 35.30 ? 95   VAL A N   1 
ATOM   760  C CA  . VAL A 1 96  ? -2.348  -1.163  -13.997 1.00 34.98 ? 95   VAL A CA  1 
ATOM   761  C C   . VAL A 1 96  ? -0.895  -0.839  -14.399 1.00 36.49 ? 95   VAL A C   1 
ATOM   762  O O   . VAL A 1 96  ? 0.025   -0.870  -13.561 1.00 36.24 ? 95   VAL A O   1 
ATOM   763  C CB  . VAL A 1 96  ? -2.963  0.075   -13.297 1.00 35.69 ? 95   VAL A CB  1 
ATOM   764  C CG1 . VAL A 1 96  ? -2.893  1.303   -14.190 1.00 33.67 ? 95   VAL A CG1 1 
ATOM   765  C CG2 . VAL A 1 96  ? -4.370  -0.219  -12.876 1.00 34.45 ? 95   VAL A CG2 1 
ATOM   766  N N   . GLU A 1 97  ? -0.705  -0.493  -15.670 1.00 37.47 ? 96   GLU A N   1 
ATOM   767  C CA  . GLU A 1 97  ? 0.570   0.007   -16.169 1.00 39.49 ? 96   GLU A CA  1 
ATOM   768  C C   . GLU A 1 97  ? 0.437   1.474   -16.573 1.00 40.40 ? 96   GLU A C   1 
ATOM   769  O O   . GLU A 1 97  ? -0.565  1.881   -17.178 1.00 41.35 ? 96   GLU A O   1 
ATOM   770  C CB  . GLU A 1 97  ? 1.063   -0.823  -17.353 1.00 39.39 ? 96   GLU A CB  1 
ATOM   771  C CG  . GLU A 1 97  ? 1.673   -2.146  -16.992 1.00 41.11 ? 96   GLU A CG  1 
ATOM   772  C CD  . GLU A 1 97  ? 2.649   -2.626  -18.068 1.00 44.09 ? 96   GLU A CD  1 
ATOM   773  O OE1 . GLU A 1 97  ? 2.572   -2.082  -19.193 1.00 44.04 ? 96   GLU A OE1 1 
ATOM   774  O OE2 . GLU A 1 97  ? 3.483   -3.530  -17.790 1.00 43.65 ? 96   GLU A OE2 1 
ATOM   775  N N   . VAL A 1 98  ? 1.460   2.262   -16.253 1.00 40.31 ? 97   VAL A N   1 
ATOM   776  C CA  . VAL A 1 98  ? 1.383   3.707   -16.313 1.00 40.42 ? 97   VAL A CA  1 
ATOM   777  C C   . VAL A 1 98  ? 2.791   4.272   -16.664 1.00 41.45 ? 97   VAL A C   1 
ATOM   778  O O   . VAL A 1 98  ? 3.809   3.645   -16.368 1.00 40.34 ? 97   VAL A O   1 
ATOM   779  C CB  . VAL A 1 98  ? 0.744   4.203   -14.952 1.00 41.77 ? 97   VAL A CB  1 
ATOM   780  C CG1 . VAL A 1 98  ? 1.630   5.156   -14.161 1.00 40.83 ? 97   VAL A CG1 1 
ATOM   781  C CG2 . VAL A 1 98  ? -0.693  4.685   -15.120 1.00 40.83 ? 97   VAL A CG2 1 
ATOM   782  N N   . ASN A 1 99  ? 2.853   5.419   -17.340 1.00 42.32 ? 98   ASN A N   1 
ATOM   783  C CA  . ASN A 1 99  ? 4.155   5.990   -17.713 1.00 43.46 ? 98   ASN A CA  1 
ATOM   784  C C   . ASN A 1 99  ? 4.754   6.924   -16.662 1.00 42.94 ? 98   ASN A C   1 
ATOM   785  O O   . ASN A 1 99  ? 5.973   6.983   -16.515 1.00 42.89 ? 98   ASN A O   1 
ATOM   786  C CB  . ASN A 1 99  ? 4.083   6.687   -19.063 1.00 44.67 ? 98   ASN A CB  1 
ATOM   787  C CG  . ASN A 1 99  ? 3.596   5.764   -20.149 1.00 47.69 ? 98   ASN A CG  1 
ATOM   788  O OD1 . ASN A 1 99  ? 2.539   6.005   -20.755 1.00 52.72 ? 98   ASN A OD1 1 
ATOM   789  N ND2 . ASN A 1 99  ? 4.327   4.673   -20.379 1.00 50.56 ? 98   ASN A ND2 1 
ATOM   790  N N   . GLU A 1 100 ? 3.884   7.640   -15.946 1.00 41.21 ? 99   GLU A N   1 
ATOM   791  C CA  . GLU A 1 100 ? 4.260   8.485   -14.797 1.00 39.84 ? 99   GLU A CA  1 
ATOM   792  C C   . GLU A 1 100 ? 3.430   8.115   -13.544 1.00 37.11 ? 99   GLU A C   1 
ATOM   793  O O   . GLU A 1 100 ? 2.225   8.287   -13.570 1.00 37.42 ? 99   GLU A O   1 
ATOM   794  C CB  . GLU A 1 100 ? 4.000   9.974   -15.133 1.00 40.87 ? 99   GLU A CB  1 
ATOM   795  C CG  . GLU A 1 100 ? 4.785   10.525  -16.335 1.00 45.74 ? 99   GLU A CG  1 
ATOM   796  C CD  . GLU A 1 100 ? 6.284   10.269  -16.237 1.00 51.82 ? 99   GLU A CD  1 
ATOM   797  O OE1 . GLU A 1 100 ? 6.853   10.270  -15.109 1.00 54.84 ? 99   GLU A OE1 1 
ATOM   798  O OE2 . GLU A 1 100 ? 6.900   10.060  -17.302 1.00 55.40 ? 99   GLU A OE2 1 
ATOM   799  N N   . ALA A 1 101 ? 4.054   7.615   -12.468 1.00 32.82 ? 100  ALA A N   1 
ATOM   800  C CA  . ALA A 1 101 ? 3.308   7.418   -11.192 1.00 30.69 ? 100  ALA A CA  1 
ATOM   801  C C   . ALA A 1 101 ? 3.964   8.204   -10.065 1.00 29.01 ? 100  ALA A C   1 
ATOM   802  O O   . ALA A 1 101 ? 5.131   8.609   -10.187 1.00 27.42 ? 100  ALA A O   1 
ATOM   803  C CB  . ALA A 1 101 ? 3.220   5.924   -10.814 1.00 29.41 ? 100  ALA A CB  1 
ATOM   804  N N   . VAL A 1 102 ? 3.213   8.453   -8.975  1.00 26.54 ? 101  VAL A N   1 
ATOM   805  C CA  . VAL A 1 102 ? 3.797   9.053   -7.805  1.00 25.09 ? 101  VAL A CA  1 
ATOM   806  C C   . VAL A 1 102 ? 3.644   8.045   -6.660  1.00 25.85 ? 101  VAL A C   1 
ATOM   807  O O   . VAL A 1 102 ? 2.542   7.471   -6.492  1.00 25.39 ? 101  VAL A O   1 
ATOM   808  C CB  . VAL A 1 102 ? 3.024   10.359  -7.480  1.00 26.27 ? 101  VAL A CB  1 
ATOM   809  C CG1 . VAL A 1 102 ? 3.392   10.901  -6.058  1.00 25.33 ? 101  VAL A CG1 1 
ATOM   810  C CG2 . VAL A 1 102 ? 3.246   11.411  -8.617  1.00 26.32 ? 101  VAL A CG2 1 
ATOM   811  N N   . LEU A 1 103 ? 4.727   7.826   -5.907  1.00 24.10 ? 102  LEU A N   1 
ATOM   812  C CA  . LEU A 1 103 ? 4.725   7.007   -4.687  1.00 24.18 ? 102  LEU A CA  1 
ATOM   813  C C   . LEU A 1 103 ? 4.702   7.951   -3.497  1.00 23.02 ? 102  LEU A C   1 
ATOM   814  O O   . LEU A 1 103 ? 5.523   8.872   -3.408  1.00 23.64 ? 102  LEU A O   1 
ATOM   815  C CB  . LEU A 1 103 ? 5.986   6.111   -4.649  1.00 24.09 ? 102  LEU A CB  1 
ATOM   816  C CG  . LEU A 1 103 ? 5.936   5.184   -3.431  1.00 26.07 ? 102  LEU A CG  1 
ATOM   817  C CD1 . LEU A 1 103 ? 4.793   4.169   -3.673  1.00 23.72 ? 102  LEU A CD1 1 
ATOM   818  C CD2 . LEU A 1 103 ? 7.289   4.466   -3.242  1.00 28.25 ? 102  LEU A CD2 1 
ATOM   819  N N   . ALA A 1 104 ? 3.720   7.769   -2.610  1.00 21.33 ? 103  ALA A N   1 
ATOM   820  C CA  . ALA A 1 104 ? 3.452   8.659   -1.492  1.00 20.97 ? 103  ALA A CA  1 
ATOM   821  C C   . ALA A 1 104 ? 3.719   7.964   -0.156  1.00 20.79 ? 103  ALA A C   1 
ATOM   822  O O   . ALA A 1 104 ? 3.150   6.883   0.138   1.00 19.07 ? 103  ALA A O   1 
ATOM   823  C CB  . ALA A 1 104 ? 2.018   9.142   -1.537  1.00 21.68 ? 103  ALA A CB  1 
ATOM   824  N N   . ILE A 1 105 ? 4.581   8.569   0.634   1.00 21.04 ? 104  ILE A N   1 
ATOM   825  C CA  . ILE A 1 105 ? 4.930   8.024   1.970   1.00 23.93 ? 104  ILE A CA  1 
ATOM   826  C C   . ILE A 1 105 ? 4.528   8.935   3.094   1.00 25.72 ? 104  ILE A C   1 
ATOM   827  O O   . ILE A 1 105 ? 4.622   10.187  2.995   1.00 26.92 ? 104  ILE A O   1 
ATOM   828  C CB  . ILE A 1 105 ? 6.405   7.820   2.127   1.00 24.47 ? 104  ILE A CB  1 
ATOM   829  C CG1 . ILE A 1 105 ? 6.967   7.286   0.830   1.00 25.78 ? 104  ILE A CG1 1 
ATOM   830  C CG2 . ILE A 1 105 ? 6.714   6.866   3.289   1.00 23.05 ? 104  ILE A CG2 1 
ATOM   831  C CD1 . ILE A 1 105 ? 8.415   7.569   0.711   1.00 35.66 ? 104  ILE A CD1 1 
ATOM   832  N N   . ASN A 1 106 ? 4.118   8.336   4.199   1.00 27.37 ? 105  ASN A N   1 
ATOM   833  C CA  . ASN A 1 106 ? 3.751   9.134   5.368   1.00 29.12 ? 105  ASN A CA  1 
ATOM   834  C C   . ASN A 1 106 ? 4.209   8.338   6.620   1.00 29.27 ? 105  ASN A C   1 
ATOM   835  O O   . ASN A 1 106 ? 3.419   7.625   7.266   1.00 29.46 ? 105  ASN A O   1 
ATOM   836  C CB  . ASN A 1 106 ? 2.230   9.436   5.267   1.00 30.73 ? 105  ASN A CB  1 
ATOM   837  C CG  . ASN A 1 106 ? 1.616   10.094  6.522   1.00 35.70 ? 105  ASN A CG  1 
ATOM   838  O OD1 . ASN A 1 106 ? 2.303   10.658  7.351   1.00 35.29 ? 105  ASN A OD1 1 
ATOM   839  N ND2 . ASN A 1 106 ? 0.250   10.019  6.627   1.00 39.48 ? 105  ASN A ND2 1 
ATOM   840  N N   . THR A 1 107 ? 5.498   8.413   6.918   1.00 29.48 ? 106  THR A N   1 
ATOM   841  C CA  . THR A 1 107 ? 6.015   7.897   8.198   1.00 31.44 ? 106  THR A CA  1 
ATOM   842  C C   . THR A 1 107 ? 6.769   8.985   8.997   1.00 33.45 ? 106  THR A C   1 
ATOM   843  O O   . THR A 1 107 ? 7.019   10.087  8.471   1.00 33.26 ? 106  THR A O   1 
ATOM   844  C CB  . THR A 1 107 ? 6.866   6.609   8.043   1.00 30.42 ? 106  THR A CB  1 
ATOM   845  O OG1 . THR A 1 107 ? 8.093   6.867   7.333   1.00 31.43 ? 106  THR A OG1 1 
ATOM   846  C CG2 . THR A 1 107 ? 6.086   5.481   7.350   1.00 28.69 ? 106  THR A CG2 1 
ATOM   847  N N   . SER A 1 108 ? 7.127   8.693   10.261  1.00 34.56 ? 107  SER A N   1 
ATOM   848  C CA  . SER A 1 108 ? 8.028   9.575   11.015  1.00 37.31 ? 107  SER A CA  1 
ATOM   849  C C   . SER A 1 108 ? 9.278   9.847   10.233  1.00 38.11 ? 107  SER A C   1 
ATOM   850  O O   . SER A 1 108 ? 9.783   10.944  10.257  1.00 40.75 ? 107  SER A O   1 
ATOM   851  C CB  . SER A 1 108 ? 8.427   8.971   12.370  1.00 37.74 ? 107  SER A CB  1 
ATOM   852  O OG  . SER A 1 108 ? 7.245   8.742   13.126  1.00 40.71 ? 107  SER A OG  1 
ATOM   853  N N   . LYS A 1 109 ? 9.762   8.834   9.536   1.00 38.68 ? 108  LYS A N   1 
ATOM   854  C CA  . LYS A 1 109 ? 10.957  8.860   8.721   1.00 38.78 ? 108  LYS A CA  1 
ATOM   855  C C   . LYS A 1 109 ? 10.776  9.658   7.421   1.00 39.39 ? 108  LYS A C   1 
ATOM   856  O O   . LYS A 1 109 ? 11.601  10.504  7.053   1.00 40.07 ? 108  LYS A O   1 
ATOM   857  C CB  . LYS A 1 109 ? 11.238  7.413   8.344   1.00 39.06 ? 108  LYS A CB  1 
ATOM   858  C CG  . LYS A 1 109 ? 12.586  7.109   7.781   1.00 41.32 ? 108  LYS A CG  1 
ATOM   859  C CD  . LYS A 1 109 ? 12.806  5.598   7.863   1.00 44.34 ? 108  LYS A CD  1 
ATOM   860  C CE  . LYS A 1 109 ? 14.195  5.284   8.380   1.00 48.42 ? 108  LYS A CE  1 
ATOM   861  N NZ  . LYS A 1 109 ? 15.240  5.616   7.359   1.00 47.93 ? 108  LYS A NZ  1 
ATOM   862  N N   . PHE A 1 110 ? 9.714   9.351   6.699   1.00 38.89 ? 109  PHE A N   1 
ATOM   863  C CA  . PHE A 1 110 ? 9.391   10.075  5.482   1.00 38.25 ? 109  PHE A CA  1 
ATOM   864  C C   . PHE A 1 110 ? 8.014   10.673  5.681   1.00 37.53 ? 109  PHE A C   1 
ATOM   865  O O   . PHE A 1 110 ? 7.003   10.082  5.262   1.00 36.57 ? 109  PHE A O   1 
ATOM   866  C CB  . PHE A 1 110 ? 9.443   9.120   4.286   1.00 39.46 ? 109  PHE A CB  1 
ATOM   867  C CG  . PHE A 1 110 ? 10.759  8.435   4.134   1.00 41.18 ? 109  PHE A CG  1 
ATOM   868  C CD1 . PHE A 1 110 ? 11.881  9.141   3.714   1.00 44.47 ? 109  PHE A CD1 1 
ATOM   869  C CD2 . PHE A 1 110 ? 10.889  7.079   4.431   1.00 43.81 ? 109  PHE A CD2 1 
ATOM   870  C CE1 . PHE A 1 110 ? 13.102  8.509   3.585   1.00 44.40 ? 109  PHE A CE1 1 
ATOM   871  C CE2 . PHE A 1 110 ? 12.106  6.425   4.303   1.00 44.38 ? 109  PHE A CE2 1 
ATOM   872  C CZ  . PHE A 1 110 ? 13.225  7.139   3.877   1.00 47.37 ? 109  PHE A CZ  1 
ATOM   873  N N   . PRO A 1 111 ? 7.945   11.822  6.391   1.00 36.27 ? 110  PRO A N   1 
ATOM   874  C CA  . PRO A 1 111 ? 6.644   12.408  6.549   1.00 35.90 ? 110  PRO A CA  1 
ATOM   875  C C   . PRO A 1 111 ? 6.292   13.124  5.233   1.00 35.74 ? 110  PRO A C   1 
ATOM   876  O O   . PRO A 1 111 ? 7.182   13.666  4.550   1.00 36.91 ? 110  PRO A O   1 
ATOM   877  C CB  . PRO A 1 111 ? 6.819   13.398  7.701   1.00 36.27 ? 110  PRO A CB  1 
ATOM   878  C CG  . PRO A 1 111 ? 8.273   13.733  7.694   1.00 37.58 ? 110  PRO A CG  1 
ATOM   879  C CD  . PRO A 1 111 ? 9.004   12.567  7.110   1.00 36.54 ? 110  PRO A CD  1 
ATOM   880  N N   . ASN A 1 112 ? 5.018   13.076  4.900   1.00 34.73 ? 111  ASN A N   1 
ATOM   881  C CA  . ASN A 1 112 ? 4.463   13.580  3.654   1.00 34.01 ? 111  ASN A CA  1 
ATOM   882  C C   . ASN A 1 112 ? 5.441   13.883  2.512   1.00 31.63 ? 111  ASN A C   1 
ATOM   883  O O   . ASN A 1 112 ? 5.580   15.012  2.055   1.00 31.07 ? 111  ASN A O   1 
ATOM   884  C CB  . ASN A 1 112 ? 3.506   14.737  3.935   1.00 35.36 ? 111  ASN A CB  1 
ATOM   885  C CG  . ASN A 1 112 ? 2.191   14.617  3.145   1.00 40.10 ? 111  ASN A CG  1 
ATOM   886  O OD1 . ASN A 1 112 ? 1.829   13.527  2.657   1.00 47.65 ? 111  ASN A OD1 1 
ATOM   887  N ND2 . ASN A 1 112 ? 1.454   15.721  3.048   1.00 42.74 ? 111  ASN A ND2 1 
ATOM   888  N N   . MET A 1 113 ? 6.061   12.818  2.030   1.00 29.14 ? 112  MET A N   1 
ATOM   889  C CA  . MET A 1 113 ? 6.968   12.862  0.923   1.00 27.76 ? 112  MET A CA  1 
ATOM   890  C C   . MET A 1 113 ? 6.377   12.168  -0.303  1.00 26.72 ? 112  MET A C   1 
ATOM   891  O O   . MET A 1 113 ? 5.701   11.139  -0.177  1.00 27.55 ? 112  MET A O   1 
ATOM   892  C CB  . MET A 1 113 ? 8.256   12.230  1.346   1.00 29.06 ? 112  MET A CB  1 
ATOM   893  C CG  . MET A 1 113 ? 8.823   12.895  2.678   1.00 32.70 ? 112  MET A CG  1 
ATOM   894  S SD  . MET A 1 113 ? 10.566  12.595  2.770   1.00 46.78 ? 112  MET A SD  1 
ATOM   895  C CE  . MET A 1 113 ? 11.166  13.798  1.583   1.00 47.38 ? 112  MET A CE  1 
ATOM   896  N N   . TYR A 1 114 ? 6.643   12.711  -1.479  1.00 24.23 ? 113  TYR A N   1 
ATOM   897  C CA  . TYR A 1 114 ? 6.019   12.228  -2.715  1.00 22.41 ? 113  TYR A CA  1 
ATOM   898  C C   . TYR A 1 114 ? 7.143   12.080  -3.662  1.00 21.90 ? 113  TYR A C   1 
ATOM   899  O O   . TYR A 1 114 ? 7.914   13.016  -3.779  1.00 21.80 ? 113  TYR A O   1 
ATOM   900  C CB  . TYR A 1 114 ? 5.017   13.230  -3.310  1.00 21.35 ? 113  TYR A CB  1 
ATOM   901  C CG  . TYR A 1 114 ? 3.874   13.397  -2.390  1.00 20.56 ? 113  TYR A CG  1 
ATOM   902  C CD1 . TYR A 1 114 ? 4.012   14.182  -1.262  1.00 21.70 ? 113  TYR A CD1 1 
ATOM   903  C CD2 . TYR A 1 114 ? 2.681   12.666  -2.606  1.00 18.82 ? 113  TYR A CD2 1 
ATOM   904  C CE1 . TYR A 1 114 ? 2.941   14.302  -0.328  1.00 19.45 ? 113  TYR A CE1 1 
ATOM   905  C CE2 . TYR A 1 114 ? 1.634   12.774  -1.699  1.00 21.72 ? 113  TYR A CE2 1 
ATOM   906  C CZ  . TYR A 1 114 ? 1.766   13.584  -0.591  1.00 23.05 ? 113  TYR A CZ  1 
ATOM   907  O OH  . TYR A 1 114 ? 0.689   13.634  0.293   1.00 20.41 ? 113  TYR A OH  1 
ATOM   908  N N   . ILE A 1 115 ? 7.180   10.934  -4.330  1.00 20.45 ? 114  ILE A N   1 
ATOM   909  C CA  . ILE A 1 115 ? 8.231   10.559  -5.246  1.00 22.05 ? 114  ILE A CA  1 
ATOM   910  C C   . ILE A 1 115 ? 7.697   10.259  -6.668  1.00 23.09 ? 114  ILE A C   1 
ATOM   911  O O   . ILE A 1 115 ? 6.930   9.329   -6.856  1.00 22.34 ? 114  ILE A O   1 
ATOM   912  C CB  . ILE A 1 115 ? 8.961   9.293   -4.766  1.00 23.39 ? 114  ILE A CB  1 
ATOM   913  C CG1 . ILE A 1 115 ? 9.286   9.388   -3.239  1.00 25.27 ? 114  ILE A CG1 1 
ATOM   914  C CG2 . ILE A 1 115 ? 10.128  9.011   -5.710  1.00 24.02 ? 114  ILE A CG2 1 
ATOM   915  C CD1 . ILE A 1 115 ? 9.659   8.068   -2.547  1.00 25.94 ? 114  ILE A CD1 1 
ATOM   916  N N   . PRO A 1 116 ? 8.213   10.959  -7.679  1.00 24.13 ? 115  PRO A N   1 
ATOM   917  C CA  . PRO A 1 116 ? 7.874   10.600  -9.046  1.00 25.65 ? 115  PRO A CA  1 
ATOM   918  C C   . PRO A 1 116 ? 8.724   9.418   -9.500  1.00 27.90 ? 115  PRO A C   1 
ATOM   919  O O   . PRO A 1 116 ? 9.936   9.598   -9.750  1.00 29.20 ? 115  PRO A O   1 
ATOM   920  C CB  . PRO A 1 116 ? 8.258   11.837  -9.855  1.00 26.11 ? 115  PRO A CB  1 
ATOM   921  C CG  . PRO A 1 116 ? 9.119   12.728  -8.870  1.00 26.25 ? 115  PRO A CG  1 
ATOM   922  C CD  . PRO A 1 116 ? 9.263   11.988  -7.585  1.00 24.27 ? 115  PRO A CD  1 
ATOM   923  N N   . VAL A 1 117 ? 8.132   8.232   -9.624  1.00 29.38 ? 116  VAL A N   1 
ATOM   924  C CA  . VAL A 1 117 ? 8.930   7.005   -9.797  1.00 30.73 ? 116  VAL A CA  1 
ATOM   925  C C   . VAL A 1 117 ? 9.065   6.592   -11.231 1.00 34.06 ? 116  VAL A C   1 
ATOM   926  O O   . VAL A 1 117 ? 9.761   5.584   -11.538 1.00 36.63 ? 116  VAL A O   1 
ATOM   927  C CB  . VAL A 1 117 ? 8.383   5.790   -9.017  1.00 30.50 ? 116  VAL A CB  1 
ATOM   928  C CG1 . VAL A 1 117 ? 8.450   6.031   -7.512  1.00 30.14 ? 116  VAL A CG1 1 
ATOM   929  C CG2 . VAL A 1 117 ? 6.931   5.458   -9.435  1.00 30.94 ? 116  VAL A CG2 1 
ATOM   930  N N   . GLY A 1 118 ? 8.368   7.320   -12.102 1.00 35.37 ? 117  GLY A N   1 
ATOM   931  C CA  . GLY A 1 118 ? 8.440   7.057   -13.536 1.00 37.44 ? 117  GLY A CA  1 
ATOM   932  C C   . GLY A 1 118 ? 7.452   6.009   -14.010 1.00 38.40 ? 117  GLY A C   1 
ATOM   933  O O   . GLY A 1 118 ? 6.288   5.991   -13.588 1.00 38.53 ? 117  GLY A O   1 
ATOM   934  N N   . GLN A 1 119 ? 7.933   5.154   -14.901 1.00 38.92 ? 118  GLN A N   1 
ATOM   935  C CA  . GLN A 1 119 ? 7.133   4.111   -15.490 1.00 40.58 ? 118  GLN A CA  1 
ATOM   936  C C   . GLN A 1 119 ? 6.909   2.993   -14.511 1.00 40.17 ? 118  GLN A C   1 
ATOM   937  O O   . GLN A 1 119 ? 7.829   2.550   -13.801 1.00 40.58 ? 118  GLN A O   1 
ATOM   938  C CB  . GLN A 1 119 ? 7.769   3.569   -16.779 1.00 40.81 ? 118  GLN A CB  1 
ATOM   939  C CG  . GLN A 1 119 ? 7.080   2.314   -17.330 1.00 43.96 ? 118  GLN A CG  1 
ATOM   940  C CD  . GLN A 1 119 ? 7.191   2.184   -18.847 1.00 50.28 ? 118  GLN A CD  1 
ATOM   941  O OE1 . GLN A 1 119 ? 6.552   2.943   -19.600 1.00 54.33 ? 118  GLN A OE1 1 
ATOM   942  N NE2 . GLN A 1 119 ? 8.002   1.217   -19.305 1.00 50.66 ? 118  GLN A NE2 1 
ATOM   943  N N   . VAL A 1 120 ? 5.659   2.555   -14.482 1.00 40.38 ? 119  VAL A N   1 
ATOM   944  C CA  . VAL A 1 120 ? 5.255   1.411   -13.728 1.00 40.10 ? 119  VAL A CA  1 
ATOM   945  C C   . VAL A 1 120 ? 4.928   0.336   -14.743 1.00 42.11 ? 119  VAL A C   1 
ATOM   946  O O   . VAL A 1 120 ? 4.137   0.559   -15.663 1.00 41.89 ? 119  VAL A O   1 
ATOM   947  C CB  . VAL A 1 120 ? 4.014   1.707   -12.894 1.00 40.45 ? 119  VAL A CB  1 
ATOM   948  C CG1 . VAL A 1 120 ? 3.560   0.448   -12.153 1.00 36.77 ? 119  VAL A CG1 1 
ATOM   949  C CG2 . VAL A 1 120 ? 4.299   2.875   -11.917 1.00 39.22 ? 119  VAL A CG2 1 
ATOM   950  N N   . THR A 1 121 ? 5.549   -0.816  -14.584 1.00 42.96 ? 120  THR A N   1 
ATOM   951  C CA  . THR A 1 121 ? 5.256   -1.928  -15.474 1.00 45.11 ? 120  THR A CA  1 
ATOM   952  C C   . THR A 1 121 ? 4.769   -3.073  -14.644 1.00 44.80 ? 120  THR A C   1 
ATOM   953  O O   . THR A 1 121 ? 5.197   -3.241  -13.501 1.00 44.58 ? 120  THR A O   1 
ATOM   954  C CB  . THR A 1 121 ? 6.463   -2.366  -16.326 1.00 45.14 ? 120  THR A CB  1 
ATOM   955  O OG1 . THR A 1 121 ? 7.658   -2.351  -15.536 1.00 47.24 ? 120  THR A OG1 1 
ATOM   956  C CG2 . THR A 1 121 ? 6.635   -1.448  -17.522 1.00 47.09 ? 120  THR A CG2 1 
ATOM   957  N N   . GLU A 1 122 ? 3.840   -3.832  -15.214 1.00 45.90 ? 121  GLU A N   1 
ATOM   958  C CA  . GLU A 1 122 ? 3.368   -5.054  -14.616 1.00 46.61 ? 121  GLU A CA  1 
ATOM   959  C C   . GLU A 1 122 ? 4.536   -6.016  -14.674 1.00 47.59 ? 121  GLU A C   1 
ATOM   960  O O   . GLU A 1 122 ? 5.229   -6.103  -15.684 1.00 47.93 ? 121  GLU A O   1 
ATOM   961  C CB  . GLU A 1 122 ? 2.165   -5.590  -15.393 1.00 47.04 ? 121  GLU A CB  1 
ATOM   962  C CG  . GLU A 1 122 ? 1.545   -6.817  -14.789 1.00 46.51 ? 121  GLU A CG  1 
ATOM   963  C CD  . GLU A 1 122 ? 0.370   -7.347  -15.586 1.00 47.49 ? 121  GLU A CD  1 
ATOM   964  O OE1 . GLU A 1 122 ? -0.055  -6.701  -16.579 1.00 48.14 ? 121  GLU A OE1 1 
ATOM   965  O OE2 . GLU A 1 122 ? -0.116  -8.434  -15.213 1.00 45.74 ? 121  GLU A OE2 1 
ATOM   966  N N   . TYR A 1 123 ? 4.758   -6.720  -13.575 1.00 48.60 ? 122  TYR A N   1 
ATOM   967  C CA  . TYR A 1 123 ? 5.955   -7.509  -13.384 1.00 49.87 ? 122  TYR A CA  1 
ATOM   968  C C   . TYR A 1 123 ? 5.509   -8.853  -12.831 1.00 50.22 ? 122  TYR A C   1 
ATOM   969  O O   . TYR A 1 123 ? 6.317   -9.775  -12.693 1.00 51.52 ? 122  TYR A O   1 
ATOM   970  C CB  . TYR A 1 123 ? 6.879   -6.768  -12.405 1.00 49.78 ? 122  TYR A CB  1 
ATOM   971  C CG  . TYR A 1 123 ? 8.264   -7.344  -12.182 1.00 50.91 ? 122  TYR A CG  1 
ATOM   972  C CD1 . TYR A 1 123 ? 8.483   -8.340  -11.226 1.00 50.84 ? 122  TYR A CD1 1 
ATOM   973  C CD2 . TYR A 1 123 ? 9.357   -6.855  -12.886 1.00 51.78 ? 122  TYR A CD2 1 
ATOM   974  C CE1 . TYR A 1 123 ? 9.744   -8.855  -11.004 1.00 52.77 ? 122  TYR A CE1 1 
ATOM   975  C CE2 . TYR A 1 123 ? 10.636  -7.359  -12.672 1.00 53.81 ? 122  TYR A CE2 1 
ATOM   976  C CZ  . TYR A 1 123 ? 10.827  -8.362  -11.728 1.00 53.29 ? 122  TYR A CZ  1 
ATOM   977  O OH  . TYR A 1 123 ? 12.094  -8.878  -11.503 1.00 53.79 ? 122  TYR A OH  1 
ATOM   978  N N   . GLY A 1 124 ? 4.213   -8.972  -12.530 1.00 50.85 ? 123  GLY A N   1 
ATOM   979  C CA  . GLY A 1 124 ? 3.633   -10.247 -12.072 1.00 51.15 ? 123  GLY A CA  1 
ATOM   980  C C   . GLY A 1 124 ? 4.520   -11.074 -11.149 1.00 51.31 ? 123  GLY A C   1 
ATOM   981  O O   . GLY A 1 124 ? 4.430   -10.938 -9.917  1.00 51.63 ? 123  GLY A O   1 
ATOM   982  N N   . PHE A 1 125 ? 5.402   -11.913 -11.715 1.00 50.90 ? 124  PHE A N   1 
ATOM   983  C CA  . PHE A 1 125 ? 6.243   -12.754 -10.850 1.00 50.40 ? 124  PHE A CA  1 
ATOM   984  C C   . PHE A 1 125 ? 7.578   -12.199 -10.316 1.00 49.75 ? 124  PHE A C   1 
ATOM   985  O O   . PHE A 1 125 ? 8.390   -11.663 -11.048 1.00 49.70 ? 124  PHE A O   1 
ATOM   986  C CB  . PHE A 1 125 ? 6.472   -14.181 -11.381 1.00 51.07 ? 124  PHE A CB  1 
ATOM   987  C CG  . PHE A 1 125 ? 7.098   -15.072 -10.340 1.00 52.44 ? 124  PHE A CG  1 
ATOM   988  C CD1 . PHE A 1 125 ? 6.340   -15.508 -9.247  1.00 54.49 ? 124  PHE A CD1 1 
ATOM   989  C CD2 . PHE A 1 125 ? 8.460   -15.369 -10.376 1.00 54.06 ? 124  PHE A CD2 1 
ATOM   990  C CE1 . PHE A 1 125 ? 6.905   -16.295 -8.239  1.00 53.57 ? 124  PHE A CE1 1 
ATOM   991  C CE2 . PHE A 1 125 ? 9.039   -16.149 -9.369  1.00 54.93 ? 124  PHE A CE2 1 
ATOM   992  C CZ  . PHE A 1 125 ? 8.260   -16.598 -8.289  1.00 53.83 ? 124  PHE A CZ  1 
ATOM   993  N N   . LEU A 1 126 ? 7.788   -12.402 -9.022  1.00 49.07 ? 125  LEU A N   1 
ATOM   994  C CA  . LEU A 1 126 ? 8.987   -11.949 -8.326  1.00 49.23 ? 125  LEU A CA  1 
ATOM   995  C C   . LEU A 1 126 ? 9.193   -12.761 -7.068  1.00 48.55 ? 125  LEU A C   1 
ATOM   996  O O   . LEU A 1 126 ? 8.263   -12.995 -6.300  1.00 47.96 ? 125  LEU A O   1 
ATOM   997  C CB  . LEU A 1 126 ? 8.904   -10.456 -7.940  1.00 49.30 ? 125  LEU A CB  1 
ATOM   998  C CG  . LEU A 1 126 ? 10.031  -9.923  -7.025  1.00 50.02 ? 125  LEU A CG  1 
ATOM   999  C CD1 . LEU A 1 126 ? 11.383  -9.907  -7.737  1.00 50.46 ? 125  LEU A CD1 1 
ATOM   1000 C CD2 . LEU A 1 126 ? 9.713   -8.541  -6.435  1.00 50.52 ? 125  LEU A CD2 1 
ATOM   1001 N N   . ASN A 1 127 ? 10.441  -13.164 -6.864  1.00 49.55 ? 126  ASN A N   1 
ATOM   1002 C CA  . ASN A 1 127 ? 10.835  -13.835 -5.653  1.00 49.91 ? 126  ASN A CA  1 
ATOM   1003 C C   . ASN A 1 127 ? 11.184  -12.791 -4.606  1.00 50.43 ? 126  ASN A C   1 
ATOM   1004 O O   . ASN A 1 127 ? 12.335  -12.363 -4.500  1.00 50.78 ? 126  ASN A O   1 
ATOM   1005 C CB  . ASN A 1 127 ? 12.022  -14.754 -5.931  1.00 50.98 ? 126  ASN A CB  1 
ATOM   1006 C CG  . ASN A 1 127 ? 12.212  -15.765 -4.845  1.00 52.35 ? 126  ASN A CG  1 
ATOM   1007 O OD1 . ASN A 1 127 ? 13.078  -15.612 -3.981  1.00 56.87 ? 126  ASN A OD1 1 
ATOM   1008 N ND2 . ASN A 1 127 ? 11.369  -16.798 -4.850  1.00 55.29 ? 126  ASN A ND2 1 
ATOM   1009 N N   . LEU A 1 128 ? 10.180  -12.368 -3.841  1.00 50.63 ? 127  LEU A N   1 
ATOM   1010 C CA  . LEU A 1 128 ? 10.344  -11.262 -2.890  1.00 51.10 ? 127  LEU A CA  1 
ATOM   1011 C C   . LEU A 1 128 ? 10.647  -11.723 -1.463  1.00 50.47 ? 127  LEU A C   1 
ATOM   1012 O O   . LEU A 1 128 ? 9.830   -12.401 -0.848  1.00 50.89 ? 127  LEU A O   1 
ATOM   1013 C CB  . LEU A 1 128 ? 9.096   -10.365 -2.878  1.00 50.86 ? 127  LEU A CB  1 
ATOM   1014 C CG  . LEU A 1 128 ? 9.074   -9.447  -1.642  1.00 52.24 ? 127  LEU A CG  1 
ATOM   1015 C CD1 . LEU A 1 128 ? 9.883   -8.174  -1.929  1.00 53.06 ? 127  LEU A CD1 1 
ATOM   1016 C CD2 . LEU A 1 128 ? 7.666   -9.151  -1.156  1.00 51.43 ? 127  LEU A CD2 1 
ATOM   1017 N N   . GLY A 1 129 ? 11.793  -11.306 -0.919  1.00 50.80 ? 128  GLY A N   1 
ATOM   1018 C CA  . GLY A 1 129 ? 12.159  -11.642 0.481   1.00 50.16 ? 128  GLY A CA  1 
ATOM   1019 C C   . GLY A 1 129 ? 12.328  -13.148 0.603   1.00 50.00 ? 128  GLY A C   1 
ATOM   1020 O O   . GLY A 1 129 ? 12.016  -13.754 1.642   1.00 49.16 ? 128  GLY A O   1 
ATOM   1021 N N   . GLY A 1 130 ? 12.802  -13.746 -0.489  1.00 49.46 ? 129  GLY A N   1 
ATOM   1022 C CA  . GLY A 1 130 ? 12.793  -15.198 -0.626  1.00 49.79 ? 129  GLY A CA  1 
ATOM   1023 C C   . GLY A 1 130 ? 11.493  -15.823 -1.148  1.00 49.25 ? 129  GLY A C   1 
ATOM   1024 O O   . GLY A 1 130 ? 11.533  -16.929 -1.714  1.00 49.44 ? 129  GLY A O   1 
ATOM   1025 N N   . THR A 1 131 ? 10.357  -15.135 -0.970  1.00 47.73 ? 130  THR A N   1 
ATOM   1026 C CA  . THR A 1 131 ? 9.045   -15.705 -1.301  1.00 46.66 ? 130  THR A CA  1 
ATOM   1027 C C   . THR A 1 131 ? 8.557   -15.383 -2.707  1.00 45.47 ? 130  THR A C   1 
ATOM   1028 O O   . THR A 1 131 ? 8.549   -14.202 -3.101  1.00 46.25 ? 130  THR A O   1 
ATOM   1029 C CB  . THR A 1 131 ? 7.935   -15.289 -0.311  1.00 46.24 ? 130  THR A CB  1 
ATOM   1030 O OG1 . THR A 1 131 ? 8.451   -15.315 1.025   1.00 46.30 ? 130  THR A OG1 1 
ATOM   1031 C CG2 . THR A 1 131 ? 6.776   -16.268 -0.398  1.00 47.66 ? 130  THR A CG2 1 
ATOM   1032 N N   . PRO A 1 132 ? 8.154   -16.432 -3.468  1.00 44.09 ? 131  PRO A N   1 
ATOM   1033 C CA  . PRO A 1 132 ? 7.477   -16.245 -4.761  1.00 43.19 ? 131  PRO A CA  1 
ATOM   1034 C C   . PRO A 1 132 ? 6.233   -15.397 -4.565  1.00 41.50 ? 131  PRO A C   1 
ATOM   1035 O O   . PRO A 1 132 ? 5.439   -15.616 -3.644  1.00 40.32 ? 131  PRO A O   1 
ATOM   1036 C CB  . PRO A 1 132 ? 7.100   -17.681 -5.216  1.00 43.28 ? 131  PRO A CB  1 
ATOM   1037 C CG  . PRO A 1 132 ? 7.684   -18.648 -4.145  1.00 44.20 ? 131  PRO A CG  1 
ATOM   1038 C CD  . PRO A 1 132 ? 8.581   -17.838 -3.246  1.00 44.49 ? 131  PRO A CD  1 
ATOM   1039 N N   . THR A 1 133 ? 6.088   -14.388 -5.405  1.00 41.58 ? 132  THR A N   1 
ATOM   1040 C CA  . THR A 1 133 ? 4.998   -13.444 -5.193  1.00 39.71 ? 132  THR A CA  1 
ATOM   1041 C C   . THR A 1 133 ? 4.458   -12.997 -6.530  1.00 39.65 ? 132  THR A C   1 
ATOM   1042 O O   . THR A 1 133 ? 5.219   -12.836 -7.491  1.00 39.23 ? 132  THR A O   1 
ATOM   1043 C CB  . THR A 1 133 ? 5.458   -12.271 -4.260  1.00 40.33 ? 132  THR A CB  1 
ATOM   1044 O OG1 . THR A 1 133 ? 5.661   -12.765 -2.931  1.00 38.64 ? 132  THR A OG1 1 
ATOM   1045 C CG2 . THR A 1 133 ? 4.417   -11.147 -4.197  1.00 38.80 ? 132  THR A CG2 1 
ATOM   1046 N N   . LYS A 1 134 ? 3.130   -12.848 -6.609  1.00 38.77 ? 133  LYS A N   1 
ATOM   1047 C CA  . LYS A 1 134 ? 2.502   -12.489 -7.873  1.00 38.29 ? 133  LYS A CA  1 
ATOM   1048 C C   . LYS A 1 134 ? 1.915   -11.093 -7.808  1.00 36.87 ? 133  LYS A C   1 
ATOM   1049 O O   . LYS A 1 134 ? 1.729   -10.548 -6.702  1.00 37.67 ? 133  LYS A O   1 
ATOM   1050 C CB  . LYS A 1 134 ? 1.401   -13.506 -8.246  1.00 38.84 ? 133  LYS A CB  1 
ATOM   1051 C CG  . LYS A 1 134 ? 1.946   -14.925 -8.572  1.00 40.43 ? 133  LYS A CG  1 
ATOM   1052 C CD  . LYS A 1 134 ? 1.280   -15.496 -9.819  1.00 42.24 ? 133  LYS A CD  1 
ATOM   1053 C CE  . LYS A 1 134 ? 2.030   -16.729 -10.302 1.00 43.70 ? 133  LYS A CE  1 
ATOM   1054 N NZ  . LYS A 1 134 ? 1.567   -17.917 -9.532  1.00 43.03 ? 133  LYS A NZ  1 
ATOM   1055 N N   . ARG A 1 135 ? 1.653   -10.535 -8.992  1.00 35.55 ? 134  ARG A N   1 
ATOM   1056 C CA  . ARG A 1 135 ? 0.909   -9.285  -9.169  1.00 35.28 ? 134  ARG A CA  1 
ATOM   1057 C C   . ARG A 1 135 ? 1.732   -8.048  -8.705  1.00 35.16 ? 134  ARG A C   1 
ATOM   1058 O O   . ARG A 1 135 ? 1.187   -7.125  -8.082  1.00 33.52 ? 134  ARG A O   1 
ATOM   1059 C CB  . ARG A 1 135 ? -0.446  -9.364  -8.448  1.00 34.43 ? 134  ARG A CB  1 
ATOM   1060 C CG  . ARG A 1 135 ? -1.316  -10.554 -8.902  1.00 35.52 ? 134  ARG A CG  1 
ATOM   1061 C CD  . ARG A 1 135 ? -2.745  -10.476 -8.373  1.00 37.87 ? 134  ARG A CD  1 
ATOM   1062 N NE  . ARG A 1 135 ? -3.521  -11.609 -8.887  1.00 38.18 ? 134  ARG A NE  1 
ATOM   1063 C CZ  . ARG A 1 135 ? -4.579  -12.138 -8.291  1.00 40.24 ? 134  ARG A CZ  1 
ATOM   1064 N NH1 . ARG A 1 135 ? -5.037  -11.637 -7.152  1.00 38.55 ? 134  ARG A NH1 1 
ATOM   1065 N NH2 . ARG A 1 135 ? -5.192  -13.188 -8.849  1.00 41.66 ? 134  ARG A NH2 1 
ATOM   1066 N N   . MET A 1 136 ? 3.034   -8.069  -9.021  1.00 34.66 ? 135  MET A N   1 
ATOM   1067 C CA  . MET A 1 136 ? 3.969   -6.978  -8.664  1.00 33.62 ? 135  MET A CA  1 
ATOM   1068 C C   . MET A 1 136 ? 4.005   -5.945  -9.765  1.00 32.69 ? 135  MET A C   1 
ATOM   1069 O O   . MET A 1 136 ? 4.004   -6.290  -10.954 1.00 33.76 ? 135  MET A O   1 
ATOM   1070 C CB  . MET A 1 136 ? 5.396   -7.501  -8.430  1.00 33.89 ? 135  MET A CB  1 
ATOM   1071 C CG  . MET A 1 136 ? 5.555   -8.516  -7.312  1.00 34.76 ? 135  MET A CG  1 
ATOM   1072 S SD  . MET A 1 136 ? 5.642   -7.780  -5.666  1.00 39.81 ? 135  MET A SD  1 
ATOM   1073 C CE  . MET A 1 136 ? 3.946   -7.894  -5.179  1.00 31.87 ? 135  MET A CE  1 
ATOM   1074 N N   . LEU A 1 137 ? 4.045   -4.679  -9.369  1.00 30.12 ? 136  LEU A N   1 
ATOM   1075 C CA  . LEU A 1 137 ? 4.161   -3.577  -10.270 1.00 30.75 ? 136  LEU A CA  1 
ATOM   1076 C C   . LEU A 1 137 ? 5.578   -3.082  -10.015 1.00 31.33 ? 136  LEU A C   1 
ATOM   1077 O O   . LEU A 1 137 ? 5.956   -2.989  -8.865  1.00 31.15 ? 136  LEU A O   1 
ATOM   1078 C CB  . LEU A 1 137 ? 3.097   -2.532  -9.905  1.00 30.40 ? 136  LEU A CB  1 
ATOM   1079 C CG  . LEU A 1 137 ? 1.697   -3.147  -9.809  1.00 30.32 ? 136  LEU A CG  1 
ATOM   1080 C CD1 . LEU A 1 137 ? 0.561   -2.219  -9.256  1.00 30.73 ? 136  LEU A CD1 1 
ATOM   1081 C CD2 . LEU A 1 137 ? 1.282   -3.788  -11.182 1.00 31.84 ? 136  LEU A CD2 1 
ATOM   1082 N N   . MET A 1 138 ? 6.328   -2.760  -11.063 1.00 31.94 ? 137  MET A N   1 
ATOM   1083 C CA  . MET A 1 138 ? 7.728   -2.358  -10.944 1.00 33.13 ? 137  MET A CA  1 
ATOM   1084 C C   . MET A 1 138 ? 7.997   -0.947  -11.430 1.00 33.99 ? 137  MET A C   1 
ATOM   1085 O O   . MET A 1 138 ? 7.420   -0.465  -12.422 1.00 32.90 ? 137  MET A O   1 
ATOM   1086 C CB  . MET A 1 138 ? 8.634   -3.364  -11.693 1.00 34.60 ? 137  MET A CB  1 
ATOM   1087 C CG  . MET A 1 138 ? 10.130  -3.266  -11.362 1.00 35.07 ? 137  MET A CG  1 
ATOM   1088 S SD  . MET A 1 138 ? 10.857  -2.051  -12.438 1.00 41.76 ? 137  MET A SD  1 
ATOM   1089 C CE  . MET A 1 138 ? 10.598  -2.857  -14.036 1.00 44.63 ? 137  MET A CE  1 
ATOM   1090 N N   . TYR A 1 139 ? 8.900   -0.269  -10.705 1.00 34.43 ? 138  TYR A N   1 
ATOM   1091 C CA  . TYR A 1 139 ? 9.321   1.073   -11.039 1.00 34.08 ? 138  TYR A CA  1 
ATOM   1092 C C   . TYR A 1 139 ? 10.807  1.109   -10.716 1.00 34.72 ? 138  TYR A C   1 
ATOM   1093 O O   . TYR A 1 139 ? 11.294  0.400   -9.811  1.00 33.60 ? 138  TYR A O   1 
ATOM   1094 C CB  . TYR A 1 139 ? 8.482   2.173   -10.307 1.00 33.43 ? 138  TYR A CB  1 
ATOM   1095 C CG  . TYR A 1 139 ? 7.976   1.741   -8.949  1.00 31.23 ? 138  TYR A CG  1 
ATOM   1096 C CD1 . TYR A 1 139 ? 6.781   0.993   -8.831  1.00 27.25 ? 138  TYR A CD1 1 
ATOM   1097 C CD2 . TYR A 1 139 ? 8.692   2.036   -7.787  1.00 28.31 ? 138  TYR A CD2 1 
ATOM   1098 C CE1 . TYR A 1 139 ? 6.311   0.548   -7.598  1.00 26.35 ? 138  TYR A CE1 1 
ATOM   1099 C CE2 . TYR A 1 139 ? 8.219   1.590   -6.513  1.00 25.87 ? 138  TYR A CE2 1 
ATOM   1100 C CZ  . TYR A 1 139 ? 7.031   0.834   -6.447  1.00 25.30 ? 138  TYR A CZ  1 
ATOM   1101 O OH  . TYR A 1 139 ? 6.487   0.369   -5.264  1.00 27.91 ? 138  TYR A OH  1 
ATOM   1102 N N   . ASN A 1 140 ? 11.517  1.883   -11.525 1.00 37.55 ? 139  ASN A N   1 
ATOM   1103 C CA  . ASN A 1 140 ? 12.966  2.032   -11.413 1.00 40.79 ? 139  ASN A CA  1 
ATOM   1104 C C   . ASN A 1 140 ? 13.284  3.169   -10.536 1.00 41.45 ? 139  ASN A C   1 
ATOM   1105 O O   . ASN A 1 140 ? 13.676  4.246   -11.018 1.00 43.58 ? 139  ASN A O   1 
ATOM   1106 C CB  . ASN A 1 140 ? 13.611  2.323   -12.752 1.00 40.38 ? 139  ASN A CB  1 
ATOM   1107 C CG  . ASN A 1 140 ? 13.784  1.107   -13.547 1.00 43.38 ? 139  ASN A CG  1 
ATOM   1108 O OD1 . ASN A 1 140 ? 14.607  0.233   -13.218 1.00 43.53 ? 139  ASN A OD1 1 
ATOM   1109 N ND2 . ASN A 1 140 ? 12.993  1.005   -14.616 1.00 43.95 ? 139  ASN A ND2 1 
ATOM   1110 N N   . PHE A 1 141 ? 13.122  2.924   -9.247  1.00 42.51 ? 140  PHE A N   1 
ATOM   1111 C CA  . PHE A 1 141 ? 13.511  3.882   -8.259  1.00 43.23 ? 140  PHE A CA  1 
ATOM   1112 C C   . PHE A 1 141 ? 14.146  3.147   -7.076  1.00 42.99 ? 140  PHE A C   1 
ATOM   1113 O O   . PHE A 1 141 ? 13.622  2.133   -6.626  1.00 43.13 ? 140  PHE A O   1 
ATOM   1114 C CB  . PHE A 1 141 ? 12.311  4.761   -7.856  1.00 44.18 ? 140  PHE A CB  1 
ATOM   1115 C CG  . PHE A 1 141 ? 12.644  5.760   -6.793  1.00 44.11 ? 140  PHE A CG  1 
ATOM   1116 C CD1 . PHE A 1 141 ? 12.607  5.391   -5.451  1.00 43.96 ? 140  PHE A CD1 1 
ATOM   1117 C CD2 . PHE A 1 141 ? 13.067  7.053   -7.136  1.00 46.45 ? 140  PHE A CD2 1 
ATOM   1118 C CE1 . PHE A 1 141 ? 12.966  6.287   -4.447  1.00 45.09 ? 140  PHE A CE1 1 
ATOM   1119 C CE2 . PHE A 1 141 ? 13.441  7.965   -6.142  1.00 45.31 ? 140  PHE A CE2 1 
ATOM   1120 C CZ  . PHE A 1 141 ? 13.371  7.582   -4.785  1.00 44.38 ? 140  PHE A CZ  1 
ATOM   1121 N N   . PRO A 1 142 ? 15.293  3.667   -6.581  1.00 43.00 ? 141  PRO A N   1 
ATOM   1122 C CA  . PRO A 1 142 ? 16.026  3.226   -5.384  1.00 43.42 ? 141  PRO A CA  1 
ATOM   1123 C C   . PRO A 1 142 ? 15.230  3.272   -4.066  1.00 43.29 ? 141  PRO A C   1 
ATOM   1124 O O   . PRO A 1 142 ? 15.553  4.036   -3.156  1.00 43.31 ? 141  PRO A O   1 
ATOM   1125 C CB  . PRO A 1 142 ? 17.210  4.214   -5.316  1.00 43.15 ? 141  PRO A CB  1 
ATOM   1126 C CG  . PRO A 1 142 ? 16.840  5.370   -6.242  1.00 42.58 ? 141  PRO A CG  1 
ATOM   1127 C CD  . PRO A 1 142 ? 16.049  4.695   -7.323  1.00 42.79 ? 141  PRO A CD  1 
ATOM   1128 N N   . THR A 1 143 ? 14.215  2.434   -3.937  1.00 43.42 ? 142  THR A N   1 
ATOM   1129 C CA  . THR A 1 143 ? 13.390  2.476   -2.730  1.00 43.24 ? 142  THR A CA  1 
ATOM   1130 C C   . THR A 1 143 ? 14.110  1.837   -1.524  1.00 43.86 ? 142  THR A C   1 
ATOM   1131 O O   . THR A 1 143 ? 14.903  0.877   -1.679  1.00 42.99 ? 142  THR A O   1 
ATOM   1132 C CB  . THR A 1 143 ? 12.023  1.822   -2.949  1.00 42.74 ? 142  THR A CB  1 
ATOM   1133 O OG1 . THR A 1 143 ? 12.226  0.509   -3.489  1.00 43.53 ? 142  THR A OG1 1 
ATOM   1134 C CG2 . THR A 1 143 ? 11.118  2.679   -3.869  1.00 40.60 ? 142  THR A CG2 1 
ATOM   1135 N N   . ARG A 1 144 ? 13.820  2.381   -0.334  1.00 44.21 ? 143  ARG A N   1 
ATOM   1136 C CA  . ARG A 1 144 ? 14.487  1.997   0.907   1.00 43.94 ? 143  ARG A CA  1 
ATOM   1137 C C   . ARG A 1 144 ? 13.559  1.513   2.026   1.00 43.03 ? 143  ARG A C   1 
ATOM   1138 O O   . ARG A 1 144 ? 12.306  1.580   1.955   1.00 42.20 ? 143  ARG A O   1 
ATOM   1139 C CB  . ARG A 1 144 ? 15.305  3.179   1.415   1.00 44.87 ? 143  ARG A CB  1 
ATOM   1140 C CG  . ARG A 1 144 ? 16.499  3.499   0.557   1.00 47.29 ? 143  ARG A CG  1 
ATOM   1141 C CD  . ARG A 1 144 ? 16.523  4.982   0.270   1.00 53.06 ? 143  ARG A CD  1 
ATOM   1142 N NE  . ARG A 1 144 ? 17.853  5.485   -0.108  1.00 57.12 ? 143  ARG A NE  1 
ATOM   1143 C CZ  . ARG A 1 144 ? 18.428  5.339   -1.309  1.00 58.21 ? 143  ARG A CZ  1 
ATOM   1144 N NH1 . ARG A 1 144 ? 17.822  4.658   -2.289  1.00 55.71 ? 143  ARG A NH1 1 
ATOM   1145 N NH2 . ARG A 1 144 ? 19.638  5.868   -1.526  1.00 57.89 ? 143  ARG A NH2 1 
ATOM   1146 N N   . ALA A 1 145 ? 14.189  1.026   3.082   1.00 41.89 ? 144  ALA A N   1 
ATOM   1147 C CA  . ALA A 1 145 ? 13.428  0.632   4.249   1.00 40.89 ? 144  ALA A CA  1 
ATOM   1148 C C   . ALA A 1 145 ? 12.728  1.897   4.762   1.00 39.39 ? 144  ALA A C   1 
ATOM   1149 O O   . ALA A 1 145 ? 13.226  3.015   4.585   1.00 39.90 ? 144  ALA A O   1 
ATOM   1150 C CB  . ALA A 1 145 ? 14.329  0.020   5.298   1.00 41.15 ? 144  ALA A CB  1 
ATOM   1151 N N   . GLY A 1 146 ? 11.557  1.725   5.358   1.00 37.77 ? 145  GLY A N   1 
ATOM   1152 C CA  . GLY A 1 146 ? 10.791  2.866   5.827   1.00 34.85 ? 145  GLY A CA  1 
ATOM   1153 C C   . GLY A 1 146 ? 9.744   3.314   4.837   1.00 34.13 ? 145  GLY A C   1 
ATOM   1154 O O   . GLY A 1 146 ? 8.868   4.092   5.191   1.00 33.09 ? 145  GLY A O   1 
ATOM   1155 N N   . GLN A 1 147 ? 9.813   2.797   3.609   1.00 32.84 ? 146  GLN A N   1 
ATOM   1156 C CA  . GLN A 1 147 ? 8.860   3.178   2.558   1.00 32.10 ? 146  GLN A CA  1 
ATOM   1157 C C   . GLN A 1 147 ? 7.723   2.205   2.300   1.00 30.58 ? 146  GLN A C   1 
ATOM   1158 O O   . GLN A 1 147 ? 6.873   2.430   1.382   1.00 29.57 ? 146  GLN A O   1 
ATOM   1159 C CB  . GLN A 1 147 ? 9.634   3.432   1.276   1.00 32.57 ? 146  GLN A CB  1 
ATOM   1160 C CG  . GLN A 1 147 ? 10.605  4.549   1.489   1.00 33.94 ? 146  GLN A CG  1 
ATOM   1161 C CD  . GLN A 1 147 ? 11.400  4.851   0.256   1.00 35.64 ? 146  GLN A CD  1 
ATOM   1162 O OE1 . GLN A 1 147 ? 11.666  3.964   -0.524  1.00 34.99 ? 146  GLN A OE1 1 
ATOM   1163 N NE2 . GLN A 1 147 ? 11.814  6.101   0.094   1.00 36.59 ? 146  GLN A NE2 1 
ATOM   1164 N N   . CYS A 1 148 ? 7.674   1.130   3.097   1.00 29.90 ? 147  CYS A N   1 
ATOM   1165 C CA  . CYS A 1 148 ? 6.664   0.099   2.851   1.00 28.33 ? 147  CYS A CA  1 
ATOM   1166 C C   . CYS A 1 148 ? 5.306   0.585   3.270   1.00 26.66 ? 147  CYS A C   1 
ATOM   1167 O O   . CYS A 1 148 ? 5.184   1.309   4.260   1.00 25.98 ? 147  CYS A O   1 
ATOM   1168 C CB  . CYS A 1 148 ? 7.006   -1.228  3.528   1.00 27.60 ? 147  CYS A CB  1 
ATOM   1169 S SG  . CYS A 1 148 ? 8.306   -2.088  2.674   1.00 35.18 ? 147  CYS A SG  1 
ATOM   1170 N N   . GLY A 1 149 ? 4.272   0.196   2.525   1.00 24.14 ? 148  GLY A N   1 
ATOM   1171 C CA  . GLY A 1 149 ? 2.978   0.772   2.766   1.00 23.87 ? 148  GLY A CA  1 
ATOM   1172 C C   . GLY A 1 149 ? 2.827   2.000   1.879   1.00 23.91 ? 148  GLY A C   1 
ATOM   1173 O O   . GLY A 1 149 ? 1.717   2.409   1.649   1.00 22.62 ? 148  GLY A O   1 
ATOM   1174 N N   . GLY A 1 150 ? 3.930   2.506   1.299   1.00 22.73 ? 149  GLY A N   1 
ATOM   1175 C CA  . GLY A 1 150 ? 3.854   3.690   0.396   1.00 22.87 ? 149  GLY A CA  1 
ATOM   1176 C C   . GLY A 1 150 ? 2.783   3.464   -0.648  1.00 20.51 ? 149  GLY A C   1 
ATOM   1177 O O   . GLY A 1 150 ? 2.651   2.348   -1.115  1.00 22.64 ? 149  GLY A O   1 
ATOM   1178 N N   . VAL A 1 151 ? 2.019   4.489   -1.001  1.00 19.82 ? 150  VAL A N   1 
ATOM   1179 C CA  . VAL A 1 151 ? 0.877   4.312   -1.896  1.00 20.22 ? 150  VAL A CA  1 
ATOM   1180 C C   . VAL A 1 151 ? 1.246   4.800   -3.293  1.00 20.05 ? 150  VAL A C   1 
ATOM   1181 O O   . VAL A 1 151 ? 1.636   5.957   -3.458  1.00 22.16 ? 150  VAL A O   1 
ATOM   1182 C CB  . VAL A 1 151 ? -0.399  5.057   -1.424  1.00 17.93 ? 150  VAL A CB  1 
ATOM   1183 C CG1 . VAL A 1 151 ? -1.627  4.718   -2.371  1.00 21.58 ? 150  VAL A CG1 1 
ATOM   1184 C CG2 . VAL A 1 151 ? -0.696  4.701   0.006   1.00 19.97 ? 150  VAL A CG2 1 
ATOM   1185 N N   . LEU A 1 152 ? 1.110   3.920   -4.286  1.00 20.18 ? 151  LEU A N   1 
ATOM   1186 C CA  . LEU A 1 152 ? 1.459   4.213   -5.670  1.00 20.32 ? 151  LEU A CA  1 
ATOM   1187 C C   . LEU A 1 152 ? 0.216   4.644   -6.427  1.00 20.58 ? 151  LEU A C   1 
ATOM   1188 O O   . LEU A 1 152 ? -0.752  3.905   -6.532  1.00 24.03 ? 151  LEU A O   1 
ATOM   1189 C CB  . LEU A 1 152 ? 2.117   2.970   -6.323  1.00 21.58 ? 151  LEU A CB  1 
ATOM   1190 C CG  . LEU A 1 152 ? 2.719   2.993   -7.731  1.00 22.19 ? 151  LEU A CG  1 
ATOM   1191 C CD1 . LEU A 1 152 ? 4.007   3.765   -7.770  1.00 23.70 ? 151  LEU A CD1 1 
ATOM   1192 C CD2 . LEU A 1 152 ? 2.938   1.532   -8.146  1.00 24.19 ? 151  LEU A CD2 1 
ATOM   1193 N N   . MET A 1 153 ? 0.279   5.833   -7.006  1.00 22.32 ? 152  MET A N   1 
ATOM   1194 C CA  . MET A 1 153 ? -0.876  6.465   -7.621  1.00 22.62 ? 152  MET A CA  1 
ATOM   1195 C C   . MET A 1 153 ? -0.530  7.121   -8.971  1.00 24.25 ? 152  MET A C   1 
ATOM   1196 O O   . MET A 1 153 ? 0.663   7.372   -9.290  1.00 23.23 ? 152  MET A O   1 
ATOM   1197 C CB  . MET A 1 153 ? -1.489  7.496   -6.659  1.00 21.85 ? 152  MET A CB  1 
ATOM   1198 C CG  . MET A 1 153 ? -1.969  6.946   -5.350  1.00 23.83 ? 152  MET A CG  1 
ATOM   1199 S SD  . MET A 1 153 ? -2.511  8.270   -4.261  1.00 24.25 ? 152  MET A SD  1 
ATOM   1200 C CE  . MET A 1 153 ? -0.922  8.478   -3.403  1.00 19.72 ? 152  MET A CE  1 
ATOM   1201 N N   . SER A 1 154 ? -1.570  7.326   -9.780  1.00 25.69 ? 153  SER A N   1 
ATOM   1202 C CA  . SER A 1 154 ? -1.521  8.174   -10.963 1.00 28.57 ? 153  SER A CA  1 
ATOM   1203 C C   . SER A 1 154 ? -2.831  8.948   -10.958 1.00 28.68 ? 153  SER A C   1 
ATOM   1204 O O   . SER A 1 154 ? -3.644  8.801   -10.041 1.00 27.79 ? 153  SER A O   1 
ATOM   1205 C CB  . SER A 1 154 ? -1.394  7.340   -12.227 1.00 28.65 ? 153  SER A CB  1 
ATOM   1206 O OG  . SER A 1 154 ? -2.495  6.432   -12.267 1.00 34.25 ? 153  SER A OG  1 
ATOM   1207 N N   . THR A 1 155 ? -3.033  9.831   -11.933 1.00 28.45 ? 154  THR A N   1 
ATOM   1208 C CA  . THR A 1 155 ? -4.211  10.694  -11.837 1.00 29.71 ? 154  THR A CA  1 
ATOM   1209 C C   . THR A 1 155 ? -5.461  9.825   -11.767 1.00 28.02 ? 154  THR A C   1 
ATOM   1210 O O   . THR A 1 155 ? -5.672  9.003   -12.635 1.00 29.25 ? 154  THR A O   1 
ATOM   1211 C CB  . THR A 1 155 ? -4.266  11.693  -13.021 1.00 30.00 ? 154  THR A CB  1 
ATOM   1212 O OG1 . THR A 1 155 ? -3.009  12.418  -13.052 1.00 35.35 ? 154  THR A OG1 1 
ATOM   1213 C CG2 . THR A 1 155 ? -5.408  12.692  -12.831 1.00 30.80 ? 154  THR A CG2 1 
ATOM   1214 N N   . GLY A 1 156 ? -6.214  9.994   -10.678 1.00 28.28 ? 155  GLY A N   1 
ATOM   1215 C CA  . GLY A 1 156 ? -7.438  9.296   -10.375 1.00 27.32 ? 155  GLY A CA  1 
ATOM   1216 C C   . GLY A 1 156 ? -7.334  7.793   -10.166 1.00 27.05 ? 155  GLY A C   1 
ATOM   1217 O O   . GLY A 1 156 ? -8.338  7.050   -10.311 1.00 27.32 ? 155  GLY A O   1 
ATOM   1218 N N   . LYS A 1 157 ? -6.131  7.285   -9.902  1.00 26.74 ? 156  LYS A N   1 
ATOM   1219 C CA  . LYS A 1 157 ? -5.980  5.831   -9.815  1.00 23.90 ? 156  LYS A CA  1 
ATOM   1220 C C   . LYS A 1 157 ? -5.088  5.518   -8.596  1.00 22.58 ? 156  LYS A C   1 
ATOM   1221 O O   . LYS A 1 157 ? -4.042  6.146   -8.424  1.00 23.78 ? 156  LYS A O   1 
ATOM   1222 C CB  . LYS A 1 157 ? -5.316  5.291   -11.098 1.00 24.91 ? 156  LYS A CB  1 
ATOM   1223 C CG  . LYS A 1 157 ? -6.139  5.452   -12.372 1.00 25.99 ? 156  LYS A CG  1 
ATOM   1224 C CD  . LYS A 1 157 ? -5.238  4.924   -13.532 1.00 31.96 ? 156  LYS A CD  1 
ATOM   1225 C CE  . LYS A 1 157 ? -5.792  5.376   -14.876 1.00 35.90 ? 156  LYS A CE  1 
ATOM   1226 N NZ  . LYS A 1 157 ? -4.830  4.999   -15.957 1.00 38.19 ? 156  LYS A NZ  1 
ATOM   1227 N N   . VAL A 1 158 ? -5.528  4.604   -7.743  1.00 21.85 ? 157  VAL A N   1 
ATOM   1228 C CA  . VAL A 1 158 ? -4.621  3.963   -6.763  1.00 21.53 ? 157  VAL A CA  1 
ATOM   1229 C C   . VAL A 1 158 ? -4.141  2.581   -7.260  1.00 22.48 ? 157  VAL A C   1 
ATOM   1230 O O   . VAL A 1 158 ? -4.941  1.615   -7.373  1.00 24.55 ? 157  VAL A O   1 
ATOM   1231 C CB  . VAL A 1 158 ? -5.281  3.870   -5.378  1.00 20.05 ? 157  VAL A CB  1 
ATOM   1232 C CG1 . VAL A 1 158 ? -4.360  3.098   -4.411  1.00 18.51 ? 157  VAL A CG1 1 
ATOM   1233 C CG2 . VAL A 1 158 ? -5.656  5.318   -4.845  1.00 21.14 ? 157  VAL A CG2 1 
ATOM   1234 N N   . LEU A 1 159 ? -2.850  2.472   -7.569  1.00 23.47 ? 158  LEU A N   1 
ATOM   1235 C CA  . LEU A 1 159 ? -2.288  1.320   -8.271  1.00 22.62 ? 158  LEU A CA  1 
ATOM   1236 C C   . LEU A 1 159 ? -1.919  0.168   -7.345  1.00 23.10 ? 158  LEU A C   1 
ATOM   1237 O O   . LEU A 1 159 ? -2.285  -0.966  -7.613  1.00 21.98 ? 158  LEU A O   1 
ATOM   1238 C CB  . LEU A 1 159 ? -1.068  1.698   -9.132  1.00 22.60 ? 158  LEU A CB  1 
ATOM   1239 C CG  . LEU A 1 159 ? -1.150  2.893   -10.066 1.00 27.90 ? 158  LEU A CG  1 
ATOM   1240 C CD1 . LEU A 1 159 ? 0.207   3.091   -10.739 1.00 33.26 ? 158  LEU A CD1 1 
ATOM   1241 C CD2 . LEU A 1 159 ? -2.165  2.658   -11.088 1.00 34.18 ? 158  LEU A CD2 1 
ATOM   1242 N N   . GLY A 1 160 ? -1.216  0.457   -6.248  1.00 23.05 ? 159  GLY A N   1 
ATOM   1243 C CA  . GLY A 1 160 ? -0.810  -0.571  -5.318  1.00 22.23 ? 159  GLY A CA  1 
ATOM   1244 C C   . GLY A 1 160 ? -0.131  0.070   -4.130  1.00 21.99 ? 159  GLY A C   1 
ATOM   1245 O O   . GLY A 1 160 ? -0.103  1.329   -4.005  1.00 22.05 ? 159  GLY A O   1 
ATOM   1246 N N   . ILE A 1 161 ? 0.370   -0.810  -3.276  1.00 22.72 ? 160  ILE A N   1 
ATOM   1247 C CA  . ILE A 1 161 ? 1.095   -0.509  -2.027  1.00 24.29 ? 160  ILE A CA  1 
ATOM   1248 C C   . ILE A 1 161 ? 2.551   -1.004  -2.116  1.00 23.21 ? 160  ILE A C   1 
ATOM   1249 O O   . ILE A 1 161 ? 2.812   -2.194  -2.463  1.00 22.54 ? 160  ILE A O   1 
ATOM   1250 C CB  . ILE A 1 161 ? 0.408   -1.271  -0.884  1.00 23.65 ? 160  ILE A CB  1 
ATOM   1251 C CG1 . ILE A 1 161 ? -1.086  -0.856  -0.775  1.00 27.33 ? 160  ILE A CG1 1 
ATOM   1252 C CG2 . ILE A 1 161 ? 1.127   -1.054  0.467   1.00 31.15 ? 160  ILE A CG2 1 
ATOM   1253 C CD1 . ILE A 1 161 ? -1.322  0.661   -0.521  1.00 25.29 ? 160  ILE A CD1 1 
ATOM   1254 N N   . HIS A 1 162 ? 3.509   -0.149  -1.725  1.00 23.49 ? 161  HIS A N   1 
ATOM   1255 C CA  . HIS A 1 162 ? 4.918   -0.494  -1.878  1.00 22.35 ? 161  HIS A CA  1 
ATOM   1256 C C   . HIS A 1 162 ? 5.262   -1.601  -0.867  1.00 23.52 ? 161  HIS A C   1 
ATOM   1257 O O   . HIS A 1 162 ? 4.956   -1.480  0.344   1.00 21.25 ? 161  HIS A O   1 
ATOM   1258 C CB  . HIS A 1 162 ? 5.810   0.742   -1.637  1.00 22.43 ? 161  HIS A CB  1 
ATOM   1259 C CG  . HIS A 1 162 ? 7.260   0.433   -1.701  1.00 22.21 ? 161  HIS A CG  1 
ATOM   1260 N ND1 . HIS A 1 162 ? 7.961   0.412   -2.894  1.00 22.81 ? 161  HIS A ND1 1 
ATOM   1261 C CD2 . HIS A 1 162 ? 8.144   0.087   -0.731  1.00 23.05 ? 161  HIS A CD2 1 
ATOM   1262 C CE1 . HIS A 1 162 ? 9.226   0.117   -2.643  1.00 23.69 ? 161  HIS A CE1 1 
ATOM   1263 N NE2 . HIS A 1 162 ? 9.363   -0.105  -1.347  1.00 22.61 ? 161  HIS A NE2 1 
ATOM   1264 N N   . VAL A 1 163 ? 5.857   -2.700  -1.335  1.00 24.34 ? 162  VAL A N   1 
ATOM   1265 C CA  . VAL A 1 163 ? 6.133   -3.813  -0.384  1.00 26.16 ? 162  VAL A CA  1 
ATOM   1266 C C   . VAL A 1 163 ? 7.571   -4.307  -0.359  1.00 26.65 ? 162  VAL A C   1 
ATOM   1267 O O   . VAL A 1 163 ? 7.951   -5.033  0.561   1.00 27.63 ? 162  VAL A O   1 
ATOM   1268 C CB  . VAL A 1 163 ? 5.206   -5.044  -0.571  1.00 25.77 ? 162  VAL A CB  1 
ATOM   1269 C CG1 . VAL A 1 163 ? 3.746   -4.695  -0.201  1.00 25.18 ? 162  VAL A CG1 1 
ATOM   1270 C CG2 . VAL A 1 163 ? 5.344   -5.604  -1.987  1.00 26.24 ? 162  VAL A CG2 1 
ATOM   1271 N N   . GLY A 1 164 ? 8.373   -3.886  -1.325  1.00 28.07 ? 163  GLY A N   1 
ATOM   1272 C CA  . GLY A 1 164 ? 9.727   -4.388  -1.340  1.00 27.65 ? 163  GLY A CA  1 
ATOM   1273 C C   . GLY A 1 164 ? 10.552  -3.700  -2.395  1.00 28.02 ? 163  GLY A C   1 
ATOM   1274 O O   . GLY A 1 164 ? 10.079  -2.841  -3.102  1.00 26.78 ? 163  GLY A O   1 
ATOM   1275 N N   . GLY A 1 165 ? 11.830  -4.055  -2.441  1.00 28.71 ? 164  GLY A N   1 
ATOM   1276 C CA  . GLY A 1 165 ? 12.788  -3.445  -3.328  1.00 28.46 ? 164  GLY A CA  1 
ATOM   1277 C C   . GLY A 1 165 ? 14.045  -4.302  -3.209  1.00 30.36 ? 164  GLY A C   1 
ATOM   1278 O O   . GLY A 1 165 ? 14.206  -5.118  -2.275  1.00 30.70 ? 164  GLY A O   1 
ATOM   1279 N N   . ASN A 1 166 ? 14.911  -4.142  -4.174  1.00 31.88 ? 165  ASN A N   1 
ATOM   1280 C CA  . ASN A 1 166 ? 16.155  -4.903  -4.215  1.00 35.35 ? 165  ASN A CA  1 
ATOM   1281 C C   . ASN A 1 166 ? 17.320  -3.916  -4.208  1.00 35.87 ? 165  ASN A C   1 
ATOM   1282 O O   . ASN A 1 166 ? 18.447  -4.242  -4.560  1.00 38.38 ? 165  ASN A O   1 
ATOM   1283 C CB  . ASN A 1 166 ? 16.174  -5.839  -5.444  1.00 35.32 ? 165  ASN A CB  1 
ATOM   1284 C CG  . ASN A 1 166 ? 15.863  -5.110  -6.774  1.00 34.12 ? 165  ASN A CG  1 
ATOM   1285 O OD1 . ASN A 1 166 ? 15.246  -5.683  -7.664  1.00 34.65 ? 165  ASN A OD1 1 
ATOM   1286 N ND2 . ASN A 1 166 ? 16.255  -3.866  -6.878  1.00 35.07 ? 165  ASN A ND2 1 
ATOM   1287 N N   . GLY A 1 167 ? 17.017  -2.686  -3.820  1.00 37.25 ? 166  GLY A N   1 
ATOM   1288 C CA  . GLY A 1 167 ? 18.017  -1.609  -3.759  1.00 36.85 ? 166  GLY A CA  1 
ATOM   1289 C C   . GLY A 1 167 ? 18.077  -0.803  -5.033  1.00 36.42 ? 166  GLY A C   1 
ATOM   1290 O O   . GLY A 1 167 ? 18.656  0.284   -5.051  1.00 37.56 ? 166  GLY A O   1 
ATOM   1291 N N   . HIS A 1 168 ? 17.473  -1.301  -6.117  1.00 35.15 ? 167  HIS A N   1 
ATOM   1292 C CA  . HIS A 1 168 ? 17.530  -0.562  -7.405  1.00 33.66 ? 167  HIS A CA  1 
ATOM   1293 C C   . HIS A 1 168 ? 16.135  -0.289  -8.009  1.00 32.59 ? 167  HIS A C   1 
ATOM   1294 O O   . HIS A 1 168 ? 15.919  0.730   -8.708  1.00 32.95 ? 167  HIS A O   1 
ATOM   1295 C CB  . HIS A 1 168 ? 18.353  -1.352  -8.409  1.00 33.64 ? 167  HIS A CB  1 
ATOM   1296 C CG  . HIS A 1 168 ? 19.743  -1.635  -7.923  1.00 33.44 ? 167  HIS A CG  1 
ATOM   1297 N ND1 . HIS A 1 168 ? 20.724  -0.667  -7.909  1.00 31.13 ? 167  HIS A ND1 1 
ATOM   1298 C CD2 . HIS A 1 168 ? 20.291  -2.742  -7.372  1.00 32.59 ? 167  HIS A CD2 1 
ATOM   1299 C CE1 . HIS A 1 168 ? 21.833  -1.182  -7.395  1.00 33.11 ? 167  HIS A CE1 1 
ATOM   1300 N NE2 . HIS A 1 168 ? 21.593  -2.435  -7.054  1.00 32.12 ? 167  HIS A NE2 1 
ATOM   1301 N N   . GLN A 1 169 ? 15.240  -1.244  -7.761  1.00 31.59 ? 168  GLN A N   1 
ATOM   1302 C CA  . GLN A 1 169 ? 13.852  -1.202  -8.237  1.00 29.78 ? 168  GLN A CA  1 
ATOM   1303 C C   . GLN A 1 169 ? 12.996  -1.385  -7.008  1.00 28.48 ? 168  GLN A C   1 
ATOM   1304 O O   . GLN A 1 169 ? 13.450  -1.963  -6.007  1.00 29.97 ? 168  GLN A O   1 
ATOM   1305 C CB  . GLN A 1 169 ? 13.574  -2.368  -9.185  1.00 29.86 ? 168  GLN A CB  1 
ATOM   1306 C CG  . GLN A 1 169 ? 14.555  -2.509  -10.358 1.00 31.35 ? 168  GLN A CG  1 
ATOM   1307 C CD  . GLN A 1 169 ? 14.392  -3.831  -11.076 1.00 32.38 ? 168  GLN A CD  1 
ATOM   1308 O OE1 . GLN A 1 169 ? 14.600  -4.902  -10.501 1.00 33.66 ? 168  GLN A OE1 1 
ATOM   1309 N NE2 . GLN A 1 169 ? 14.033  -3.767  -12.341 1.00 36.11 ? 168  GLN A NE2 1 
ATOM   1310 N N   . GLY A 1 170 ? 11.768  -0.889  -7.090  1.00 25.40 ? 169  GLY A N   1 
ATOM   1311 C CA  . GLY A 1 170 ? 10.789  -1.076  -6.032  1.00 26.07 ? 169  GLY A CA  1 
ATOM   1312 C C   . GLY A 1 170 ? 9.592   -1.723  -6.664  1.00 24.95 ? 169  GLY A C   1 
ATOM   1313 O O   . GLY A 1 170 ? 9.445   -1.717  -7.899  1.00 25.31 ? 169  GLY A O   1 
ATOM   1314 N N   . PHE A 1 171 ? 8.779   -2.335  -5.805  1.00 25.38 ? 170  PHE A N   1 
ATOM   1315 C CA  . PHE A 1 171 ? 7.683   -3.129  -6.236  1.00 26.92 ? 170  PHE A CA  1 
ATOM   1316 C C   . PHE A 1 171 ? 6.518   -2.897  -5.338  1.00 25.63 ? 170  PHE A C   1 
ATOM   1317 O O   . PHE A 1 171 ? 6.623   -2.933  -4.099  1.00 26.11 ? 170  PHE A O   1 
ATOM   1318 C CB  . PHE A 1 171 ? 8.036   -4.606  -6.130  1.00 27.58 ? 170  PHE A CB  1 
ATOM   1319 C CG  . PHE A 1 171 ? 9.276   -4.983  -6.932  1.00 31.22 ? 170  PHE A CG  1 
ATOM   1320 C CD1 . PHE A 1 171 ? 9.152   -5.333  -8.270  1.00 31.23 ? 170  PHE A CD1 1 
ATOM   1321 C CD2 . PHE A 1 171 ? 10.556  -4.989  -6.325  1.00 35.45 ? 170  PHE A CD2 1 
ATOM   1322 C CE1 . PHE A 1 171 ? 10.287  -5.680  -9.024  1.00 34.42 ? 170  PHE A CE1 1 
ATOM   1323 C CE2 . PHE A 1 171 ? 11.695  -5.364  -7.077  1.00 37.07 ? 170  PHE A CE2 1 
ATOM   1324 C CZ  . PHE A 1 171 ? 11.542  -5.686  -8.425  1.00 35.00 ? 170  PHE A CZ  1 
ATOM   1325 N N   . SER A 1 172 ? 5.393   -2.714  -5.981  1.00 24.21 ? 171  SER A N   1 
ATOM   1326 C CA  . SER A 1 172 ? 4.148   -2.592  -5.236  1.00 23.92 ? 171  SER A CA  1 
ATOM   1327 C C   . SER A 1 172 ? 3.326   -3.818  -5.482  1.00 23.98 ? 171  SER A C   1 
ATOM   1328 O O   . SER A 1 172 ? 3.344   -4.381  -6.603  1.00 25.74 ? 171  SER A O   1 
ATOM   1329 C CB  . SER A 1 172 ? 3.381   -1.385  -5.763  1.00 24.03 ? 171  SER A CB  1 
ATOM   1330 O OG  . SER A 1 172 ? 3.873   -0.176  -5.232  1.00 22.67 ? 171  SER A OG  1 
ATOM   1331 N N   . ALA A 1 173 ? 2.577   -4.228  -4.466  1.00 23.68 ? 172  ALA A N   1 
ATOM   1332 C CA  . ALA A 1 173 ? 1.502   -5.190  -4.652  1.00 23.86 ? 172  ALA A CA  1 
ATOM   1333 C C   . ALA A 1 173 ? 0.280   -4.443  -5.217  1.00 24.81 ? 172  ALA A C   1 
ATOM   1334 O O   . ALA A 1 173 ? -0.116  -3.381  -4.698  1.00 22.94 ? 172  ALA A O   1 
ATOM   1335 C CB  . ALA A 1 173 ? 1.177   -5.828  -3.380  1.00 23.29 ? 172  ALA A CB  1 
ATOM   1336 N N   . ALA A 1 174 ? -0.346  -5.030  -6.253  1.00 24.67 ? 173  ALA A N   1 
ATOM   1337 C CA  . ALA A 1 174 ? -1.397  -4.357  -7.008  1.00 23.82 ? 173  ALA A CA  1 
ATOM   1338 C C   . ALA A 1 174 ? -2.577  -4.352  -6.074  1.00 24.41 ? 173  ALA A C   1 
ATOM   1339 O O   . ALA A 1 174 ? -2.746  -5.294  -5.377  1.00 25.07 ? 173  ALA A O   1 
ATOM   1340 C CB  . ALA A 1 174 ? -1.697  -5.130  -8.264  1.00 25.12 ? 173  ALA A CB  1 
ATOM   1341 N N   . LEU A 1 175 ? -3.310  -3.244  -5.970  1.00 24.51 ? 174  LEU A N   1 
ATOM   1342 C CA  . LEU A 1 175 ? -4.405  -3.197  -4.999  1.00 24.71 ? 174  LEU A CA  1 
ATOM   1343 C C   . LEU A 1 175 ? -5.674  -3.268  -5.893  1.00 25.22 ? 174  LEU A C   1 
ATOM   1344 O O   . LEU A 1 175 ? -6.078  -2.279  -6.501  1.00 24.79 ? 174  LEU A O   1 
ATOM   1345 C CB  . LEU A 1 175 ? -4.309  -1.868  -4.256  1.00 26.12 ? 174  LEU A CB  1 
ATOM   1346 C CG  . LEU A 1 175 ? -5.120  -1.663  -2.997  1.00 25.76 ? 174  LEU A CG  1 
ATOM   1347 C CD1 . LEU A 1 175 ? -4.589  -2.698  -2.012  1.00 23.39 ? 174  LEU A CD1 1 
ATOM   1348 C CD2 . LEU A 1 175 ? -4.928  -0.168  -2.502  1.00 23.39 ? 174  LEU A CD2 1 
ATOM   1349 N N   . LEU A 1 176 ? -6.242  -4.473  -5.947  1.00 24.77 ? 175  LEU A N   1 
ATOM   1350 C CA  . LEU A 1 176 ? -7.295  -4.856  -6.884  1.00 25.49 ? 175  LEU A CA  1 
ATOM   1351 C C   . LEU A 1 176 ? -8.656  -4.786  -6.219  1.00 26.22 ? 175  LEU A C   1 
ATOM   1352 O O   . LEU A 1 176 ? -8.792  -5.057  -5.017  1.00 27.27 ? 175  LEU A O   1 
ATOM   1353 C CB  . LEU A 1 176 ? -6.973  -6.249  -7.363  1.00 24.63 ? 175  LEU A CB  1 
ATOM   1354 C CG  . LEU A 1 176 ? -5.701  -6.319  -8.246  1.00 23.42 ? 175  LEU A CG  1 
ATOM   1355 C CD1 . LEU A 1 176 ? -5.745  -7.668  -8.913  1.00 25.58 ? 175  LEU A CD1 1 
ATOM   1356 C CD2 . LEU A 1 176 ? -5.685  -5.230  -9.254  1.00 24.90 ? 175  LEU A CD2 1 
ATOM   1357 N N   . LYS A 1 177 ? -9.656  -4.366  -7.000  1.00 29.55 ? 176  LYS A N   1 
ATOM   1358 C CA  . LYS A 1 177 ? -10.984 -3.966  -6.494  1.00 31.49 ? 176  LYS A CA  1 
ATOM   1359 C C   . LYS A 1 177 ? -11.642 -5.172  -5.773  1.00 33.40 ? 176  LYS A C   1 
ATOM   1360 O O   . LYS A 1 177 ? -12.316 -5.007  -4.711  1.00 32.99 ? 176  LYS A O   1 
ATOM   1361 C CB  . LYS A 1 177 ? -11.808 -3.346  -7.681  1.00 31.59 ? 176  LYS A CB  1 
ATOM   1362 C CG  . LYS A 1 177 ? -13.205 -2.713  -7.414  1.00 33.51 ? 176  LYS A CG  1 
ATOM   1363 C CD  . LYS A 1 177 ? -13.704 -1.859  -8.656  1.00 31.64 ? 176  LYS A CD  1 
ATOM   1364 C CE  . LYS A 1 177 ? -13.444 -0.363  -8.364  1.00 31.50 ? 176  LYS A CE  1 
ATOM   1365 N NZ  . LYS A 1 177 ? -13.345 0.568   -9.536  1.00 31.70 ? 176  LYS A NZ  1 
ATOM   1366 N N   . HIS A 1 178 ? -11.430 -6.376  -6.328  1.00 34.66 ? 177  HIS A N   1 
ATOM   1367 C CA  . HIS A 1 178 ? -12.038 -7.648  -5.827  1.00 35.29 ? 177  HIS A CA  1 
ATOM   1368 C C   . HIS A 1 178 ? -11.521 -8.144  -4.486  1.00 35.65 ? 177  HIS A C   1 
ATOM   1369 O O   . HIS A 1 178 ? -12.088 -9.093  -3.898  1.00 34.50 ? 177  HIS A O   1 
ATOM   1370 C CB  . HIS A 1 178 ? -11.992 -8.781  -6.894  1.00 35.72 ? 177  HIS A CB  1 
ATOM   1371 C CG  . HIS A 1 178 ? -10.695 -9.529  -6.972  1.00 34.92 ? 177  HIS A CG  1 
ATOM   1372 N ND1 . HIS A 1 178 ? -9.751  -9.283  -7.952  1.00 35.53 ? 177  HIS A ND1 1 
ATOM   1373 C CD2 . HIS A 1 178 ? -10.198 -10.542 -6.223  1.00 37.71 ? 177  HIS A CD2 1 
ATOM   1374 C CE1 . HIS A 1 178 ? -8.725  -10.098 -7.792  1.00 35.59 ? 177  HIS A CE1 1 
ATOM   1375 N NE2 . HIS A 1 178 ? -8.965  -10.871 -6.744  1.00 38.10 ? 177  HIS A NE2 1 
ATOM   1376 N N   . TYR A 1 179 ? -10.442 -7.516  -3.996  1.00 35.03 ? 178  TYR A N   1 
ATOM   1377 C CA  . TYR A 1 179 ? -9.948  -7.825  -2.681  1.00 34.88 ? 178  TYR A CA  1 
ATOM   1378 C C   . TYR A 1 179 ? -10.884 -7.255  -1.637  1.00 35.87 ? 178  TYR A C   1 
ATOM   1379 O O   . TYR A 1 179 ? -10.838 -7.673  -0.496  1.00 35.56 ? 178  TYR A O   1 
ATOM   1380 C CB  . TYR A 1 179 ? -8.527  -7.265  -2.448  1.00 33.40 ? 178  TYR A CB  1 
ATOM   1381 C CG  . TYR A 1 179 ? -7.422  -7.805  -3.337  1.00 30.75 ? 178  TYR A CG  1 
ATOM   1382 C CD1 . TYR A 1 179 ? -7.484  -9.084  -3.913  1.00 31.33 ? 178  TYR A CD1 1 
ATOM   1383 C CD2 . TYR A 1 179 ? -6.297  -7.043  -3.577  1.00 26.89 ? 178  TYR A CD2 1 
ATOM   1384 C CE1 . TYR A 1 179 ? -6.438  -9.545  -4.733  1.00 28.80 ? 178  TYR A CE1 1 
ATOM   1385 C CE2 . TYR A 1 179 ? -5.251  -7.489  -4.371  1.00 26.08 ? 178  TYR A CE2 1 
ATOM   1386 C CZ  . TYR A 1 179 ? -5.328  -8.747  -4.950  1.00 29.42 ? 178  TYR A CZ  1 
ATOM   1387 O OH  . TYR A 1 179 ? -4.295  -9.164  -5.777  1.00 30.51 ? 178  TYR A OH  1 
ATOM   1388 N N   . PHE A 1 180 ? -11.699 -6.279  -2.027  1.00 37.28 ? 179  PHE A N   1 
ATOM   1389 C CA  . PHE A 1 180 ? -12.521 -5.534  -1.068  1.00 39.16 ? 179  PHE A CA  1 
ATOM   1390 C C   . PHE A 1 180 ? -14.029 -5.683  -1.291  1.00 41.21 ? 179  PHE A C   1 
ATOM   1391 O O   . PHE A 1 180 ? -14.800 -4.849  -0.820  1.00 41.42 ? 179  PHE A O   1 
ATOM   1392 C CB  . PHE A 1 180 ? -12.090 -4.055  -1.048  1.00 38.82 ? 179  PHE A CB  1 
ATOM   1393 C CG  . PHE A 1 180 ? -10.616 -3.859  -0.714  1.00 36.45 ? 179  PHE A CG  1 
ATOM   1394 C CD1 . PHE A 1 180 ? -10.190 -3.751  0.613   1.00 38.69 ? 179  PHE A CD1 1 
ATOM   1395 C CD2 . PHE A 1 180 ? -9.663  -3.761  -1.723  1.00 36.52 ? 179  PHE A CD2 1 
ATOM   1396 C CE1 . PHE A 1 180 ? -8.826  -3.567  0.928   1.00 36.69 ? 179  PHE A CE1 1 
ATOM   1397 C CE2 . PHE A 1 180 ? -8.310  -3.582  -1.413  1.00 37.15 ? 179  PHE A CE2 1 
ATOM   1398 C CZ  . PHE A 1 180 ? -7.894  -3.496  -0.086  1.00 38.63 ? 179  PHE A CZ  1 
ATOM   1399 N N   . ASN A 1 181 ? -14.392 -6.714  -2.067  1.00 43.12 ? 180  ASN A N   1 
ATOM   1400 C CA  . ASN A 1 181 ? -15.749 -7.314  -2.212  1.00 45.39 ? 180  ASN A CA  1 
ATOM   1401 C C   . ASN A 1 181 ? -16.356 -7.371  -3.623  1.00 45.57 ? 180  ASN A C   1 
ATOM   1402 O O   . ASN A 1 181 ? -16.552 -6.341  -4.280  1.00 46.78 ? 180  ASN A O   1 
ATOM   1403 C CB  . ASN A 1 181 ? -16.762 -6.792  -1.179  1.00 45.73 ? 180  ASN A CB  1 
ATOM   1404 C CG  . ASN A 1 181 ? -17.005 -7.792  -0.076  1.00 48.91 ? 180  ASN A CG  1 
ATOM   1405 O OD1 . ASN A 1 181 ? -16.152 -7.989  0.804   1.00 52.22 ? 180  ASN A OD1 1 
ATOM   1406 N ND2 . ASN A 1 181 ? -18.163 -8.464  -0.128  1.00 51.27 ? 180  ASN A ND2 1 
HETATM 1407 O O88 . G82 B 2 .   ? 8.959   0.121   5.704   1.00 55.00 ? 1181 G82 A O88 1 
HETATM 1408 C C84 . G82 B 2 .   ? 9.813   -0.738  6.009   1.00 55.40 ? 1181 G82 A C84 1 
HETATM 1409 O O86 . G82 B 2 .   ? 10.494  -0.570  7.281   1.00 57.55 ? 1181 G82 A O86 1 
HETATM 1410 C C3  . G82 B 2 .   ? 9.731   -0.447  8.488   1.00 55.74 ? 1181 G82 A C3  1 
HETATM 1411 C C5  . G82 B 2 .   ? 10.430  0.532   9.402   1.00 55.11 ? 1181 G82 A C5  1 
HETATM 1412 C C82 . G82 B 2 .   ? 10.187  -1.973  5.190   1.00 53.68 ? 1181 G82 A C82 1 
HETATM 1413 C C63 . G82 B 2 .   ? 9.772   -1.969  3.705   1.00 47.55 ? 1181 G82 A C63 1 
HETATM 1414 C C57 . G82 B 2 .   ? 10.874  -2.669  2.884   1.00 50.57 ? 1181 G82 A C57 1 
HETATM 1415 C C59 . G82 B 2 .   ? 11.220  -1.891  1.621   1.00 50.25 ? 1181 G82 A C59 1 
HETATM 1416 C C61 . G82 B 2 .   ? 12.284  -2.590  0.778   1.00 51.23 ? 1181 G82 A C61 1 
HETATM 1417 C C73 . G82 B 2 .   ? 13.564  -3.012  1.506   1.00 52.28 ? 1181 G82 A C73 1 
HETATM 1418 C C71 . G82 B 2 .   ? 14.760  -2.486  0.703   1.00 51.94 ? 1181 G82 A C71 1 
HETATM 1419 N N69 . G82 B 2 .   ? 14.073  -1.615  -0.238  1.00 51.36 ? 1181 G82 A N69 1 
HETATM 1420 C C65 . G82 B 2 .   ? 12.808  -1.624  -0.216  1.00 51.96 ? 1181 G82 A C65 1 
HETATM 1421 O O66 . G82 B 2 .   ? 12.002  -0.873  -0.951  1.00 50.28 ? 1181 G82 A O66 1 
HETATM 1422 N N49 . G82 B 2 .   ? 10.432  -4.006  2.432   1.00 50.69 ? 1181 G82 A N49 1 
HETATM 1423 C C39 . G82 B 2 .   ? 11.038  -5.116  2.905   1.00 54.13 ? 1181 G82 A C39 1 
HETATM 1424 O O47 . G82 B 2 .   ? 11.953  -5.058  3.720   1.00 52.82 ? 1181 G82 A O47 1 
HETATM 1425 C C37 . G82 B 2 .   ? 10.561  -6.474  2.428   1.00 55.02 ? 1181 G82 A C37 1 
HETATM 1426 C C41 . G82 B 2 .   ? 10.159  -7.256  3.691   1.00 57.51 ? 1181 G82 A C41 1 
HETATM 1427 C C51 . G82 B 2 .   ? 9.622   -8.672  3.548   1.00 59.54 ? 1181 G82 A C51 1 
HETATM 1428 C C55 . G82 B 2 .   ? 8.973   -9.128  2.393   1.00 60.05 ? 1181 G82 A C55 1 
HETATM 1429 C C11 . G82 B 2 .   ? 8.501   -10.441 2.335   1.00 61.64 ? 1181 G82 A C11 1 
HETATM 1430 C C9  . G82 B 2 .   ? 8.681   -11.302 3.420   1.00 61.74 ? 1181 G82 A C9  1 
HETATM 1431 C C7  . G82 B 2 .   ? 9.320   -10.854 4.575   1.00 60.85 ? 1181 G82 A C7  1 
HETATM 1432 C C53 . G82 B 2 .   ? 9.792   -9.542  4.636   1.00 60.06 ? 1181 G82 A C53 1 
HETATM 1433 N N33 . G82 B 2 .   ? 11.601  -7.263  1.764   1.00 56.03 ? 1181 G82 A N33 1 
HETATM 1434 C C31 . G82 B 2 .   ? 12.292  -6.914  0.657   1.00 58.65 ? 1181 G82 A C31 1 
HETATM 1435 O O35 . G82 B 2 .   ? 12.152  -5.853  0.048   1.00 54.54 ? 1181 G82 A O35 1 
HETATM 1436 C C23 . G82 B 2 .   ? 13.302  -7.943  0.181   1.00 61.64 ? 1181 G82 A C23 1 
HETATM 1437 C C25 . G82 B 2 .   ? 14.494  -7.900  1.135   1.00 64.03 ? 1181 G82 A C25 1 
HETATM 1438 C C15 . G82 B 2 .   ? 15.845  -8.348  0.569   1.00 66.63 ? 1181 G82 A C15 1 
HETATM 1439 C C14 . G82 B 2 .   ? 16.888  -7.417  1.160   1.00 68.46 ? 1181 G82 A C14 1 
HETATM 1440 O O2  . G82 B 2 .   ? 17.078  -7.371  2.619   1.00 68.10 ? 1181 G82 A O2  1 
HETATM 1441 C C29 . G82 B 2 .   ? 17.814  -8.302  3.430   1.00 68.01 ? 1181 G82 A C29 1 
HETATM 1442 C C45 . G82 B 2 .   ? 18.363  -7.487  4.600   1.00 67.56 ? 1181 G82 A C45 1 
HETATM 1443 C C43 . G82 B 2 .   ? 18.952  -8.936  2.617   1.00 66.98 ? 1181 G82 A C43 1 
HETATM 1444 C C12 . G82 B 2 .   ? 16.881  -9.373  4.005   1.00 67.25 ? 1181 G82 A C12 1 
HETATM 1445 O O1  . G82 B 2 .   ? 17.544  -6.671  0.432   1.00 69.25 ? 1181 G82 A O1  1 
HETATM 1446 N N21 . G82 B 2 .   ? 13.764  -7.771  -1.208  1.00 64.63 ? 1181 G82 A N21 1 
HETATM 1447 C C17 . G82 B 2 .   ? 13.820  -8.791  -2.094  1.00 68.37 ? 1181 G82 A C17 1 
HETATM 1448 O O19 . G82 B 2 .   ? 13.507  -9.940  -1.801  1.00 68.87 ? 1181 G82 A O19 1 
HETATM 1449 O O15 . G82 B 2 .   ? 14.276  -8.579  -3.471  1.00 71.00 ? 1181 G82 A O15 1 
HETATM 1450 C C13 . G82 B 2 .   ? 15.541  -9.096  -3.905  1.00 75.31 ? 1181 G82 A C13 1 
HETATM 1451 C C4  . G82 B 2 .   ? 15.379  -10.082 -5.052  1.00 77.88 ? 1181 G82 A C4  1 
HETATM 1452 C C2  . G82 B 2 .   ? 14.754  -9.697  -6.249  1.00 79.01 ? 1181 G82 A C2  1 
HETATM 1453 C C1  . G82 B 2 .   ? 14.621  -10.620 -7.300  1.00 79.11 ? 1181 G82 A C1  1 
HETATM 1454 C C10 . G82 B 2 .   ? 15.102  -11.928 -7.165  1.00 79.02 ? 1181 G82 A C10 1 
HETATM 1455 C C8  . G82 B 2 .   ? 15.726  -12.314 -5.973  1.00 79.42 ? 1181 G82 A C8  1 
HETATM 1456 C C6  . G82 B 2 .   ? 15.867  -11.393 -4.922  1.00 79.19 ? 1181 G82 A C6  1 
HETATM 1457 O O   . HOH C 3 .   ? 6.683   9.757   -11.977 1.00 36.09 ? 2001 HOH A O   1 
HETATM 1458 O O   . HOH C 3 .   ? -6.010  15.570  -9.741  1.00 37.48 ? 2002 HOH A O   1 
HETATM 1459 O O   . HOH C 3 .   ? -7.485  21.158  -7.454  1.00 49.63 ? 2003 HOH A O   1 
HETATM 1460 O O   . HOH C 3 .   ? -8.225  11.900  -3.610  1.00 47.78 ? 2004 HOH A O   1 
HETATM 1461 O O   . HOH C 3 .   ? -18.855 3.237   4.686   1.00 55.60 ? 2005 HOH A O   1 
HETATM 1462 O O   . HOH C 3 .   ? -11.489 8.980   5.493   1.00 45.60 ? 2006 HOH A O   1 
HETATM 1463 O O   . HOH C 3 .   ? -17.031 10.019  2.648   1.00 45.08 ? 2007 HOH A O   1 
HETATM 1464 O O   . HOH C 3 .   ? -5.290  5.272   7.295   1.00 36.18 ? 2008 HOH A O   1 
HETATM 1465 O O   . HOH C 3 .   ? -2.169  10.812  8.388   1.00 43.45 ? 2009 HOH A O   1 
HETATM 1466 O O   . HOH C 3 .   ? 1.825   5.420   14.733  1.00 33.31 ? 2010 HOH A O   1 
HETATM 1467 O O   . HOH C 3 .   ? 4.075   10.738  10.182  1.00 47.18 ? 2011 HOH A O   1 
HETATM 1468 O O   . HOH C 3 .   ? 2.619   -1.586  17.969  1.00 52.87 ? 2012 HOH A O   1 
HETATM 1469 O O   . HOH C 3 .   ? 1.333   -4.686  15.562  1.00 43.16 ? 2013 HOH A O   1 
HETATM 1470 O O   . HOH C 3 .   ? 5.946   3.888   4.454   1.00 30.34 ? 2014 HOH A O   1 
HETATM 1471 O O   . HOH C 3 .   ? -0.631  0.929   2.798   1.00 30.27 ? 2015 HOH A O   1 
HETATM 1472 O O   . HOH C 3 .   ? -10.753 15.919  -5.107  1.00 47.28 ? 2016 HOH A O   1 
HETATM 1473 O O   . HOH C 3 .   ? -16.506 3.870   3.825   1.00 47.17 ? 2017 HOH A O   1 
HETATM 1474 O O   . HOH C 3 .   ? -11.780 3.426   10.015  1.00 43.62 ? 2018 HOH A O   1 
HETATM 1475 O O   . HOH C 3 .   ? -17.470 -1.867  10.823  1.00 49.59 ? 2019 HOH A O   1 
HETATM 1476 O O   . HOH C 3 .   ? 17.929  1.620   4.355   1.00 45.56 ? 2020 HOH A O   1 
HETATM 1477 O O   . HOH C 3 .   ? 0.641   -9.651  7.987   1.00 37.38 ? 2021 HOH A O   1 
HETATM 1478 O O   . HOH C 3 .   ? -8.168  -7.005  19.256  1.00 46.51 ? 2022 HOH A O   1 
HETATM 1479 O O   . HOH C 3 .   ? -10.157 -13.235 8.832   1.00 57.48 ? 2023 HOH A O   1 
HETATM 1480 O O   . HOH C 3 .   ? 1.931   -13.188 10.081  1.00 48.14 ? 2024 HOH A O   1 
HETATM 1481 O O   . HOH C 3 .   ? -6.967  -14.100 0.420   1.00 41.56 ? 2025 HOH A O   1 
HETATM 1482 O O   . HOH C 3 .   ? 0.693   -21.898 -2.416  1.00 44.31 ? 2026 HOH A O   1 
HETATM 1483 O O   . HOH C 3 .   ? -1.315  -23.139 -0.512  1.00 55.90 ? 2027 HOH A O   1 
HETATM 1484 O O   . HOH C 3 .   ? 0.462   -8.462  -4.939  1.00 27.35 ? 2028 HOH A O   1 
HETATM 1485 O O   . HOH C 3 .   ? -7.996  7.110   15.278  1.00 34.53 ? 2029 HOH A O   1 
HETATM 1486 O O   . HOH C 3 .   ? -17.187 8.259   9.760   1.00 44.23 ? 2030 HOH A O   1 
HETATM 1487 O O   . HOH C 3 .   ? -11.050 12.568  -4.165  1.00 44.63 ? 2031 HOH A O   1 
HETATM 1488 O O   . HOH C 3 .   ? -17.301 7.387   1.705   1.00 39.81 ? 2032 HOH A O   1 
HETATM 1489 O O   . HOH C 3 .   ? -15.045 4.691   -4.173  1.00 40.58 ? 2033 HOH A O   1 
HETATM 1490 O O   . HOH C 3 .   ? -19.777 -3.171  -2.195  1.00 60.42 ? 2034 HOH A O   1 
HETATM 1491 O O   . HOH C 3 .   ? -19.946 -2.202  0.645   1.00 40.73 ? 2035 HOH A O   1 
HETATM 1492 O O   . HOH C 3 .   ? -5.620  -0.835  -8.600  1.00 27.29 ? 2036 HOH A O   1 
HETATM 1493 O O   . HOH C 3 .   ? -10.531 -7.302  -9.296  1.00 34.78 ? 2037 HOH A O   1 
HETATM 1494 O O   . HOH C 3 .   ? -3.358  -6.086  -16.482 1.00 33.11 ? 2038 HOH A O   1 
HETATM 1495 O O   . HOH C 3 .   ? -2.984  -1.758  -10.119 1.00 32.63 ? 2039 HOH A O   1 
HETATM 1496 O O   . HOH C 3 .   ? -1.020  -3.398  -19.515 1.00 56.89 ? 2040 HOH A O   1 
HETATM 1497 O O   . HOH C 3 .   ? 2.700   2.426   -20.141 1.00 49.95 ? 2041 HOH A O   1 
HETATM 1498 O O   . HOH C 3 .   ? 2.629   11.244  1.541   1.00 32.58 ? 2042 HOH A O   1 
HETATM 1499 O O   . HOH C 3 .   ? 5.279   9.933   14.449  1.00 54.45 ? 2043 HOH A O   1 
HETATM 1500 O O   . HOH C 3 .   ? 15.962  3.853   4.680   1.00 57.90 ? 2044 HOH A O   1 
HETATM 1501 O O   . HOH C 3 .   ? 10.337  3.367   -13.240 1.00 37.70 ? 2045 HOH A O   1 
HETATM 1502 O O   . HOH C 3 .   ? 10.320  5.764   -16.490 1.00 39.30 ? 2046 HOH A O   1 
HETATM 1503 O O   . HOH C 3 .   ? -1.964  -8.188  -18.213 1.00 55.98 ? 2047 HOH A O   1 
HETATM 1504 O O   . HOH C 3 .   ? 12.380  -13.296 -8.983  1.00 55.56 ? 2048 HOH A O   1 
HETATM 1505 O O   . HOH C 3 .   ? 4.318   -17.666 -2.477  1.00 38.69 ? 2049 HOH A O   1 
HETATM 1506 O O   . HOH C 3 .   ? -7.024  -13.385 -6.367  1.00 33.91 ? 2050 HOH A O   1 
HETATM 1507 O O   . HOH C 3 .   ? -4.091  7.848   -14.379 1.00 38.60 ? 2051 HOH A O   1 
HETATM 1508 O O   . HOH C 3 .   ? -2.110  -7.826  -5.628  1.00 28.84 ? 2052 HOH A O   1 
# 
